data_6EGT
#
_entry.id   6EGT
#
_cell.length_a   72.306
_cell.length_b   102.030
_cell.length_c   198.892
_cell.angle_alpha   90.00
_cell.angle_beta   90.00
_cell.angle_gamma   90.00
#
_symmetry.space_group_name_H-M   'P 2 21 21'
#
loop_
_entity.id
_entity.type
_entity.pdbx_description
1 polymer Glycoprotein
2 branched beta-L-fucopyranose-(1-6)-2-acetamido-2-deoxy-beta-D-glucopyranose
3 non-polymer 2-acetamido-2-deoxy-beta-D-glucopyranose
4 non-polymer '2-(N-MORPHOLINO)-ETHANESULFONIC ACID'
5 water water
#
_entity_poly.entity_id   1
_entity_poly.type   'polypeptide(L)'
_entity_poly.pdbx_seq_one_letter_code
;CSELIQASSRITTCSTEGVNTKCRLSGTALIRAGSVGAEACLMLKGVKEDQTKFLKIKTVSSELSCREGQSYWTGSFSPK
CLSSRRCHLVGECHVNRCLSWRDNETSAEFSFVGESTTMRENKCFEQCGGHGCGCFNVNPSCLFVHTYLQSVRKEALRVF
NCIDWVHKLTLEITDFDGSVSTIDLGASSSRFTNWGSVSLSLDAEGISGSNSFSFIESPGKGYAIVDEPFSEIPRQGFLG
EIRCNSESSVLSAHESCLRAPNLISYKPMIDQLECTTNLIDPFVVFERGSLPQTRNDKTFAASKGNRGVQAFSKGSVQAD
LTLMFDNFEVDFVGAAVSCDAAFLNLTGCYSCNAGARVCLSITSTGTGTLSAHNKDGSLHIVLPSENGTKDQCQILHFTV
PEVEEEFMYSCDGDERPLLVKGTLIAIDPFDDRREAGGESTVVNPKSGSWNFFDWFSGLMSWFGGPLKDPTGDYKDDDDA
GPGWSHPQFEKGGGSGGGSGGGSWSHPQFEKGGGSGGGSGGGSWSHPQFEK
;
_entity_poly.pdbx_strand_id   A,B,C
#
loop_
_chem_comp.id
_chem_comp.type
_chem_comp.name
_chem_comp.formula
FUL L-saccharide, beta linking beta-L-fucopyranose 'C6 H12 O5'
MES non-polymer '2-(N-MORPHOLINO)-ETHANESULFONIC ACID' 'C6 H13 N O4 S'
NAG D-saccharide, beta linking 2-acetamido-2-deoxy-beta-D-glucopyranose 'C8 H15 N O6'
#
# COMPACT_ATOMS: atom_id res chain seq x y z
N CYS A 1 -25.75 26.24 -10.36
CA CYS A 1 -26.49 25.21 -9.64
C CYS A 1 -26.17 23.81 -10.17
N SER A 2 -25.97 22.89 -9.23
CA SER A 2 -25.74 21.49 -9.56
C SER A 2 -26.92 20.65 -9.10
N GLU A 3 -27.19 19.54 -9.79
CA GLU A 3 -28.27 18.66 -9.37
C GLU A 3 -27.69 17.54 -8.53
N LEU A 4 -27.84 17.68 -7.21
CA LEU A 4 -27.09 16.87 -6.25
C LEU A 4 -28.01 16.08 -5.33
N ILE A 5 -29.28 16.42 -5.32
CA ILE A 5 -30.22 15.83 -4.37
C ILE A 5 -30.48 14.36 -4.71
N GLN A 6 -30.53 13.52 -3.68
CA GLN A 6 -30.71 12.07 -3.86
C GLN A 6 -32.03 11.59 -3.27
N ALA A 7 -32.46 12.24 -2.20
CA ALA A 7 -33.69 11.88 -1.52
C ALA A 7 -34.26 13.07 -0.76
N SER A 8 -35.55 13.02 -0.47
CA SER A 8 -36.24 14.09 0.23
C SER A 8 -37.34 13.52 1.11
N SER A 9 -37.43 13.96 2.36
CA SER A 9 -38.39 13.38 3.31
C SER A 9 -38.77 14.33 4.45
N ARG A 10 -39.77 13.91 5.22
CA ARG A 10 -40.13 14.56 6.48
C ARG A 10 -39.79 13.63 7.65
N ILE A 11 -39.15 14.17 8.69
CA ILE A 11 -38.97 13.42 9.92
C ILE A 11 -39.37 14.24 11.13
N THR A 12 -39.94 13.58 12.12
CA THR A 12 -40.23 14.24 13.39
C THR A 12 -39.24 13.74 14.43
N THR A 13 -38.64 14.66 15.16
CA THR A 13 -37.68 14.31 16.20
C THR A 13 -38.22 14.68 17.56
N CYS A 14 -38.16 13.75 18.51
CA CYS A 14 -38.71 14.01 19.84
C CYS A 14 -37.64 13.88 20.92
N SER A 15 -37.57 14.89 21.79
CA SER A 15 -36.75 14.80 22.98
C SER A 15 -37.49 14.04 24.05
N THR A 16 -36.79 13.14 24.72
CA THR A 16 -37.45 12.25 25.67
C THR A 16 -37.36 12.84 27.08
N GLU A 17 -36.42 13.76 27.31
CA GLU A 17 -36.26 14.23 28.69
C GLU A 17 -36.53 15.75 28.83
N GLY A 18 -36.48 16.20 30.08
CA GLY A 18 -37.51 17.04 30.64
C GLY A 18 -38.29 15.84 31.17
N VAL A 19 -39.49 15.98 31.70
CA VAL A 19 -40.32 14.78 31.72
C VAL A 19 -41.64 15.32 31.17
N ASN A 20 -41.47 15.99 30.03
CA ASN A 20 -42.49 16.04 29.00
C ASN A 20 -41.78 16.29 27.68
N THR A 21 -42.36 15.73 26.63
CA THR A 21 -41.76 15.69 25.32
C THR A 21 -41.98 16.95 24.49
N LYS A 22 -40.93 17.43 23.85
CA LYS A 22 -41.08 18.44 22.82
C LYS A 22 -40.77 17.77 21.50
N CYS A 23 -41.56 18.07 20.48
CA CYS A 23 -41.39 17.45 19.17
C CYS A 23 -41.12 18.53 18.13
N ARG A 24 -40.21 18.25 17.22
CA ARG A 24 -39.87 19.20 16.18
C ARG A 24 -40.01 18.52 14.83
N LEU A 25 -40.73 19.15 13.91
CA LEU A 25 -40.89 18.59 12.58
C LEU A 25 -39.85 19.20 11.64
N SER A 26 -39.18 18.36 10.88
CA SER A 26 -38.09 18.80 10.02
C SER A 26 -38.20 18.19 8.63
N GLY A 27 -37.92 19.01 7.62
CA GLY A 27 -37.72 18.52 6.27
C GLY A 27 -36.32 17.94 6.12
N THR A 28 -36.20 16.94 5.26
CA THR A 28 -34.95 16.21 5.08
C THR A 28 -34.54 16.11 3.62
N ALA A 29 -33.29 16.42 3.34
CA ALA A 29 -32.75 16.19 2.02
C ALA A 29 -31.41 15.46 2.10
N LEU A 30 -31.26 14.41 1.30
CA LEU A 30 -29.98 13.73 1.18
C LEU A 30 -29.34 14.16 -0.14
N ILE A 31 -28.19 14.81 -0.06
CA ILE A 31 -27.50 15.25 -1.26
C ILE A 31 -26.08 14.72 -1.33
N ARG A 32 -25.53 14.71 -2.54
CA ARG A 32 -24.16 14.33 -2.75
C ARG A 32 -23.29 15.58 -2.78
N ALA A 33 -22.05 15.44 -2.33
CA ALA A 33 -21.09 16.54 -2.42
C ALA A 33 -20.76 16.78 -3.89
N GLY A 34 -20.73 15.70 -4.66
CA GLY A 34 -20.55 15.78 -6.09
C GLY A 34 -19.11 16.00 -6.49
N SER A 35 -18.65 17.24 -6.29
CA SER A 35 -17.31 17.63 -6.67
C SER A 35 -16.99 19.01 -6.11
N VAL A 36 -15.71 19.37 -6.10
CA VAL A 36 -15.31 20.71 -5.70
C VAL A 36 -15.97 21.71 -6.63
N GLY A 37 -16.68 22.68 -6.06
CA GLY A 37 -17.33 23.70 -6.86
C GLY A 37 -18.80 23.41 -7.13
N ALA A 38 -19.26 22.22 -6.78
CA ALA A 38 -20.67 21.86 -6.96
C ALA A 38 -21.53 22.56 -5.93
N GLU A 39 -22.67 23.07 -6.37
CA GLU A 39 -23.53 23.87 -5.51
C GLU A 39 -24.98 23.45 -5.61
N ALA A 40 -25.57 23.09 -4.48
CA ALA A 40 -26.98 22.73 -4.43
C ALA A 40 -27.86 23.96 -4.15
N CYS A 41 -28.86 24.20 -5.00
CA CYS A 41 -29.77 25.32 -4.83
C CYS A 41 -31.16 24.83 -4.42
N LEU A 42 -31.53 25.05 -3.17
CA LEU A 42 -32.82 24.56 -2.68
C LEU A 42 -33.75 25.70 -2.32
N MET A 43 -34.97 25.65 -2.83
CA MET A 43 -35.99 26.55 -2.32
C MET A 43 -36.88 25.71 -1.40
N LEU A 44 -37.07 26.19 -0.18
CA LEU A 44 -37.81 25.43 0.82
C LEU A 44 -39.22 26.00 1.00
N LYS A 45 -40.17 25.14 1.34
CA LYS A 45 -41.53 25.59 1.64
C LYS A 45 -41.91 25.20 3.06
N GLY A 46 -42.70 26.05 3.70
CA GLY A 46 -43.11 25.81 5.08
C GLY A 46 -43.93 24.55 5.21
N VAL A 47 -43.70 23.82 6.30
CA VAL A 47 -44.37 22.56 6.55
C VAL A 47 -45.75 22.82 7.15
N LYS A 48 -45.84 23.89 7.94
CA LYS A 48 -47.10 24.28 8.58
C LYS A 48 -47.64 25.61 8.04
N GLU A 49 -46.83 26.67 8.12
CA GLU A 49 -47.16 27.96 7.53
C GLU A 49 -46.84 27.91 6.05
N ASP A 50 -47.39 28.81 5.26
CA ASP A 50 -46.97 28.89 3.86
C ASP A 50 -46.00 30.05 3.70
N GLN A 51 -44.74 29.68 3.48
CA GLN A 51 -43.62 30.60 3.47
C GLN A 51 -42.57 29.95 2.58
N THR A 52 -41.66 30.75 2.02
CA THR A 52 -40.60 30.19 1.23
C THR A 52 -39.26 30.68 1.74
N LYS A 53 -38.24 29.84 1.57
CA LYS A 53 -36.88 30.18 1.99
C LYS A 53 -35.89 29.63 0.98
N PHE A 54 -34.81 30.36 0.78
CA PHE A 54 -33.80 29.98 -0.19
C PHE A 54 -32.50 29.59 0.49
N LEU A 55 -31.87 28.53 -0.01
CA LEU A 55 -30.69 27.94 0.59
C LEU A 55 -29.69 27.53 -0.49
N LYS A 56 -28.41 27.72 -0.22
CA LYS A 56 -27.37 27.30 -1.15
C LYS A 56 -26.24 26.62 -0.39
N ILE A 57 -25.88 25.41 -0.83
CA ILE A 57 -24.79 24.64 -0.23
C ILE A 57 -23.73 24.33 -1.28
N LYS A 58 -22.50 24.77 -1.05
CA LYS A 58 -21.41 24.58 -2.00
C LYS A 58 -20.24 23.80 -1.41
N THR A 59 -19.76 22.79 -2.14
CA THR A 59 -18.54 22.08 -1.77
C THR A 59 -17.31 22.92 -2.12
N VAL A 60 -16.56 23.32 -1.11
CA VAL A 60 -15.38 24.16 -1.32
C VAL A 60 -14.08 23.35 -1.42
N SER A 61 -13.91 22.39 -0.53
CA SER A 61 -12.73 21.52 -0.57
C SER A 61 -12.94 20.20 0.18
N SER A 62 -12.14 19.21 -0.17
CA SER A 62 -12.12 17.94 0.54
C SER A 62 -10.67 17.56 0.83
N GLU A 63 -10.30 17.59 2.10
CA GLU A 63 -8.90 17.44 2.48
C GLU A 63 -8.68 16.23 3.36
N LEU A 64 -7.54 15.58 3.14
CA LEU A 64 -7.06 14.55 4.04
C LEU A 64 -5.77 15.05 4.67
N SER A 65 -5.80 15.29 5.97
CA SER A 65 -4.62 15.74 6.69
C SER A 65 -3.73 14.57 7.07
N CYS A 66 -2.46 14.67 6.75
CA CYS A 66 -1.49 13.67 7.16
C CYS A 66 -1.06 13.87 8.61
N ARG A 67 -1.34 12.89 9.46
CA ARG A 67 -0.75 12.86 10.78
C ARG A 67 0.44 11.90 10.73
N GLU A 68 1.64 12.43 10.97
CA GLU A 68 2.88 11.69 10.72
C GLU A 68 3.18 10.62 11.74
N GLY A 69 3.95 9.63 11.31
CA GLY A 69 4.47 8.61 12.21
C GLY A 69 5.96 8.74 12.38
N GLN A 70 6.66 7.63 12.19
CA GLN A 70 8.11 7.59 12.31
C GLN A 70 8.78 8.60 11.38
N SER A 71 9.84 9.23 11.86
CA SER A 71 10.57 10.22 11.08
C SER A 71 12.06 10.10 11.31
N TYR A 72 12.85 10.54 10.33
CA TYR A 72 14.30 10.59 10.46
C TYR A 72 14.91 11.63 9.53
N TRP A 73 16.12 12.07 9.86
CA TRP A 73 16.85 13.01 9.02
C TRP A 73 17.95 12.34 8.19
N THR A 74 18.17 12.84 6.98
CA THR A 74 19.24 12.31 6.13
C THR A 74 19.81 13.42 5.24
N GLY A 75 20.79 13.07 4.41
CA GLY A 75 21.40 14.05 3.54
C GLY A 75 22.42 13.43 2.60
N SER A 76 23.34 14.24 2.12
CA SER A 76 24.38 13.78 1.22
C SER A 76 25.73 13.68 1.93
N PHE A 77 26.34 12.50 1.88
CA PHE A 77 27.61 12.30 2.55
C PHE A 77 28.69 11.80 1.61
N SER A 78 29.93 12.19 1.92
CA SER A 78 31.09 11.77 1.15
C SER A 78 32.20 11.34 2.12
N PRO A 79 33.03 10.36 1.70
CA PRO A 79 34.10 9.92 2.59
C PRO A 79 35.44 10.59 2.32
N LYS A 80 36.20 10.78 3.39
CA LYS A 80 37.58 11.25 3.33
C LYS A 80 38.46 10.28 4.10
N CYS A 81 39.57 9.87 3.51
CA CYS A 81 40.45 8.91 4.16
C CYS A 81 41.92 9.29 4.18
N LEU A 82 42.60 8.81 5.22
CA LEU A 82 44.03 8.92 5.35
C LEU A 82 44.61 7.52 5.18
N SER A 83 45.79 7.41 4.58
CA SER A 83 46.41 6.10 4.46
C SER A 83 47.92 6.15 4.74
N SER A 84 48.44 5.04 5.25
CA SER A 84 49.86 4.91 5.49
C SER A 84 50.26 3.43 5.44
N ARG A 85 51.18 3.10 4.54
CA ARG A 85 51.64 1.71 4.45
C ARG A 85 52.94 1.47 5.22
N ARG A 86 52.92 0.46 6.07
CA ARG A 86 54.12 0.07 6.80
C ARG A 86 54.58 -1.32 6.39
N CYS A 87 55.89 -1.49 6.30
CA CYS A 87 56.46 -2.81 6.03
C CYS A 87 56.28 -3.70 7.24
N HIS A 88 56.28 -5.01 7.00
CA HIS A 88 56.12 -5.95 8.08
C HIS A 88 57.25 -5.76 9.09
N LEU A 89 56.89 -5.84 10.38
CA LEU A 89 57.78 -5.66 11.52
C LEU A 89 58.12 -4.19 11.77
N VAL A 90 57.45 -3.31 11.02
CA VAL A 90 57.55 -1.87 11.27
C VAL A 90 56.24 -1.35 11.83
N GLY A 91 56.30 -0.56 12.90
CA GLY A 91 55.12 -0.02 13.52
C GLY A 91 54.24 -1.09 14.14
N GLU A 92 52.95 -1.05 13.82
CA GLU A 92 52.00 -2.02 14.37
C GLU A 92 51.89 -3.26 13.49
N CYS A 93 52.53 -3.22 12.33
CA CYS A 93 52.48 -4.32 11.37
C CYS A 93 53.20 -5.57 11.91
N HIS A 94 52.59 -6.22 12.90
CA HIS A 94 53.15 -7.43 13.49
C HIS A 94 52.14 -8.58 13.41
N VAL A 95 52.65 -9.81 13.36
CA VAL A 95 51.86 -11.04 13.39
C VAL A 95 50.45 -10.96 12.78
N ASN A 96 49.44 -10.99 13.64
CA ASN A 96 48.04 -11.06 13.24
C ASN A 96 47.37 -9.71 13.03
N ARG A 97 48.08 -8.65 13.41
CA ARG A 97 47.49 -7.36 13.71
C ARG A 97 46.64 -6.76 12.58
N CYS A 98 47.13 -6.86 11.35
CA CYS A 98 46.44 -6.26 10.22
C CYS A 98 45.09 -6.93 9.95
N LEU A 99 45.09 -8.26 9.93
CA LEU A 99 43.88 -9.01 9.65
C LEU A 99 42.91 -8.98 10.82
N SER A 100 43.38 -8.48 11.96
CA SER A 100 42.57 -8.44 13.18
C SER A 100 42.07 -7.04 13.52
N TRP A 101 42.26 -6.09 12.62
CA TRP A 101 41.91 -4.71 12.90
C TRP A 101 40.41 -4.49 13.09
N ARG A 102 40.07 -3.76 14.15
CA ARG A 102 38.68 -3.44 14.45
C ARG A 102 38.31 -2.07 13.88
N ASP A 103 37.04 -1.91 13.55
CA ASP A 103 36.56 -0.67 12.96
C ASP A 103 36.78 0.57 13.83
N ASN A 104 36.64 0.42 15.14
CA ASN A 104 36.73 1.59 16.03
C ASN A 104 38.11 1.83 16.63
N GLU A 105 39.12 1.12 16.13
CA GLU A 105 40.49 1.36 16.59
C GLU A 105 41.27 2.24 15.62
N THR A 106 41.81 3.35 16.11
CA THR A 106 42.60 4.25 15.27
C THR A 106 44.09 3.90 15.34
N SER A 107 44.71 3.76 14.17
CA SER A 107 46.11 3.37 14.08
C SER A 107 47.04 4.47 14.58
N ALA A 108 48.21 4.07 15.09
CA ALA A 108 49.22 5.01 15.54
C ALA A 108 49.69 5.91 14.39
N GLU A 109 49.59 5.39 13.16
CA GLU A 109 49.92 6.14 11.95
C GLU A 109 49.19 7.48 11.85
N PHE A 110 48.06 7.60 12.55
CA PHE A 110 47.24 8.80 12.48
C PHE A 110 47.03 9.41 13.87
N SER A 111 48.09 9.48 14.66
CA SER A 111 48.01 10.04 15.99
C SER A 111 47.82 11.55 15.93
N PHE A 112 48.31 12.17 14.85
CA PHE A 112 48.21 13.61 14.67
C PHE A 112 46.76 14.07 14.50
N VAL A 113 45.87 13.14 14.17
CA VAL A 113 44.44 13.44 14.02
C VAL A 113 43.75 13.34 15.37
N GLY A 114 43.07 14.40 15.78
CA GLY A 114 42.45 14.42 17.09
C GLY A 114 41.23 13.51 17.12
N GLU A 115 40.54 13.49 18.26
CA GLU A 115 39.37 12.65 18.39
C GLU A 115 38.15 13.36 17.83
N SER A 116 37.32 12.60 17.14
CA SER A 116 36.20 13.11 16.38
C SER A 116 34.89 12.56 16.94
N THR A 117 33.79 13.25 16.66
CA THR A 117 32.48 12.74 16.98
C THR A 117 31.73 12.54 15.68
N THR A 118 32.51 12.30 14.62
CA THR A 118 31.99 12.11 13.28
C THR A 118 31.90 10.62 12.96
N MET A 119 30.98 10.23 12.09
CA MET A 119 30.96 8.86 11.60
C MET A 119 32.32 8.57 10.94
N ARG A 120 32.96 7.51 11.41
CA ARG A 120 34.29 7.18 10.94
C ARG A 120 34.59 5.71 11.14
N GLU A 121 35.57 5.20 10.40
CA GLU A 121 36.01 3.83 10.62
C GLU A 121 37.47 3.68 10.25
N ASN A 122 38.05 2.56 10.64
CA ASN A 122 39.46 2.29 10.42
C ASN A 122 39.66 0.91 9.82
N LYS A 123 40.56 0.80 8.86
CA LYS A 123 40.80 -0.47 8.22
C LYS A 123 42.29 -0.77 8.16
N CYS A 124 42.62 -2.04 7.97
CA CYS A 124 43.97 -2.42 7.63
C CYS A 124 43.90 -3.46 6.52
N PHE A 125 44.60 -3.19 5.43
CA PHE A 125 44.65 -4.11 4.31
C PHE A 125 46.05 -4.67 4.12
N GLU A 126 46.15 -5.99 4.00
CA GLU A 126 47.43 -6.59 3.70
C GLU A 126 47.83 -6.27 2.27
N GLN A 127 49.08 -5.86 2.07
CA GLN A 127 49.60 -5.64 0.73
C GLN A 127 50.90 -6.42 0.56
N CYS A 128 51.44 -6.43 -0.66
CA CYS A 128 52.66 -7.18 -0.97
C CYS A 128 53.89 -6.70 -0.19
N GLY A 129 54.77 -7.64 0.13
CA GLY A 129 56.03 -7.32 0.79
C GLY A 129 57.20 -7.58 -0.14
N GLY A 130 58.41 -7.57 0.40
CA GLY A 130 59.59 -7.90 -0.38
C GLY A 130 60.10 -6.70 -1.17
N HIS A 131 61.22 -6.90 -1.88
CA HIS A 131 61.86 -5.81 -2.60
C HIS A 131 60.97 -5.22 -3.70
N GLY A 132 60.12 -6.07 -4.29
CA GLY A 132 59.21 -5.64 -5.33
C GLY A 132 58.25 -4.56 -4.86
N CYS A 133 58.03 -4.48 -3.55
CA CYS A 133 57.09 -3.52 -2.99
C CYS A 133 57.70 -2.59 -1.93
N GLY A 134 59.01 -2.37 -2.02
CA GLY A 134 59.66 -1.39 -1.18
C GLY A 134 59.98 -1.81 0.24
N CYS A 135 60.11 -3.12 0.46
CA CYS A 135 60.38 -3.65 1.80
C CYS A 135 61.52 -4.65 1.81
N PHE A 136 62.30 -4.67 2.89
CA PHE A 136 63.32 -5.70 3.04
C PHE A 136 62.64 -6.99 3.48
N ASN A 137 61.68 -6.87 4.39
CA ASN A 137 60.91 -8.02 4.84
C ASN A 137 59.98 -8.50 3.73
N VAL A 138 59.93 -9.82 3.52
CA VAL A 138 59.20 -10.39 2.40
C VAL A 138 57.75 -10.71 2.74
N ASN A 139 57.42 -10.60 4.03
CA ASN A 139 56.08 -10.87 4.51
C ASN A 139 55.16 -9.71 4.14
N PRO A 140 53.82 -9.93 4.19
CA PRO A 140 52.91 -8.86 3.76
C PRO A 140 53.06 -7.55 4.53
N SER A 141 53.00 -6.43 3.80
CA SER A 141 52.97 -5.11 4.41
C SER A 141 51.54 -4.74 4.80
N CYS A 142 51.40 -3.70 5.62
CA CYS A 142 50.10 -3.28 6.12
C CYS A 142 49.75 -1.88 5.64
N LEU A 143 48.62 -1.79 4.94
CA LEU A 143 48.07 -0.50 4.56
C LEU A 143 47.01 -0.07 5.58
N PHE A 144 47.32 0.92 6.41
CA PHE A 144 46.39 1.40 7.42
C PHE A 144 45.52 2.54 6.90
N VAL A 145 44.24 2.49 7.21
CA VAL A 145 43.29 3.46 6.66
C VAL A 145 42.39 4.05 7.75
N HIS A 146 42.28 5.38 7.78
CA HIS A 146 41.31 6.06 8.63
C HIS A 146 40.33 6.88 7.78
N THR A 147 39.06 6.50 7.81
CA THR A 147 38.04 7.14 6.99
C THR A 147 37.01 7.84 7.85
N TYR A 148 36.55 9.01 7.41
CA TYR A 148 35.41 9.64 8.07
C TYR A 148 34.41 10.19 7.05
N LEU A 149 33.18 10.38 7.48
CA LEU A 149 32.14 10.89 6.58
C LEU A 149 31.96 12.38 6.78
N GLN A 150 31.55 13.08 5.73
CA GLN A 150 31.22 14.49 5.86
C GLN A 150 30.03 14.86 4.97
N SER A 151 29.21 15.77 5.45
CA SER A 151 28.07 16.25 4.68
C SER A 151 28.53 17.08 3.49
N VAL A 152 27.94 16.80 2.33
CA VAL A 152 28.32 17.46 1.09
C VAL A 152 27.69 18.85 1.01
N ARG A 153 26.46 18.97 1.48
CA ARG A 153 25.76 20.25 1.55
C ARG A 153 25.53 20.70 2.98
N LYS A 154 25.26 21.98 3.17
CA LYS A 154 24.89 22.48 4.49
C LYS A 154 23.37 22.53 4.59
N GLU A 155 22.74 21.43 4.20
CA GLU A 155 21.29 21.27 4.35
C GLU A 155 20.94 19.80 4.52
N ALA A 156 19.75 19.54 5.06
CA ALA A 156 19.32 18.16 5.30
C ALA A 156 17.89 17.96 4.84
N LEU A 157 17.44 16.71 4.88
CA LEU A 157 16.10 16.34 4.47
C LEU A 157 15.44 15.51 5.56
N ARG A 158 14.15 15.73 5.80
CA ARG A 158 13.44 14.92 6.79
C ARG A 158 12.44 14.00 6.10
N VAL A 159 12.58 12.70 6.34
CA VAL A 159 11.75 11.69 5.72
C VAL A 159 10.76 11.16 6.74
N PHE A 160 9.49 11.01 6.35
CA PHE A 160 8.47 10.50 7.27
C PHE A 160 7.37 9.74 6.55
N ASN A 161 6.61 8.94 7.29
CA ASN A 161 5.41 8.34 6.71
C ASN A 161 4.14 8.95 7.30
N CYS A 162 3.00 8.62 6.71
CA CYS A 162 1.73 9.11 7.21
C CYS A 162 0.90 7.94 7.71
N ILE A 163 0.59 7.95 9.01
CA ILE A 163 -0.14 6.87 9.62
C ILE A 163 -1.64 7.11 9.53
N ASP A 164 -2.05 8.38 9.71
CA ASP A 164 -3.45 8.76 9.68
C ASP A 164 -3.75 9.79 8.59
N TRP A 165 -4.87 9.61 7.91
CA TRP A 165 -5.37 10.62 6.98
C TRP A 165 -6.74 11.10 7.43
N VAL A 166 -6.78 12.26 8.07
CA VAL A 166 -8.00 12.76 8.69
C VAL A 166 -8.78 13.68 7.77
N HIS A 167 -10.01 13.29 7.47
CA HIS A 167 -10.82 14.01 6.49
C HIS A 167 -11.49 15.28 7.03
N LYS A 168 -11.40 16.33 6.23
CA LYS A 168 -12.14 17.56 6.49
C LYS A 168 -12.85 17.98 5.21
N LEU A 169 -14.17 17.98 5.24
CA LEU A 169 -14.97 18.48 4.13
C LEU A 169 -15.42 19.89 4.44
N THR A 170 -15.17 20.81 3.52
CA THR A 170 -15.51 22.21 3.72
C THR A 170 -16.67 22.64 2.82
N LEU A 171 -17.70 23.21 3.42
CA LEU A 171 -18.85 23.69 2.67
C LEU A 171 -19.07 25.20 2.86
N GLU A 172 -19.48 25.86 1.78
CA GLU A 172 -19.93 27.25 1.87
C GLU A 172 -21.46 27.30 1.84
N ILE A 173 -22.05 27.90 2.86
CA ILE A 173 -23.51 27.94 2.94
C ILE A 173 -24.09 29.35 2.93
N THR A 174 -25.05 29.60 2.05
CA THR A 174 -25.80 30.85 2.06
C THR A 174 -27.16 30.57 2.69
N ASP A 175 -27.37 31.10 3.89
CA ASP A 175 -28.60 30.84 4.65
C ASP A 175 -29.81 31.59 4.13
N PHE A 176 -30.91 31.49 4.87
CA PHE A 176 -32.20 32.09 4.47
C PHE A 176 -32.09 33.61 4.33
N ASP A 177 -31.23 34.22 5.14
CA ASP A 177 -31.10 35.69 5.17
C ASP A 177 -30.05 36.22 4.20
N GLY A 178 -29.44 35.32 3.43
CA GLY A 178 -28.44 35.72 2.45
C GLY A 178 -27.03 35.74 3.00
N SER A 179 -26.89 35.42 4.29
CA SER A 179 -25.61 35.41 4.97
C SER A 179 -24.74 34.21 4.56
N VAL A 180 -23.48 34.48 4.21
CA VAL A 180 -22.59 33.43 3.74
C VAL A 180 -21.66 32.98 4.87
N SER A 181 -21.55 31.67 5.05
CA SER A 181 -20.68 31.12 6.08
C SER A 181 -20.03 29.83 5.62
N THR A 182 -18.94 29.49 6.26
CA THR A 182 -18.21 28.27 5.92
C THR A 182 -18.24 27.32 7.10
N ILE A 183 -18.48 26.05 6.84
CA ILE A 183 -18.41 25.03 7.88
C ILE A 183 -17.51 23.86 7.49
N ASP A 184 -16.94 23.22 8.49
CA ASP A 184 -16.04 22.08 8.28
C ASP A 184 -16.63 20.84 8.91
N LEU A 185 -16.51 19.72 8.19
CA LEU A 185 -17.05 18.45 8.65
C LEU A 185 -16.01 17.33 8.62
N GLY A 186 -15.95 16.57 9.70
CA GLY A 186 -15.17 15.36 9.75
C GLY A 186 -16.08 14.17 9.53
N ALA A 187 -15.50 12.96 9.50
CA ALA A 187 -16.28 11.75 9.37
C ALA A 187 -17.37 11.66 10.44
N SER A 188 -18.60 11.38 10.01
CA SER A 188 -19.73 11.22 10.91
C SER A 188 -19.94 12.43 11.83
N SER A 189 -19.78 13.63 11.26
CA SER A 189 -19.90 14.85 12.06
C SER A 189 -21.14 15.62 11.70
N SER A 190 -21.62 16.41 12.67
CA SER A 190 -22.83 17.17 12.49
C SER A 190 -22.61 18.59 12.96
N ARG A 191 -23.25 19.52 12.28
CA ARG A 191 -23.19 20.93 12.63
C ARG A 191 -24.57 21.58 12.53
N PHE A 192 -24.92 22.32 13.58
CA PHE A 192 -26.22 22.98 13.63
C PHE A 192 -26.11 24.37 13.05
N THR A 193 -27.12 24.77 12.29
CA THR A 193 -27.15 26.09 11.67
C THR A 193 -28.36 26.91 12.07
N ASN A 194 -28.50 28.08 11.45
CA ASN A 194 -29.64 28.96 11.65
C ASN A 194 -30.96 28.26 11.35
N TRP A 195 -30.89 27.35 10.38
CA TRP A 195 -32.08 26.78 9.77
C TRP A 195 -32.26 25.29 10.04
N GLY A 196 -31.36 24.70 10.81
CA GLY A 196 -31.42 23.29 11.10
C GLY A 196 -30.04 22.70 11.26
N SER A 197 -29.70 21.75 10.41
CA SER A 197 -28.39 21.11 10.50
C SER A 197 -27.95 20.47 9.20
N VAL A 198 -26.64 20.23 9.11
CA VAL A 198 -26.05 19.47 8.03
C VAL A 198 -25.04 18.50 8.63
N SER A 199 -25.07 17.26 8.19
CA SER A 199 -24.19 16.25 8.74
C SER A 199 -23.51 15.47 7.64
N LEU A 200 -22.25 15.12 7.85
CA LEU A 200 -21.52 14.32 6.87
C LEU A 200 -21.85 12.87 7.19
N SER A 201 -22.88 12.38 6.53
CA SER A 201 -23.53 11.15 6.94
C SER A 201 -22.93 9.89 6.30
N LEU A 202 -22.24 10.05 5.17
CA LEU A 202 -21.51 8.93 4.60
C LEU A 202 -20.28 9.41 3.82
N ASP A 203 -19.11 8.93 4.24
CA ASP A 203 -17.84 9.41 3.73
C ASP A 203 -17.05 8.28 3.05
N ALA A 204 -16.75 8.44 1.77
CA ALA A 204 -16.00 7.42 1.03
C ALA A 204 -14.66 7.97 0.54
N GLU A 205 -14.19 9.03 1.18
CA GLU A 205 -12.91 9.62 0.84
C GLU A 205 -11.80 8.96 1.65
N GLY A 206 -10.65 8.78 1.02
CA GLY A 206 -9.53 8.13 1.67
C GLY A 206 -8.49 7.78 0.62
N ILE A 207 -7.30 7.41 1.08
CA ILE A 207 -6.22 7.05 0.17
C ILE A 207 -6.37 5.58 -0.27
N SER A 208 -6.56 5.38 -1.57
CA SER A 208 -6.68 4.05 -2.14
C SER A 208 -5.75 3.91 -3.33
N GLY A 209 -5.55 2.69 -3.81
CA GLY A 209 -4.61 2.44 -4.88
C GLY A 209 -3.70 1.27 -4.55
N SER A 210 -2.68 1.05 -5.38
CA SER A 210 -1.84 -0.14 -5.27
C SER A 210 -0.39 0.22 -4.93
N ASN A 211 -0.18 1.48 -4.55
CA ASN A 211 1.16 1.95 -4.22
C ASN A 211 1.28 2.47 -2.79
N SER A 212 2.40 2.16 -2.17
CA SER A 212 2.74 2.74 -0.87
C SER A 212 3.64 3.93 -1.11
N PHE A 213 3.57 4.93 -0.24
CA PHE A 213 4.46 6.08 -0.40
C PHE A 213 4.78 6.77 0.91
N SER A 214 5.70 7.72 0.84
CA SER A 214 6.16 8.45 2.01
C SER A 214 6.53 9.87 1.58
N PHE A 215 6.99 10.69 2.52
CA PHE A 215 7.25 12.08 2.20
C PHE A 215 8.58 12.59 2.74
N ILE A 216 9.09 13.64 2.09
CA ILE A 216 10.29 14.32 2.57
C ILE A 216 10.03 15.79 2.81
N GLU A 217 10.55 16.31 3.91
CA GLU A 217 10.55 17.76 4.14
C GLU A 217 11.93 18.35 3.92
N SER A 218 12.01 19.32 3.02
CA SER A 218 13.17 20.18 2.92
C SER A 218 12.85 21.50 3.62
N PRO A 219 13.46 21.72 4.79
CA PRO A 219 13.14 22.88 5.64
C PRO A 219 13.19 24.22 4.90
N GLY A 220 12.06 24.90 4.86
CA GLY A 220 11.95 26.20 4.23
C GLY A 220 11.83 26.17 2.72
N LYS A 221 11.84 24.97 2.14
CA LYS A 221 11.77 24.84 0.69
C LYS A 221 10.77 23.78 0.24
N GLY A 222 9.82 23.44 1.11
CA GLY A 222 8.70 22.60 0.73
C GLY A 222 8.84 21.10 0.93
N TYR A 223 7.96 20.36 0.27
CA TYR A 223 7.81 18.92 0.46
C TYR A 223 7.88 18.14 -0.85
N ALA A 224 8.12 16.84 -0.74
CA ALA A 224 8.12 15.95 -1.89
C ALA A 224 7.51 14.60 -1.51
N ILE A 225 6.94 13.93 -2.50
CA ILE A 225 6.44 12.57 -2.32
C ILE A 225 7.54 11.58 -2.73
N VAL A 226 7.55 10.42 -2.07
CA VAL A 226 8.43 9.32 -2.47
C VAL A 226 7.57 8.13 -2.88
N ASP A 227 7.66 7.73 -4.14
CA ASP A 227 6.79 6.66 -4.65
C ASP A 227 7.33 5.28 -4.28
N GLU A 228 7.48 5.07 -2.97
CA GLU A 228 8.02 3.83 -2.42
C GLU A 228 7.68 3.72 -0.93
N PRO A 229 7.59 2.48 -0.42
CA PRO A 229 7.36 2.26 1.00
C PRO A 229 8.41 2.95 1.88
N PHE A 230 7.97 3.51 3.00
CA PHE A 230 8.85 4.04 4.02
C PHE A 230 9.69 2.90 4.61
N SER A 231 11.02 3.04 4.58
CA SER A 231 11.88 2.01 5.14
C SER A 231 12.14 2.30 6.61
N GLU A 232 11.82 1.32 7.46
CA GLU A 232 11.75 1.54 8.89
C GLU A 232 13.14 1.46 9.55
N ILE A 233 14.09 0.87 8.83
CA ILE A 233 15.47 0.78 9.28
C ILE A 233 16.43 1.09 8.13
N PRO A 234 17.68 1.48 8.42
CA PRO A 234 18.61 1.79 7.33
C PRO A 234 18.93 0.56 6.46
N ARG A 235 18.87 0.74 5.14
CA ARG A 235 19.14 -0.34 4.20
C ARG A 235 19.89 0.18 2.97
N GLN A 236 20.92 -0.55 2.57
CA GLN A 236 21.74 -0.18 1.43
C GLN A 236 20.93 -0.11 0.14
N GLY A 237 21.06 1.01 -0.58
CA GLY A 237 20.40 1.19 -1.86
C GLY A 237 19.04 1.83 -1.69
N PHE A 238 18.70 2.19 -0.46
CA PHE A 238 17.42 2.82 -0.15
C PHE A 238 17.64 4.19 0.47
N LEU A 239 16.68 5.07 0.24
CA LEU A 239 16.64 6.34 0.95
C LEU A 239 16.72 6.08 2.44
N GLY A 240 17.64 6.77 3.11
CA GLY A 240 17.81 6.58 4.54
C GLY A 240 18.80 5.51 4.94
N GLU A 241 19.65 5.09 4.01
CA GLU A 241 20.70 4.11 4.34
C GLU A 241 21.68 4.72 5.35
N ILE A 242 21.77 6.04 5.36
CA ILE A 242 22.34 6.78 6.50
C ILE A 242 21.25 7.68 7.05
N ARG A 243 20.98 7.62 8.35
CA ARG A 243 19.93 8.45 8.93
C ARG A 243 20.27 8.93 10.33
N CYS A 244 19.68 10.07 10.72
CA CYS A 244 19.98 10.74 11.97
C CYS A 244 18.69 11.12 12.66
N ASN A 245 18.77 11.61 13.89
CA ASN A 245 17.58 12.05 14.59
C ASN A 245 17.40 13.57 14.61
N SER A 246 18.25 14.29 13.90
CA SER A 246 18.17 15.76 13.84
C SER A 246 18.86 16.33 12.61
N GLU A 247 18.52 17.56 12.28
CA GLU A 247 19.12 18.23 11.13
C GLU A 247 20.60 18.52 11.40
N SER A 248 20.90 18.91 12.64
CA SER A 248 22.26 19.27 13.00
C SER A 248 23.21 18.07 12.97
N SER A 249 22.67 16.87 13.15
CA SER A 249 23.48 15.66 13.09
C SER A 249 23.84 15.31 11.66
N VAL A 250 22.98 15.66 10.71
CA VAL A 250 23.28 15.42 9.31
C VAL A 250 24.41 16.34 8.86
N LEU A 251 24.31 17.61 9.24
CA LEU A 251 25.28 18.61 8.79
C LEU A 251 26.68 18.36 9.35
N SER A 252 26.75 17.88 10.59
CA SER A 252 28.04 17.57 11.21
C SER A 252 28.44 16.12 10.98
N ALA A 253 27.59 15.37 10.26
CA ALA A 253 27.77 13.93 10.05
C ALA A 253 28.11 13.21 11.34
N HIS A 254 27.31 13.49 12.38
CA HIS A 254 27.57 13.00 13.73
C HIS A 254 27.62 11.47 13.81
N GLU A 255 28.32 10.97 14.81
CA GLU A 255 28.52 9.53 14.96
C GLU A 255 27.27 8.84 15.49
N SER A 256 26.31 9.62 15.97
CA SER A 256 25.06 9.07 16.47
C SER A 256 24.19 8.56 15.32
N CYS A 257 24.49 9.02 14.10
CA CYS A 257 23.76 8.55 12.92
C CYS A 257 23.91 7.05 12.73
N LEU A 258 22.86 6.43 12.23
CA LEU A 258 22.92 5.00 11.89
C LEU A 258 23.21 4.84 10.41
N ARG A 259 23.98 3.81 10.07
CA ARG A 259 24.13 3.50 8.65
C ARG A 259 24.11 2.00 8.41
N ALA A 260 23.53 1.62 7.28
CA ALA A 260 23.51 0.23 6.86
C ALA A 260 24.94 -0.29 6.74
N PRO A 261 25.12 -1.62 6.80
CA PRO A 261 26.48 -2.15 6.74
C PRO A 261 27.17 -1.94 5.39
N ASN A 262 28.49 -1.77 5.42
CA ASN A 262 29.34 -1.80 4.22
C ASN A 262 29.09 -0.70 3.21
N LEU A 263 28.89 0.53 3.69
CA LEU A 263 28.56 1.63 2.78
C LEU A 263 29.80 2.24 2.12
N ILE A 264 30.96 2.04 2.74
CA ILE A 264 32.20 2.55 2.18
C ILE A 264 32.99 1.44 1.50
N SER A 265 33.34 1.65 0.24
CA SER A 265 34.17 0.70 -0.50
C SER A 265 35.64 1.14 -0.52
N TYR A 266 36.53 0.15 -0.52
CA TYR A 266 37.95 0.44 -0.45
C TYR A 266 38.69 -0.19 -1.61
N LYS A 267 39.58 0.58 -2.22
CA LYS A 267 40.40 0.09 -3.31
C LYS A 267 41.88 0.32 -2.98
N PRO A 268 42.53 -0.69 -2.37
CA PRO A 268 43.95 -0.60 -1.98
C PRO A 268 44.88 -0.77 -3.16
N MET A 269 45.82 0.16 -3.34
CA MET A 269 46.73 0.13 -4.47
C MET A 269 48.18 0.29 -3.98
N ILE A 270 48.61 -0.64 -3.12
CA ILE A 270 49.93 -0.62 -2.48
C ILE A 270 50.14 0.66 -1.66
N ASP A 271 50.59 1.74 -2.29
CA ASP A 271 50.78 2.99 -1.56
C ASP A 271 49.70 4.02 -1.86
N GLN A 272 48.81 3.68 -2.80
N GLN A 272 48.81 3.66 -2.78
CA GLN A 272 47.65 4.52 -3.04
CA GLN A 272 47.63 4.48 -3.09
C GLN A 272 46.38 3.82 -2.60
C GLN A 272 46.38 3.80 -2.57
N LEU A 273 45.35 4.60 -2.26
CA LEU A 273 44.07 4.03 -1.84
C LEU A 273 42.92 4.95 -2.19
N GLU A 274 41.83 4.34 -2.65
CA GLU A 274 40.59 5.04 -2.91
C GLU A 274 39.48 4.56 -1.98
N CYS A 275 38.80 5.50 -1.35
CA CYS A 275 37.62 5.19 -0.55
C CYS A 275 36.40 5.88 -1.15
N THR A 276 35.41 5.08 -1.53
CA THR A 276 34.24 5.62 -2.21
C THR A 276 32.92 5.13 -1.60
N THR A 277 31.86 5.87 -1.90
CA THR A 277 30.51 5.47 -1.55
C THR A 277 29.65 5.53 -2.80
N ASN A 278 28.58 4.75 -2.83
CA ASN A 278 27.65 4.77 -3.94
C ASN A 278 26.24 4.99 -3.40
N LEU A 279 26.07 6.09 -2.68
CA LEU A 279 24.84 6.36 -1.94
C LEU A 279 23.73 6.98 -2.78
N ILE A 280 22.49 6.61 -2.44
CA ILE A 280 21.28 7.31 -2.90
C ILE A 280 21.35 8.79 -2.59
N ASP A 281 21.27 9.63 -3.62
CA ASP A 281 21.24 11.07 -3.43
C ASP A 281 19.81 11.51 -3.13
N PRO A 282 19.55 11.87 -1.87
CA PRO A 282 18.17 12.16 -1.45
C PRO A 282 17.61 13.44 -2.06
N PHE A 283 18.47 14.35 -2.49
CA PHE A 283 18.02 15.62 -3.06
C PHE A 283 17.52 15.42 -4.49
N VAL A 284 18.07 14.41 -5.16
CA VAL A 284 17.60 14.02 -6.48
C VAL A 284 16.22 13.38 -6.35
N VAL A 285 16.03 12.62 -5.29
CA VAL A 285 14.75 11.99 -5.00
C VAL A 285 13.72 13.08 -4.67
N PHE A 286 14.14 14.06 -3.88
CA PHE A 286 13.27 15.18 -3.50
C PHE A 286 12.79 15.96 -4.73
N GLU A 287 13.71 16.26 -5.62
CA GLU A 287 13.42 17.05 -6.82
C GLU A 287 12.39 16.34 -7.71
N ARG A 288 12.51 15.03 -7.80
CA ARG A 288 11.64 14.24 -8.66
C ARG A 288 10.19 14.19 -8.15
N GLY A 289 10.02 14.27 -6.83
CA GLY A 289 8.70 14.12 -6.25
C GLY A 289 8.15 15.38 -5.61
N SER A 290 8.76 16.52 -5.94
CA SER A 290 8.41 17.80 -5.36
C SER A 290 6.93 18.14 -5.50
N LEU A 291 6.31 18.60 -4.41
CA LEU A 291 4.88 18.87 -4.42
C LEU A 291 4.59 20.20 -5.13
N PRO A 292 3.40 20.31 -5.74
CA PRO A 292 2.30 19.33 -5.70
C PRO A 292 2.48 18.14 -6.64
N GLN A 293 1.93 17.01 -6.22
CA GLN A 293 1.96 15.78 -7.00
C GLN A 293 0.58 15.13 -6.90
N THR A 294 0.13 14.55 -8.01
CA THR A 294 -1.17 13.88 -8.00
C THR A 294 -1.04 12.37 -8.22
N ARG A 295 -1.67 11.59 -7.35
CA ARG A 295 -1.71 10.14 -7.45
C ARG A 295 -3.13 9.66 -7.19
N ASN A 296 -3.69 8.93 -8.15
CA ASN A 296 -5.08 8.46 -8.07
C ASN A 296 -6.06 9.58 -7.75
N ASP A 297 -5.88 10.70 -8.46
CA ASP A 297 -6.73 11.90 -8.33
C ASP A 297 -6.70 12.60 -6.98
N LYS A 298 -5.83 12.15 -6.08
CA LYS A 298 -5.52 12.93 -4.89
C LYS A 298 -4.32 13.82 -5.21
N THR A 299 -4.45 15.11 -4.93
CA THR A 299 -3.35 16.05 -5.12
C THR A 299 -2.68 16.32 -3.79
N PHE A 300 -1.41 15.96 -3.70
CA PHE A 300 -0.65 16.14 -2.46
C PHE A 300 0.07 17.47 -2.49
N ALA A 301 -0.10 18.24 -1.42
CA ALA A 301 0.47 19.57 -1.35
C ALA A 301 0.71 19.98 0.08
N ALA A 302 1.55 21.00 0.26
CA ALA A 302 1.80 21.56 1.58
C ALA A 302 0.57 22.27 2.15
N SER A 303 0.34 22.07 3.43
CA SER A 303 -0.73 22.74 4.16
C SER A 303 -0.48 24.26 4.21
N LYS A 304 -1.53 25.04 4.40
CA LYS A 304 -1.38 26.48 4.59
C LYS A 304 -0.82 26.73 6.00
N GLY A 305 0.16 27.62 6.10
CA GLY A 305 0.93 27.78 7.32
C GLY A 305 2.09 26.81 7.26
N ASN A 306 2.02 25.91 6.28
CA ASN A 306 3.08 24.98 5.91
C ASN A 306 3.43 24.06 7.09
N ARG A 307 2.38 23.47 7.65
CA ARG A 307 2.47 22.52 8.76
C ARG A 307 2.00 21.15 8.28
N GLY A 308 2.89 20.37 7.70
CA GLY A 308 2.43 19.11 7.15
C GLY A 308 1.98 19.13 5.72
N VAL A 309 1.79 17.93 5.17
CA VAL A 309 1.28 17.79 3.81
C VAL A 309 -0.20 17.42 3.86
N GLN A 310 -0.90 17.69 2.76
CA GLN A 310 -2.33 17.43 2.69
C GLN A 310 -2.70 16.77 1.38
N ALA A 311 -3.76 15.97 1.39
CA ALA A 311 -4.28 15.38 0.17
C ALA A 311 -5.60 16.04 -0.22
N PHE A 312 -5.61 16.73 -1.35
CA PHE A 312 -6.80 17.43 -1.83
C PHE A 312 -7.53 16.64 -2.90
N SER A 313 -8.86 16.56 -2.77
CA SER A 313 -9.68 16.12 -3.89
C SER A 313 -10.07 17.36 -4.67
N LYS A 314 -9.56 17.50 -5.88
CA LYS A 314 -9.79 18.70 -6.67
C LYS A 314 -10.88 18.47 -7.71
N GLY A 315 -11.31 17.22 -7.86
CA GLY A 315 -12.41 16.87 -8.74
C GLY A 315 -13.55 16.24 -7.98
N SER A 316 -13.81 14.97 -8.28
CA SER A 316 -14.86 14.20 -7.61
C SER A 316 -14.67 14.18 -6.10
N VAL A 317 -15.78 14.21 -5.38
CA VAL A 317 -15.81 14.00 -3.95
C VAL A 317 -16.90 13.00 -3.66
N GLN A 318 -16.55 11.89 -2.99
CA GLN A 318 -17.53 10.85 -2.72
C GLN A 318 -18.03 10.94 -1.29
N ALA A 319 -19.11 11.70 -1.10
CA ALA A 319 -19.67 11.95 0.22
C ALA A 319 -21.14 12.30 0.12
N ASP A 320 -21.91 11.86 1.12
CA ASP A 320 -23.34 12.16 1.16
C ASP A 320 -23.62 13.08 2.35
N LEU A 321 -24.42 14.11 2.12
CA LEU A 321 -24.76 15.06 3.17
C LEU A 321 -26.24 14.99 3.49
N THR A 322 -26.56 14.83 4.78
CA THR A 322 -27.94 14.89 5.21
C THR A 322 -28.27 16.30 5.68
N LEU A 323 -29.23 16.93 5.00
CA LEU A 323 -29.65 18.27 5.38
C LEU A 323 -30.99 18.20 6.09
N MET A 324 -31.10 18.90 7.22
CA MET A 324 -32.36 19.00 7.95
C MET A 324 -32.80 20.44 8.10
N PHE A 325 -34.05 20.72 7.76
CA PHE A 325 -34.59 22.07 7.85
C PHE A 325 -35.71 22.14 8.88
N ASP A 326 -35.55 22.98 9.89
CA ASP A 326 -36.60 23.16 10.88
C ASP A 326 -37.87 23.75 10.25
N ASN A 327 -38.96 22.98 10.32
CA ASN A 327 -40.28 23.39 9.84
C ASN A 327 -40.36 23.77 8.36
N PHE A 328 -39.40 23.30 7.57
CA PHE A 328 -39.42 23.53 6.13
C PHE A 328 -39.04 22.26 5.39
N GLU A 329 -39.46 22.15 4.14
CA GLU A 329 -39.12 20.98 3.32
C GLU A 329 -38.80 21.42 1.90
N VAL A 330 -38.25 20.51 1.11
CA VAL A 330 -37.84 20.85 -0.26
C VAL A 330 -39.04 21.12 -1.15
N ASP A 331 -39.03 22.30 -1.77
CA ASP A 331 -40.04 22.64 -2.77
C ASP A 331 -39.51 22.29 -4.15
N PHE A 332 -38.39 22.91 -4.52
CA PHE A 332 -37.70 22.51 -5.74
C PHE A 332 -36.21 22.74 -5.62
N VAL A 333 -35.45 22.13 -6.51
CA VAL A 333 -34.03 22.38 -6.61
C VAL A 333 -33.72 23.06 -7.94
N GLY A 334 -32.66 23.87 -7.95
CA GLY A 334 -32.25 24.57 -9.15
C GLY A 334 -31.65 23.61 -10.16
N ALA A 335 -31.95 23.84 -11.43
CA ALA A 335 -31.46 23.00 -12.50
C ALA A 335 -30.01 23.29 -12.83
N ALA A 336 -29.33 22.31 -13.41
CA ALA A 336 -27.96 22.51 -13.87
C ALA A 336 -27.98 23.26 -15.19
N VAL A 337 -26.94 24.05 -15.43
CA VAL A 337 -26.82 24.77 -16.69
C VAL A 337 -25.66 24.21 -17.50
N SER A 338 -25.59 24.56 -18.79
CA SER A 338 -24.64 23.94 -19.70
C SER A 338 -23.25 24.57 -19.64
N CYS A 339 -22.26 23.78 -20.05
CA CYS A 339 -20.88 24.27 -20.21
C CYS A 339 -20.45 24.29 -21.66
N ASP A 340 -19.59 25.23 -22.00
CA ASP A 340 -18.75 25.12 -23.18
C ASP A 340 -17.31 24.93 -22.72
N ALA A 341 -16.62 23.98 -23.32
CA ALA A 341 -15.25 23.68 -22.90
C ALA A 341 -14.33 23.64 -24.11
N ALA A 342 -13.19 24.31 -23.98
CA ALA A 342 -12.20 24.30 -25.04
C ALA A 342 -10.87 23.80 -24.50
N PHE A 343 -10.19 22.99 -25.30
CA PHE A 343 -8.90 22.45 -24.93
C PHE A 343 -7.81 23.50 -25.11
N LEU A 344 -7.04 23.75 -24.04
CA LEU A 344 -5.93 24.69 -24.11
C LEU A 344 -4.60 23.99 -24.41
N ASN A 345 -4.06 23.27 -23.44
CA ASN A 345 -2.80 22.56 -23.67
C ASN A 345 -2.67 21.26 -22.87
N LEU A 346 -1.67 20.48 -23.25
CA LEU A 346 -1.33 19.24 -22.54
C LEU A 346 0.17 19.18 -22.33
N THR A 347 0.58 19.12 -21.07
CA THR A 347 1.97 19.26 -20.72
C THR A 347 2.39 18.21 -19.70
N GLY A 348 3.54 17.59 -19.92
CA GLY A 348 4.07 16.64 -18.94
C GLY A 348 4.75 15.44 -19.55
N CYS A 349 4.82 14.36 -18.77
CA CYS A 349 5.50 13.14 -19.20
C CYS A 349 4.52 11.99 -19.43
N TYR A 350 4.94 10.98 -20.19
CA TYR A 350 4.16 9.75 -20.29
C TYR A 350 4.92 8.62 -19.59
N SER A 351 4.19 7.59 -19.19
CA SER A 351 4.74 6.45 -18.44
C SER A 351 5.57 6.99 -17.27
N CYS A 352 4.95 7.91 -16.54
CA CYS A 352 5.59 8.63 -15.46
C CYS A 352 4.64 8.71 -14.27
N ASN A 353 5.18 8.80 -13.06
CA ASN A 353 4.35 8.90 -11.86
C ASN A 353 3.66 10.25 -11.73
N ALA A 354 4.33 11.30 -12.18
CA ALA A 354 3.77 12.65 -12.06
C ALA A 354 2.66 12.86 -13.07
N GLY A 355 2.76 12.16 -14.20
CA GLY A 355 1.74 12.25 -15.24
C GLY A 355 1.82 13.52 -16.06
N ALA A 356 0.68 13.90 -16.62
CA ALA A 356 0.59 15.08 -17.49
C ALA A 356 -0.57 15.97 -17.06
N ARG A 357 -0.43 17.27 -17.33
CA ARG A 357 -1.43 18.23 -16.90
C ARG A 357 -2.27 18.65 -18.09
N VAL A 358 -3.56 18.37 -18.01
CA VAL A 358 -4.49 18.82 -19.06
C VAL A 358 -5.16 20.11 -18.60
N CYS A 359 -5.13 21.11 -19.47
CA CYS A 359 -5.75 22.40 -19.16
C CYS A 359 -6.90 22.69 -20.10
N LEU A 360 -7.99 23.19 -19.52
CA LEU A 360 -9.24 23.39 -20.24
C LEU A 360 -9.77 24.79 -20.00
N SER A 361 -10.42 25.35 -21.01
CA SER A 361 -11.13 26.62 -20.84
C SER A 361 -12.62 26.35 -20.74
N ILE A 362 -13.20 26.68 -19.60
CA ILE A 362 -14.61 26.37 -19.34
C ILE A 362 -15.47 27.61 -19.18
N THR A 363 -16.52 27.71 -19.99
CA THR A 363 -17.47 28.81 -19.89
C THR A 363 -18.86 28.33 -19.52
N SER A 364 -19.42 28.92 -18.46
CA SER A 364 -20.78 28.63 -18.07
C SER A 364 -21.45 29.90 -17.54
N THR A 365 -22.67 29.76 -17.04
CA THR A 365 -23.42 30.91 -16.55
C THR A 365 -23.82 30.68 -15.10
N GLY A 366 -23.30 29.62 -14.51
CA GLY A 366 -23.59 29.26 -13.14
C GLY A 366 -22.60 28.21 -12.66
N THR A 367 -22.52 28.04 -11.34
CA THR A 367 -21.62 27.08 -10.75
C THR A 367 -22.13 25.65 -10.99
N GLY A 368 -21.21 24.74 -11.30
CA GLY A 368 -21.59 23.38 -11.62
C GLY A 368 -20.38 22.49 -11.73
N THR A 369 -20.49 21.43 -12.51
CA THR A 369 -19.47 20.40 -12.57
C THR A 369 -19.32 19.87 -13.98
N LEU A 370 -18.14 20.06 -14.57
CA LEU A 370 -17.86 19.47 -15.87
C LEU A 370 -17.42 18.01 -15.68
N SER A 371 -17.98 17.12 -16.49
CA SER A 371 -17.65 15.71 -16.44
C SER A 371 -17.27 15.23 -17.85
N ALA A 372 -16.13 14.57 -17.97
CA ALA A 372 -15.68 14.10 -19.28
C ALA A 372 -15.14 12.67 -19.22
N HIS A 373 -15.30 11.94 -20.31
CA HIS A 373 -14.80 10.58 -20.41
C HIS A 373 -14.38 10.27 -21.84
N ASN A 374 -13.38 9.41 -21.99
CA ASN A 374 -12.95 8.96 -23.31
C ASN A 374 -13.80 7.79 -23.76
N LYS A 375 -13.51 7.25 -24.94
CA LYS A 375 -14.36 6.23 -25.58
C LYS A 375 -14.66 5.03 -24.68
N ASP A 376 -13.64 4.53 -23.98
CA ASP A 376 -13.79 3.32 -23.19
C ASP A 376 -13.85 3.59 -21.68
N GLY A 377 -13.86 4.85 -21.30
CA GLY A 377 -14.05 5.21 -19.90
C GLY A 377 -12.87 4.90 -18.99
N SER A 378 -11.69 4.80 -19.57
CA SER A 378 -10.47 4.57 -18.79
C SER A 378 -9.87 5.89 -18.32
N LEU A 379 -10.32 7.00 -18.91
CA LEU A 379 -9.88 8.33 -18.50
C LEU A 379 -11.06 9.15 -18.05
N HIS A 380 -10.88 9.89 -16.96
CA HIS A 380 -11.97 10.62 -16.36
C HIS A 380 -11.53 12.02 -15.95
N ILE A 381 -12.29 13.01 -16.38
CA ILE A 381 -12.01 14.40 -16.02
C ILE A 381 -13.21 15.00 -15.29
N VAL A 382 -12.94 15.58 -14.11
CA VAL A 382 -13.95 16.28 -13.35
C VAL A 382 -13.40 17.64 -12.94
N LEU A 383 -13.98 18.70 -13.48
CA LEU A 383 -13.54 20.06 -13.17
C LEU A 383 -14.72 20.93 -12.78
N PRO A 384 -14.45 22.00 -12.00
CA PRO A 384 -15.54 22.90 -11.63
C PRO A 384 -15.86 23.92 -12.72
N SER A 385 -17.15 24.18 -12.95
CA SER A 385 -17.55 25.24 -13.85
C SER A 385 -18.08 26.41 -13.04
N GLU A 386 -17.93 27.62 -13.56
CA GLU A 386 -18.37 28.81 -12.85
C GLU A 386 -19.10 29.78 -13.76
N ASN A 387 -19.58 30.86 -13.16
CA ASN A 387 -20.13 31.98 -13.89
C ASN A 387 -19.03 32.73 -14.63
N GLY A 388 -18.94 32.52 -15.94
CA GLY A 388 -17.93 33.18 -16.76
C GLY A 388 -16.97 32.19 -17.40
N THR A 389 -15.76 32.67 -17.72
CA THR A 389 -14.76 31.85 -18.39
C THR A 389 -13.52 31.69 -17.51
N LYS A 390 -13.21 30.45 -17.16
CA LYS A 390 -12.05 30.18 -16.31
C LYS A 390 -11.23 29.00 -16.82
N ASP A 391 -9.95 29.01 -16.48
CA ASP A 391 -9.06 27.89 -16.81
C ASP A 391 -9.06 26.87 -15.69
N GLN A 392 -9.31 25.62 -16.04
CA GLN A 392 -9.27 24.53 -15.07
C GLN A 392 -8.30 23.46 -15.52
N CYS A 393 -7.56 22.88 -14.58
CA CYS A 393 -6.56 21.88 -14.92
C CYS A 393 -6.66 20.64 -14.04
N GLN A 394 -6.23 19.50 -14.55
CA GLN A 394 -6.02 18.33 -13.71
C GLN A 394 -5.01 17.37 -14.33
N ILE A 395 -4.55 16.43 -13.53
CA ILE A 395 -3.54 15.48 -13.95
C ILE A 395 -4.17 14.25 -14.58
N LEU A 396 -3.61 13.83 -15.72
CA LEU A 396 -3.95 12.55 -16.32
C LEU A 396 -2.67 11.75 -16.52
N HIS A 397 -2.82 10.45 -16.73
CA HIS A 397 -1.66 9.60 -16.94
C HIS A 397 -1.76 8.87 -18.27
N PHE A 398 -0.78 9.11 -19.16
CA PHE A 398 -0.72 8.43 -20.44
C PHE A 398 0.55 7.58 -20.53
N THR A 399 0.59 6.67 -21.51
CA THR A 399 1.75 5.80 -21.69
C THR A 399 2.31 5.88 -23.11
N VAL A 400 1.98 6.95 -23.82
CA VAL A 400 2.45 7.15 -25.19
C VAL A 400 2.85 8.61 -25.38
N PRO A 401 3.86 8.87 -26.22
CA PRO A 401 4.41 10.22 -26.42
C PRO A 401 3.50 11.15 -27.22
N GLU A 402 2.73 10.59 -28.15
CA GLU A 402 1.84 11.37 -29.01
C GLU A 402 0.40 11.12 -28.61
N VAL A 403 -0.13 12.02 -27.79
CA VAL A 403 -1.46 11.85 -27.23
C VAL A 403 -2.53 12.43 -28.14
N GLU A 404 -3.56 11.63 -28.41
CA GLU A 404 -4.76 12.12 -29.07
C GLU A 404 -5.97 11.39 -28.54
N GLU A 405 -6.61 11.98 -27.54
CA GLU A 405 -7.70 11.33 -26.83
C GLU A 405 -8.99 12.10 -27.03
N GLU A 406 -9.99 11.40 -27.55
CA GLU A 406 -11.31 11.98 -27.75
C GLU A 406 -12.19 11.83 -26.51
N PHE A 407 -12.66 12.97 -25.99
CA PHE A 407 -13.53 13.02 -24.82
C PHE A 407 -14.95 13.48 -25.16
N MET A 408 -15.91 13.09 -24.33
CA MET A 408 -17.25 13.68 -24.37
C MET A 408 -17.52 14.36 -23.03
N TYR A 409 -17.90 15.63 -23.06
CA TYR A 409 -18.08 16.39 -21.82
C TYR A 409 -19.47 17.00 -21.70
N SER A 410 -19.86 17.34 -20.47
CA SER A 410 -21.10 18.08 -20.21
C SER A 410 -21.19 18.56 -18.77
N CYS A 411 -22.07 19.52 -18.52
CA CYS A 411 -22.38 19.95 -17.16
C CYS A 411 -23.81 19.61 -16.81
N ASP A 412 -24.60 19.36 -17.85
CA ASP A 412 -26.04 19.18 -17.71
C ASP A 412 -26.50 17.88 -18.37
N GLY A 413 -25.54 17.07 -18.80
CA GLY A 413 -25.84 15.77 -19.36
C GLY A 413 -25.83 15.68 -20.87
N ASP A 414 -25.85 16.84 -21.52
CA ASP A 414 -25.77 16.90 -22.99
C ASP A 414 -24.32 16.86 -23.45
N GLU A 415 -23.86 15.67 -23.82
CA GLU A 415 -22.45 15.45 -24.10
C GLU A 415 -21.99 16.02 -25.45
N ARG A 416 -20.83 16.65 -25.44
CA ARG A 416 -20.22 17.19 -26.65
C ARG A 416 -18.76 16.77 -26.76
N PRO A 417 -18.19 16.79 -27.98
CA PRO A 417 -16.82 16.29 -28.16
C PRO A 417 -15.76 17.30 -27.73
N LEU A 418 -14.62 16.78 -27.29
CA LEU A 418 -13.46 17.59 -26.94
C LEU A 418 -12.21 16.75 -27.18
N LEU A 419 -11.27 17.29 -27.97
CA LEU A 419 -10.09 16.54 -28.33
C LEU A 419 -8.87 16.98 -27.53
N VAL A 420 -8.36 16.07 -26.71
CA VAL A 420 -7.14 16.35 -25.95
C VAL A 420 -5.94 15.88 -26.77
N LYS A 421 -5.00 16.78 -27.02
CA LYS A 421 -3.88 16.48 -27.91
C LYS A 421 -2.60 17.15 -27.43
N GLY A 422 -1.47 16.47 -27.63
CA GLY A 422 -0.21 17.04 -27.23
C GLY A 422 0.94 16.05 -27.33
N THR A 423 2.15 16.54 -27.06
CA THR A 423 3.33 15.70 -27.08
C THR A 423 3.93 15.61 -25.68
N LEU A 424 4.14 14.38 -25.21
CA LEU A 424 4.70 14.18 -23.88
C LEU A 424 6.13 13.63 -23.97
N ILE A 425 6.96 13.96 -23.00
CA ILE A 425 8.34 13.52 -23.01
C ILE A 425 8.52 12.24 -22.21
N ALA A 426 9.53 11.46 -22.57
CA ALA A 426 9.83 10.21 -21.88
C ALA A 426 10.75 10.48 -20.70
N ILE A 427 10.59 9.70 -19.64
CA ILE A 427 11.54 9.72 -18.55
C ILE A 427 12.23 8.36 -18.49
N ASP A 428 13.44 8.33 -19.01
CA ASP A 428 14.20 7.08 -19.13
C ASP A 428 14.55 6.54 -17.75
N PRO A 429 14.70 5.20 -17.63
CA PRO A 429 15.04 4.55 -16.36
C PRO A 429 16.21 5.24 -15.69
N PHE A 430 16.08 5.47 -14.40
CA PHE A 430 17.08 6.25 -13.69
C PHE A 430 17.64 5.49 -12.49
N ASP A 431 18.73 6.01 -11.94
CA ASP A 431 19.37 5.44 -10.77
C ASP A 431 19.81 6.62 -9.91
N ASP A 432 19.38 6.63 -8.65
CA ASP A 432 19.63 7.78 -7.79
C ASP A 432 20.97 7.68 -7.06
N ARG A 433 21.66 6.56 -7.24
CA ARG A 433 23.01 6.43 -6.67
C ARG A 433 23.97 7.41 -7.32
N ARG A 434 24.79 8.06 -6.49
CA ARG A 434 25.86 8.90 -6.98
C ARG A 434 27.19 8.51 -6.34
N GLU A 435 28.22 8.37 -7.16
CA GLU A 435 29.54 8.04 -6.64
C GLU A 435 30.20 9.25 -5.97
N ALA A 436 30.85 9.01 -4.85
CA ALA A 436 31.57 10.08 -4.14
C ALA A 436 32.87 9.55 -3.55
N GLY A 437 33.78 10.47 -3.23
CA GLY A 437 35.07 10.11 -2.67
C GLY A 437 36.12 9.98 -3.74
N GLY A 438 37.34 9.59 -3.35
CA GLY A 438 38.44 9.44 -4.28
C GLY A 438 39.68 8.96 -3.55
N GLU A 439 40.83 9.51 -3.90
CA GLU A 439 42.08 9.05 -3.31
C GLU A 439 42.28 9.59 -1.91
N SER A 440 42.96 8.81 -1.08
CA SER A 440 43.26 9.21 0.28
C SER A 440 44.33 10.26 0.25
N THR A 441 44.49 10.99 1.35
CA THR A 441 45.69 11.78 1.51
C THR A 441 46.70 10.87 2.20
N VAL A 442 47.89 10.77 1.61
CA VAL A 442 48.90 9.83 2.06
C VAL A 442 49.78 10.46 3.13
N VAL A 443 49.94 9.77 4.26
CA VAL A 443 50.77 10.30 5.33
C VAL A 443 52.21 9.88 5.07
N ASN A 444 53.14 10.80 5.30
CA ASN A 444 54.56 10.53 5.15
C ASN A 444 55.05 9.66 6.30
N PRO A 445 55.63 8.50 5.95
CA PRO A 445 56.25 7.59 6.95
C PRO A 445 57.46 8.23 7.65
N CYS B 1 -29.68 7.85 22.26
CA CYS B 1 -30.23 7.99 20.91
C CYS B 1 -29.33 8.87 20.04
N SER B 2 -29.23 8.52 18.76
CA SER B 2 -28.41 9.28 17.82
C SER B 2 -29.24 9.68 16.60
N GLU B 3 -28.93 10.81 16.00
CA GLU B 3 -29.64 11.27 14.81
C GLU B 3 -29.02 10.66 13.56
N LEU B 4 -29.50 9.47 13.19
CA LEU B 4 -28.85 8.66 12.17
C LEU B 4 -29.61 8.56 10.86
N ILE B 5 -30.85 9.05 10.83
CA ILE B 5 -31.70 8.81 9.67
C ILE B 5 -31.32 9.72 8.48
N GLN B 6 -31.37 9.16 7.29
CA GLN B 6 -31.01 9.90 6.08
C GLN B 6 -32.20 10.05 5.14
N ALA B 7 -33.10 9.08 5.18
CA ALA B 7 -34.27 9.08 4.31
C ALA B 7 -35.36 8.19 4.90
N SER B 8 -36.60 8.50 4.54
CA SER B 8 -37.76 7.76 5.03
C SER B 8 -38.79 7.68 3.92
N SER B 9 -39.26 6.47 3.60
CA SER B 9 -40.15 6.31 2.46
C SER B 9 -41.14 5.16 2.65
N ARG B 10 -42.13 5.10 1.76
CA ARG B 10 -43.02 3.95 1.64
C ARG B 10 -42.71 3.24 0.34
N ILE B 11 -42.59 1.91 0.39
CA ILE B 11 -42.31 1.14 -0.80
C ILE B 11 -43.09 -0.17 -0.81
N THR B 12 -43.77 -0.44 -1.91
CA THR B 12 -44.51 -1.69 -2.08
C THR B 12 -43.67 -2.70 -2.86
N THR B 13 -43.55 -3.91 -2.33
CA THR B 13 -42.86 -4.98 -3.03
C THR B 13 -43.87 -6.02 -3.49
N CYS B 14 -43.74 -6.48 -4.73
CA CYS B 14 -44.69 -7.42 -5.28
C CYS B 14 -44.03 -8.69 -5.76
N SER B 15 -44.35 -9.80 -5.11
CA SER B 15 -43.99 -11.13 -5.61
C SER B 15 -44.70 -11.31 -6.93
N THR B 16 -43.98 -11.00 -8.01
CA THR B 16 -44.60 -10.81 -9.33
C THR B 16 -45.50 -11.96 -9.77
N GLU B 17 -44.98 -13.17 -9.83
CA GLU B 17 -45.81 -14.28 -10.28
C GLU B 17 -45.72 -15.58 -9.50
N GLY B 18 -46.16 -16.64 -10.15
CA GLY B 18 -46.75 -17.78 -9.47
C GLY B 18 -48.22 -17.49 -9.72
N VAL B 19 -48.45 -16.91 -10.90
CA VAL B 19 -49.71 -16.31 -11.40
C VAL B 19 -50.48 -15.41 -10.41
N ASN B 20 -50.36 -15.67 -9.11
CA ASN B 20 -51.04 -14.81 -8.14
C ASN B 20 -50.07 -13.87 -7.40
N THR B 21 -50.13 -12.60 -7.78
CA THR B 21 -49.24 -11.56 -7.27
C THR B 21 -49.60 -11.12 -5.84
N LYS B 22 -48.62 -11.18 -4.94
CA LYS B 22 -48.82 -10.68 -3.57
C LYS B 22 -47.95 -9.46 -3.32
N CYS B 23 -48.54 -8.44 -2.69
CA CYS B 23 -47.82 -7.20 -2.41
C CYS B 23 -47.71 -6.94 -0.93
N ARG B 24 -46.58 -6.37 -0.53
CA ARG B 24 -46.37 -6.00 0.87
C ARG B 24 -45.92 -4.56 0.96
N LEU B 25 -46.67 -3.77 1.72
CA LEU B 25 -46.29 -2.38 1.93
C LEU B 25 -45.28 -2.30 3.07
N SER B 26 -44.09 -1.80 2.76
CA SER B 26 -43.06 -1.68 3.78
C SER B 26 -42.64 -0.23 3.96
N GLY B 27 -42.52 0.19 5.21
CA GLY B 27 -41.91 1.46 5.52
C GLY B 27 -40.41 1.29 5.36
N THR B 28 -39.75 2.33 4.86
CA THR B 28 -38.32 2.26 4.59
C THR B 28 -37.59 3.39 5.28
N ALA B 29 -36.48 3.04 5.94
CA ALA B 29 -35.63 4.04 6.56
C ALA B 29 -34.18 3.79 6.18
N LEU B 30 -33.59 4.75 5.49
CA LEU B 30 -32.16 4.70 5.21
C LEU B 30 -31.44 5.39 6.35
N ILE B 31 -30.64 4.63 7.10
CA ILE B 31 -29.92 5.20 8.24
C ILE B 31 -28.43 4.93 8.13
N ARG B 32 -27.64 5.79 8.75
CA ARG B 32 -26.20 5.64 8.78
C ARG B 32 -25.76 4.88 10.05
N ALA B 33 -24.73 4.06 9.93
CA ALA B 33 -24.18 3.35 11.08
C ALA B 33 -23.65 4.36 12.09
N GLY B 34 -23.08 5.44 11.57
CA GLY B 34 -22.58 6.53 12.39
C GLY B 34 -21.25 6.17 13.03
N SER B 35 -21.32 5.49 14.16
CA SER B 35 -20.13 5.14 14.91
C SER B 35 -20.46 4.03 15.90
N VAL B 36 -19.42 3.40 16.44
CA VAL B 36 -19.62 2.38 17.47
C VAL B 36 -20.32 2.99 18.68
N GLY B 37 -21.46 2.43 19.03
CA GLY B 37 -22.22 2.91 20.17
C GLY B 37 -23.40 3.77 19.78
N ALA B 38 -23.45 4.18 18.51
CA ALA B 38 -24.55 5.01 18.02
C ALA B 38 -25.83 4.18 17.95
N GLU B 39 -26.94 4.76 18.37
CA GLU B 39 -28.19 4.02 18.40
C GLU B 39 -29.36 4.80 17.83
N ALA B 40 -30.02 4.23 16.84
CA ALA B 40 -31.23 4.82 16.29
C ALA B 40 -32.45 4.38 17.10
N CYS B 41 -33.17 5.35 17.65
CA CYS B 41 -34.42 5.08 18.36
C CYS B 41 -35.58 5.43 17.44
N LEU B 42 -36.31 4.40 17.02
CA LEU B 42 -37.36 4.57 16.03
C LEU B 42 -38.72 4.20 16.57
N MET B 43 -39.56 5.21 16.78
CA MET B 43 -40.96 4.95 17.05
C MET B 43 -41.68 4.80 15.72
N LEU B 44 -42.23 3.62 15.47
CA LEU B 44 -42.95 3.36 14.22
C LEU B 44 -44.46 3.49 14.44
N LYS B 45 -45.18 3.79 13.37
CA LYS B 45 -46.63 3.81 13.43
C LYS B 45 -47.19 2.90 12.34
N GLY B 46 -48.26 2.19 12.67
CA GLY B 46 -48.93 1.35 11.69
C GLY B 46 -49.40 2.18 10.50
N VAL B 47 -49.05 1.72 9.30
CA VAL B 47 -49.45 2.38 8.07
C VAL B 47 -50.96 2.29 7.91
N LYS B 48 -51.50 1.16 8.35
CA LYS B 48 -52.87 0.80 8.02
C LYS B 48 -53.73 0.80 9.28
N GLU B 49 -53.29 0.05 10.29
CA GLU B 49 -53.98 0.03 11.59
C GLU B 49 -53.37 1.08 12.56
N ASP B 50 -54.14 1.52 13.55
CA ASP B 50 -53.61 2.51 14.49
C ASP B 50 -52.74 1.84 15.56
N GLN B 51 -51.49 1.54 15.19
CA GLN B 51 -50.57 0.79 16.06
C GLN B 51 -49.21 1.47 16.13
N THR B 52 -48.57 1.44 17.30
CA THR B 52 -47.22 1.98 17.43
C THR B 52 -46.22 0.93 17.95
N LYS B 53 -44.96 1.12 17.63
CA LYS B 53 -43.93 0.14 17.92
C LYS B 53 -42.57 0.81 18.05
N PHE B 54 -41.89 0.63 19.17
CA PHE B 54 -40.62 1.29 19.42
C PHE B 54 -39.43 0.34 19.18
N LEU B 55 -38.53 0.76 18.29
CA LEU B 55 -37.37 -0.03 17.92
C LEU B 55 -36.05 0.71 18.14
N LYS B 56 -35.03 -0.04 18.56
CA LYS B 56 -33.71 0.53 18.75
C LYS B 56 -32.68 -0.28 17.99
N ILE B 57 -31.83 0.39 17.21
CA ILE B 57 -30.80 -0.28 16.43
C ILE B 57 -29.42 0.32 16.74
N LYS B 58 -28.53 -0.51 17.26
CA LYS B 58 -27.25 -0.04 17.77
C LYS B 58 -26.06 -0.66 17.03
N THR B 59 -25.14 0.18 16.57
CA THR B 59 -23.90 -0.30 15.97
C THR B 59 -22.95 -0.75 17.07
N VAL B 60 -22.67 -2.05 17.12
CA VAL B 60 -21.88 -2.64 18.20
C VAL B 60 -20.40 -2.69 17.84
N SER B 61 -20.12 -3.15 16.63
CA SER B 61 -18.75 -3.21 16.16
C SER B 61 -18.69 -3.26 14.65
N SER B 62 -17.54 -2.89 14.11
CA SER B 62 -17.28 -2.98 12.68
C SER B 62 -15.91 -3.63 12.51
N GLU B 63 -15.89 -4.86 12.03
CA GLU B 63 -14.67 -5.65 11.98
C GLU B 63 -14.26 -6.02 10.55
N LEU B 64 -12.97 -5.98 10.28
CA LEU B 64 -12.43 -6.54 9.05
C LEU B 64 -11.56 -7.74 9.39
N SER B 65 -11.99 -8.93 8.98
CA SER B 65 -11.23 -10.15 9.22
C SER B 65 -10.16 -10.36 8.17
N CYS B 66 -8.93 -10.57 8.63
CA CYS B 66 -7.81 -10.82 7.76
C CYS B 66 -7.81 -12.25 7.26
N ARG B 67 -8.00 -12.43 5.96
CA ARG B 67 -7.81 -13.75 5.35
C ARG B 67 -6.39 -13.83 4.82
N GLU B 68 -5.55 -14.64 5.48
CA GLU B 68 -4.12 -14.65 5.22
C GLU B 68 -3.73 -15.15 3.84
N GLY B 69 -2.56 -14.73 3.39
CA GLY B 69 -1.98 -15.25 2.17
C GLY B 69 -0.70 -16.03 2.46
N GLN B 70 0.37 -15.67 1.76
CA GLN B 70 1.66 -16.33 1.92
C GLN B 70 2.15 -16.25 3.36
N SER B 71 2.86 -17.28 3.80
CA SER B 71 3.30 -17.36 5.18
C SER B 71 4.61 -18.14 5.28
N TYR B 72 5.49 -17.71 6.19
CA TYR B 72 6.71 -18.45 6.47
C TYR B 72 7.06 -18.37 7.95
N TRP B 73 7.95 -19.24 8.41
CA TRP B 73 8.47 -19.16 9.78
C TRP B 73 9.92 -18.65 9.78
N THR B 74 10.31 -17.99 10.87
CA THR B 74 11.68 -17.55 11.04
C THR B 74 12.01 -17.51 12.53
N GLY B 75 13.21 -17.03 12.85
CA GLY B 75 13.67 -16.97 14.22
C GLY B 75 15.05 -16.35 14.33
N SER B 76 15.63 -16.40 15.52
CA SER B 76 16.96 -15.85 15.74
C SER B 76 18.04 -16.89 15.50
N PHE B 77 18.96 -16.59 14.58
CA PHE B 77 20.00 -17.55 14.24
C PHE B 77 21.41 -17.03 14.52
N SER B 78 22.33 -17.97 14.71
CA SER B 78 23.71 -17.66 15.05
C SER B 78 24.65 -18.69 14.43
N PRO B 79 25.82 -18.23 13.95
CA PRO B 79 26.82 -19.13 13.33
C PRO B 79 27.78 -19.76 14.33
N LYS B 80 28.11 -21.03 14.08
CA LYS B 80 29.17 -21.73 14.79
C LYS B 80 30.09 -22.31 13.74
N CYS B 81 31.40 -22.17 13.93
CA CYS B 81 32.36 -22.62 12.92
C CYS B 81 33.60 -23.33 13.45
N LEU B 82 34.12 -24.22 12.60
CA LEU B 82 35.35 -24.94 12.89
C LEU B 82 36.43 -24.47 11.92
N SER B 83 37.65 -24.32 12.40
CA SER B 83 38.72 -23.87 11.52
C SER B 83 39.98 -24.71 11.67
N SER B 84 40.78 -24.74 10.61
CA SER B 84 42.02 -25.48 10.58
C SER B 84 42.91 -24.91 9.47
N ARG B 85 44.15 -24.56 9.82
CA ARG B 85 45.07 -24.07 8.82
C ARG B 85 46.12 -25.10 8.45
N ARG B 86 46.27 -25.34 7.15
CA ARG B 86 47.32 -26.19 6.63
C ARG B 86 48.31 -25.39 5.78
N CYS B 87 49.59 -25.64 5.98
CA CYS B 87 50.63 -25.03 5.15
C CYS B 87 50.52 -25.55 3.72
N HIS B 88 51.03 -24.80 2.76
CA HIS B 88 51.00 -25.24 1.38
C HIS B 88 51.77 -26.54 1.23
N LEU B 89 51.23 -27.42 0.38
CA LEU B 89 51.74 -28.78 0.13
C LEU B 89 51.40 -29.73 1.28
N VAL B 90 50.57 -29.29 2.23
CA VAL B 90 50.11 -30.15 3.30
C VAL B 90 48.60 -30.37 3.23
N GLY B 91 48.19 -31.63 3.26
CA GLY B 91 46.78 -31.95 3.18
C GLY B 91 46.17 -31.55 1.85
N GLU B 92 45.03 -30.88 1.90
CA GLU B 92 44.31 -30.50 0.69
C GLU B 92 44.87 -29.22 0.08
N CYS B 93 45.75 -28.54 0.81
CA CYS B 93 46.27 -27.25 0.35
C CYS B 93 47.26 -27.41 -0.79
N HIS B 94 46.75 -27.69 -2.00
CA HIS B 94 47.58 -27.83 -3.19
C HIS B 94 46.99 -27.07 -4.37
N VAL B 95 47.87 -26.65 -5.28
CA VAL B 95 47.51 -25.87 -6.48
C VAL B 95 46.26 -24.99 -6.36
N ASN B 96 45.24 -25.30 -7.15
CA ASN B 96 44.00 -24.54 -7.19
C ASN B 96 43.06 -24.72 -6.00
N ARG B 97 43.32 -25.75 -5.19
CA ARG B 97 42.31 -26.29 -4.28
C ARG B 97 41.56 -25.26 -3.43
N CYS B 98 42.30 -24.38 -2.77
CA CYS B 98 41.69 -23.43 -1.84
C CYS B 98 40.76 -22.43 -2.55
N LEU B 99 41.27 -21.84 -3.64
CA LEU B 99 40.50 -20.88 -4.43
C LEU B 99 39.30 -21.54 -5.11
N SER B 100 39.34 -22.86 -5.21
CA SER B 100 38.31 -23.61 -5.92
C SER B 100 37.27 -24.24 -5.02
N TRP B 101 37.31 -23.92 -3.73
CA TRP B 101 36.44 -24.60 -2.78
C TRP B 101 34.97 -24.28 -3.01
N ARG B 102 34.14 -25.32 -2.94
CA ARG B 102 32.70 -25.17 -3.09
C ARG B 102 32.00 -25.18 -1.74
N ASP B 103 30.86 -24.49 -1.66
CA ASP B 103 30.10 -24.43 -0.41
C ASP B 103 29.68 -25.80 0.12
N ASN B 104 29.36 -26.75 -0.76
CA ASN B 104 28.79 -28.03 -0.31
C ASN B 104 29.78 -29.17 -0.14
N GLU B 105 31.07 -28.87 0.01
CA GLU B 105 32.05 -29.93 0.26
C GLU B 105 32.81 -29.72 1.55
N THR B 106 32.66 -30.68 2.46
CA THR B 106 33.28 -30.62 3.79
C THR B 106 34.74 -31.03 3.71
N SER B 107 35.61 -30.24 4.33
CA SER B 107 37.05 -30.51 4.31
C SER B 107 37.41 -31.75 5.12
N ALA B 108 38.47 -32.41 4.70
CA ALA B 108 38.97 -33.61 5.37
C ALA B 108 39.44 -33.29 6.79
N GLU B 109 39.82 -32.03 7.02
CA GLU B 109 40.16 -31.54 8.36
C GLU B 109 39.06 -31.78 9.38
N PHE B 110 37.83 -31.92 8.89
CA PHE B 110 36.66 -32.09 9.76
C PHE B 110 35.95 -33.42 9.52
N SER B 111 36.73 -34.49 9.43
CA SER B 111 36.18 -35.82 9.14
C SER B 111 35.25 -36.34 10.23
N PHE B 112 35.25 -35.69 11.39
CA PHE B 112 34.40 -36.09 12.49
C PHE B 112 33.00 -35.52 12.33
N VAL B 113 32.88 -34.46 11.53
CA VAL B 113 31.57 -33.94 11.17
C VAL B 113 30.85 -34.99 10.34
N GLY B 114 29.85 -35.63 10.93
CA GLY B 114 29.14 -36.71 10.28
C GLY B 114 28.13 -36.21 9.27
N GLU B 115 26.95 -36.84 9.27
CA GLU B 115 25.87 -36.42 8.40
C GLU B 115 25.06 -35.30 9.04
N SER B 116 24.89 -34.20 8.30
CA SER B 116 24.18 -33.05 8.83
C SER B 116 22.88 -32.80 8.07
N THR B 117 21.87 -32.34 8.79
CA THR B 117 20.63 -31.88 8.16
C THR B 117 20.39 -30.43 8.59
N THR B 118 21.47 -29.72 8.85
CA THR B 118 21.43 -28.35 9.36
C THR B 118 21.98 -27.38 8.31
N MET B 119 21.44 -26.15 8.27
CA MET B 119 21.98 -25.10 7.41
C MET B 119 23.48 -24.93 7.67
N ARG B 120 24.26 -25.02 6.61
CA ARG B 120 25.71 -25.06 6.76
C ARG B 120 26.44 -24.67 5.48
N GLU B 121 27.71 -24.32 5.62
CA GLU B 121 28.55 -24.03 4.45
C GLU B 121 30.03 -24.24 4.78
N ASN B 122 30.83 -24.36 3.73
CA ASN B 122 32.26 -24.56 3.91
C ASN B 122 33.04 -23.51 3.12
N LYS B 123 34.20 -23.11 3.66
CA LYS B 123 35.03 -22.10 3.01
C LYS B 123 36.51 -22.46 3.11
N CYS B 124 37.30 -21.84 2.25
CA CYS B 124 38.75 -21.92 2.34
C CYS B 124 39.33 -20.56 1.96
N PHE B 125 40.07 -19.97 2.89
CA PHE B 125 40.73 -18.69 2.65
C PHE B 125 42.22 -18.87 2.57
N GLU B 126 42.84 -18.24 1.57
CA GLU B 126 44.28 -18.24 1.47
C GLU B 126 44.87 -17.33 2.54
N GLN B 127 45.79 -17.87 3.33
CA GLN B 127 46.53 -17.07 4.30
C GLN B 127 48.01 -17.06 3.92
N CYS B 128 48.82 -16.37 4.72
CA CYS B 128 50.23 -16.21 4.41
C CYS B 128 51.02 -17.50 4.64
N GLY B 129 52.08 -17.69 3.87
CA GLY B 129 52.95 -18.84 4.02
C GLY B 129 54.33 -18.42 4.51
N GLY B 130 55.31 -19.28 4.30
CA GLY B 130 56.68 -18.95 4.68
C GLY B 130 56.93 -18.99 6.17
N HIS B 131 58.19 -18.77 6.54
CA HIS B 131 58.64 -18.83 7.93
C HIS B 131 57.88 -17.88 8.85
N GLY B 132 57.52 -16.71 8.33
CA GLY B 132 56.81 -15.72 9.10
C GLY B 132 55.44 -16.15 9.60
N CYS B 133 54.90 -17.22 9.02
CA CYS B 133 53.57 -17.70 9.41
C CYS B 133 53.57 -19.16 9.83
N GLY B 134 54.74 -19.67 10.21
CA GLY B 134 54.86 -21.02 10.73
C GLY B 134 54.90 -22.13 9.69
N CYS B 135 55.31 -21.79 8.47
CA CYS B 135 55.38 -22.76 7.38
C CYS B 135 56.75 -22.78 6.71
N PHE B 136 57.10 -23.89 6.09
CA PHE B 136 58.35 -23.96 5.35
C PHE B 136 58.11 -23.50 3.92
N ASN B 137 57.02 -23.97 3.33
CA ASN B 137 56.64 -23.52 2.00
C ASN B 137 56.23 -22.05 2.04
N VAL B 138 56.69 -21.28 1.05
CA VAL B 138 56.44 -19.84 1.03
C VAL B 138 55.19 -19.46 0.25
N ASN B 139 54.55 -20.45 -0.36
CA ASN B 139 53.29 -20.22 -1.08
C ASN B 139 52.15 -20.01 -0.08
N PRO B 140 50.97 -19.55 -0.56
CA PRO B 140 49.88 -19.32 0.39
C PRO B 140 49.47 -20.56 1.16
N SER B 141 49.15 -20.40 2.45
CA SER B 141 48.61 -21.48 3.25
C SER B 141 47.08 -21.43 3.17
N CYS B 142 46.42 -22.49 3.66
CA CYS B 142 44.97 -22.62 3.50
C CYS B 142 44.24 -22.69 4.83
N LEU B 143 43.32 -21.77 5.06
CA LEU B 143 42.48 -21.82 6.25
C LEU B 143 41.13 -22.46 5.89
N PHE B 144 40.92 -23.69 6.34
CA PHE B 144 39.68 -24.41 6.06
C PHE B 144 38.62 -24.08 7.10
N VAL B 145 37.41 -23.82 6.64
CA VAL B 145 36.30 -23.48 7.53
C VAL B 145 35.07 -24.35 7.29
N HIS B 146 34.42 -24.76 8.37
CA HIS B 146 33.11 -25.40 8.32
C HIS B 146 32.16 -24.68 9.26
N THR B 147 31.02 -24.25 8.73
CA THR B 147 30.09 -23.41 9.49
C THR B 147 28.68 -23.95 9.47
N TYR B 148 28.01 -23.98 10.61
CA TYR B 148 26.57 -24.26 10.61
C TYR B 148 25.81 -23.21 11.42
N LEU B 149 24.50 -23.13 11.20
CA LEU B 149 23.66 -22.18 11.92
C LEU B 149 22.92 -22.86 13.06
N GLN B 150 22.52 -22.09 14.06
CA GLN B 150 21.76 -22.64 15.17
C GLN B 150 20.75 -21.62 15.71
N SER B 151 19.70 -22.12 16.34
CA SER B 151 18.67 -21.26 16.88
C SER B 151 19.08 -20.76 18.27
N VAL B 152 19.14 -19.43 18.41
CA VAL B 152 19.45 -18.82 19.70
C VAL B 152 18.38 -19.17 20.71
N ARG B 153 17.12 -18.90 20.34
CA ARG B 153 15.97 -19.23 21.18
C ARG B 153 15.33 -20.55 20.77
N LYS B 154 14.53 -21.11 21.66
CA LYS B 154 13.75 -22.30 21.34
C LYS B 154 12.32 -21.91 21.04
N GLU B 155 12.14 -20.76 20.42
CA GLU B 155 10.83 -20.35 19.94
C GLU B 155 10.97 -19.71 18.58
N ALA B 156 9.90 -19.73 17.80
CA ALA B 156 9.92 -19.21 16.44
C ALA B 156 8.79 -18.23 16.21
N LEU B 157 8.78 -17.61 15.04
CA LEU B 157 7.79 -16.61 14.67
C LEU B 157 7.30 -16.85 13.25
N ARG B 158 6.00 -16.66 13.03
CA ARG B 158 5.41 -16.88 11.72
C ARG B 158 4.99 -15.53 11.11
N VAL B 159 5.51 -15.23 9.94
CA VAL B 159 5.21 -13.97 9.28
C VAL B 159 4.27 -14.20 8.10
N PHE B 160 3.22 -13.40 8.00
CA PHE B 160 2.25 -13.57 6.92
C PHE B 160 1.71 -12.24 6.43
N ASN B 161 1.14 -12.24 5.22
CA ASN B 161 0.44 -11.06 4.73
C ASN B 161 -1.06 -11.29 4.79
N CYS B 162 -1.84 -10.25 4.49
CA CYS B 162 -3.27 -10.39 4.39
C CYS B 162 -3.71 -10.08 2.96
N ILE B 163 -4.44 -11.00 2.36
CA ILE B 163 -4.94 -10.79 1.00
C ILE B 163 -6.34 -10.21 1.01
N ASP B 164 -7.21 -10.78 1.85
CA ASP B 164 -8.59 -10.32 1.94
C ASP B 164 -8.87 -9.66 3.29
N TRP B 165 -9.73 -8.64 3.27
CA TRP B 165 -10.28 -8.08 4.49
C TRP B 165 -11.79 -8.14 4.42
N VAL B 166 -12.39 -9.08 5.13
CA VAL B 166 -13.83 -9.34 4.99
C VAL B 166 -14.63 -8.60 6.06
N HIS B 167 -15.44 -7.64 5.61
CA HIS B 167 -16.18 -6.80 6.54
C HIS B 167 -17.30 -7.56 7.26
N LYS B 168 -17.47 -7.23 8.53
CA LYS B 168 -18.62 -7.68 9.30
C LYS B 168 -19.09 -6.56 10.23
N LEU B 169 -20.23 -5.97 9.89
CA LEU B 169 -20.90 -5.02 10.78
C LEU B 169 -21.82 -5.77 11.73
N THR B 170 -21.73 -5.48 13.01
CA THR B 170 -22.57 -6.14 14.00
C THR B 170 -23.53 -5.13 14.64
N LEU B 171 -24.81 -5.48 14.66
CA LEU B 171 -25.85 -4.59 15.17
C LEU B 171 -26.63 -5.21 16.33
N GLU B 172 -26.93 -4.41 17.34
CA GLU B 172 -27.79 -4.84 18.44
C GLU B 172 -29.18 -4.25 18.25
N ILE B 173 -30.19 -5.10 18.19
CA ILE B 173 -31.53 -4.65 17.88
C ILE B 173 -32.51 -4.91 19.03
N THR B 174 -33.11 -3.84 19.53
CA THR B 174 -34.11 -3.93 20.59
C THR B 174 -35.51 -3.84 20.01
N ASP B 175 -36.32 -4.87 20.23
CA ASP B 175 -37.67 -4.92 19.68
C ASP B 175 -38.65 -4.18 20.60
N PHE B 176 -39.94 -4.22 20.24
CA PHE B 176 -40.95 -3.47 20.96
C PHE B 176 -41.14 -3.95 22.40
N ASP B 177 -40.92 -5.24 22.62
CA ASP B 177 -41.07 -5.83 23.95
C ASP B 177 -39.82 -5.66 24.81
N GLY B 178 -38.77 -5.08 24.24
CA GLY B 178 -37.53 -4.86 24.96
C GLY B 178 -36.52 -5.98 24.79
N SER B 179 -36.90 -6.99 24.03
CA SER B 179 -36.03 -8.13 23.81
C SER B 179 -34.90 -7.76 22.86
N VAL B 180 -33.68 -8.13 23.25
CA VAL B 180 -32.48 -7.73 22.54
C VAL B 180 -31.92 -8.88 21.69
N SER B 181 -31.46 -8.55 20.49
CA SER B 181 -30.81 -9.53 19.63
C SER B 181 -29.65 -8.87 18.89
N THR B 182 -28.72 -9.69 18.41
CA THR B 182 -27.64 -9.16 17.57
C THR B 182 -27.72 -9.79 16.19
N ILE B 183 -27.23 -9.06 15.20
CA ILE B 183 -27.11 -9.59 13.85
C ILE B 183 -25.78 -9.21 13.23
N ASP B 184 -25.28 -10.05 12.34
CA ASP B 184 -24.07 -9.78 11.60
C ASP B 184 -24.40 -9.48 10.15
N LEU B 185 -23.76 -8.47 9.58
CA LEU B 185 -23.98 -8.14 8.19
C LEU B 185 -22.67 -8.10 7.42
N GLY B 186 -22.68 -8.70 6.23
CA GLY B 186 -21.56 -8.63 5.33
C GLY B 186 -21.87 -7.61 4.26
N ALA B 187 -20.96 -7.41 3.32
CA ALA B 187 -21.19 -6.43 2.25
C ALA B 187 -22.39 -6.83 1.41
N SER B 188 -23.29 -5.88 1.17
CA SER B 188 -24.49 -6.10 0.36
C SER B 188 -25.32 -7.27 0.88
N SER B 189 -25.60 -7.29 2.18
CA SER B 189 -26.29 -8.42 2.79
C SER B 189 -27.55 -7.97 3.51
N SER B 190 -28.47 -8.91 3.71
CA SER B 190 -29.73 -8.64 4.39
C SER B 190 -30.04 -9.71 5.43
N ARG B 191 -30.58 -9.28 6.57
CA ARG B 191 -31.13 -10.20 7.55
C ARG B 191 -32.62 -9.92 7.77
N PHE B 192 -33.42 -10.97 7.91
CA PHE B 192 -34.82 -10.81 8.27
C PHE B 192 -34.98 -10.71 9.77
N THR B 193 -35.95 -9.90 10.21
CA THR B 193 -36.26 -9.78 11.62
C THR B 193 -37.74 -10.09 11.85
N ASN B 194 -38.22 -9.89 13.07
CA ASN B 194 -39.62 -10.09 13.38
C ASN B 194 -40.48 -9.04 12.73
N TRP B 195 -39.91 -7.86 12.55
CA TRP B 195 -40.65 -6.68 12.14
C TRP B 195 -40.35 -6.27 10.71
N GLY B 196 -39.55 -7.07 10.02
CA GLY B 196 -39.16 -6.75 8.66
C GLY B 196 -37.77 -7.20 8.31
N SER B 197 -36.89 -6.26 7.96
CA SER B 197 -35.53 -6.62 7.58
C SER B 197 -34.57 -5.45 7.70
N VAL B 198 -33.29 -5.79 7.79
CA VAL B 198 -32.23 -4.79 7.84
C VAL B 198 -31.16 -5.23 6.87
N SER B 199 -30.67 -4.29 6.07
CA SER B 199 -29.64 -4.64 5.10
C SER B 199 -28.55 -3.59 5.00
N LEU B 200 -27.31 -4.06 4.96
CA LEU B 200 -26.14 -3.21 4.71
C LEU B 200 -26.11 -2.85 3.23
N SER B 201 -26.68 -1.70 2.90
CA SER B 201 -26.92 -1.36 1.51
C SER B 201 -25.73 -0.67 0.85
N LEU B 202 -24.95 0.05 1.64
CA LEU B 202 -23.75 0.69 1.11
C LEU B 202 -22.62 0.67 2.12
N ASP B 203 -21.51 0.09 1.71
CA ASP B 203 -20.41 -0.20 2.63
C ASP B 203 -19.13 0.49 2.20
N ALA B 204 -18.58 1.35 3.06
CA ALA B 204 -17.37 2.10 2.74
C ALA B 204 -16.25 1.80 3.73
N GLU B 205 -16.28 0.63 4.35
CA GLU B 205 -15.21 0.24 5.27
C GLU B 205 -14.11 -0.52 4.54
N GLY B 206 -12.87 -0.33 4.99
CA GLY B 206 -11.74 -0.98 4.35
C GLY B 206 -10.40 -0.47 4.85
N ILE B 207 -9.35 -1.20 4.52
CA ILE B 207 -8.00 -0.74 4.80
C ILE B 207 -7.60 0.28 3.74
N SER B 208 -7.49 1.53 4.16
CA SER B 208 -7.07 2.58 3.26
C SER B 208 -5.89 3.31 3.89
N GLY B 209 -5.15 4.05 3.07
CA GLY B 209 -3.97 4.72 3.57
C GLY B 209 -2.78 4.52 2.65
N SER B 210 -1.61 4.89 3.13
CA SER B 210 -0.44 4.97 2.28
C SER B 210 0.69 4.04 2.73
N ASN B 211 0.36 3.07 3.58
CA ASN B 211 1.36 2.15 4.09
C ASN B 211 0.99 0.70 3.87
N SER B 212 1.94 -0.08 3.35
CA SER B 212 1.80 -1.53 3.29
C SER B 212 2.24 -2.10 4.61
N PHE B 213 1.59 -3.18 5.05
CA PHE B 213 2.03 -3.84 6.28
C PHE B 213 1.77 -5.34 6.25
N SER B 214 2.24 -6.01 7.29
CA SER B 214 2.10 -7.45 7.42
C SER B 214 2.10 -7.81 8.88
N PHE B 215 2.00 -9.09 9.21
CA PHE B 215 1.83 -9.49 10.59
C PHE B 215 2.72 -10.66 11.01
N ILE B 216 2.88 -10.78 12.33
CA ILE B 216 3.66 -11.85 12.92
C ILE B 216 2.89 -12.53 14.03
N GLU B 217 2.83 -13.85 14.00
CA GLU B 217 2.26 -14.62 15.09
C GLU B 217 3.38 -15.19 15.95
N SER B 218 3.24 -15.02 17.27
CA SER B 218 4.08 -15.70 18.23
C SER B 218 3.21 -16.73 18.95
N PRO B 219 3.42 -18.03 18.63
CA PRO B 219 2.57 -19.13 19.08
C PRO B 219 2.27 -19.10 20.58
N GLY B 220 1.01 -18.83 20.93
CA GLY B 220 0.58 -18.77 22.31
C GLY B 220 0.85 -17.43 22.99
N LYS B 221 1.42 -16.48 22.26
CA LYS B 221 1.85 -15.22 22.86
C LYS B 221 1.33 -13.98 22.13
N GLY B 222 0.43 -14.18 21.17
CA GLY B 222 -0.20 -13.05 20.50
C GLY B 222 0.35 -12.71 19.12
N TYR B 223 -0.03 -11.53 18.64
CA TYR B 223 0.35 -11.09 17.30
C TYR B 223 1.07 -9.75 17.31
N ALA B 224 1.71 -9.43 16.20
CA ALA B 224 2.35 -8.14 16.06
C ALA B 224 2.21 -7.66 14.62
N ILE B 225 2.14 -6.34 14.45
CA ILE B 225 2.10 -5.75 13.12
C ILE B 225 3.52 -5.42 12.68
N VAL B 226 3.75 -5.50 11.37
CA VAL B 226 5.01 -5.03 10.80
C VAL B 226 4.71 -3.87 9.85
N ASP B 227 5.26 -2.71 10.14
CA ASP B 227 4.95 -1.53 9.33
C ASP B 227 5.76 -1.49 8.03
N GLU B 228 5.88 -2.64 7.36
CA GLU B 228 6.60 -2.75 6.10
C GLU B 228 5.91 -3.77 5.18
N PRO B 229 6.16 -3.68 3.86
CA PRO B 229 5.54 -4.66 2.96
C PRO B 229 6.02 -6.07 3.24
N PHE B 230 5.20 -7.06 2.89
CA PHE B 230 5.57 -8.45 3.08
C PHE B 230 6.64 -8.86 2.09
N SER B 231 7.80 -9.26 2.60
CA SER B 231 8.90 -9.70 1.75
C SER B 231 8.62 -11.11 1.19
N GLU B 232 8.54 -11.21 -0.13
CA GLU B 232 8.07 -12.43 -0.79
C GLU B 232 9.13 -13.52 -0.87
N ILE B 233 10.40 -13.12 -0.96
CA ILE B 233 11.53 -14.04 -0.95
C ILE B 233 12.56 -13.55 0.06
N PRO B 234 13.46 -14.44 0.52
CA PRO B 234 14.50 -14.01 1.45
C PRO B 234 15.44 -12.94 0.86
N ARG B 235 15.60 -11.84 1.58
CA ARG B 235 16.48 -10.76 1.17
C ARG B 235 17.25 -10.24 2.36
N GLN B 236 18.54 -10.00 2.17
CA GLN B 236 19.40 -9.49 3.23
C GLN B 236 18.94 -8.11 3.70
N GLY B 237 18.80 -7.95 5.01
CA GLY B 237 18.36 -6.69 5.58
C GLY B 237 16.87 -6.64 5.88
N PHE B 238 16.18 -7.73 5.56
CA PHE B 238 14.74 -7.81 5.74
C PHE B 238 14.33 -8.94 6.66
N LEU B 239 13.19 -8.75 7.32
CA LEU B 239 12.51 -9.82 8.03
C LEU B 239 12.34 -11.02 7.10
N GLY B 240 12.85 -12.18 7.51
CA GLY B 240 12.74 -13.38 6.71
C GLY B 240 13.90 -13.60 5.73
N GLU B 241 15.07 -13.06 6.05
CA GLU B 241 16.27 -13.32 5.24
C GLU B 241 16.65 -14.79 5.39
N ILE B 242 16.26 -15.38 6.51
CA ILE B 242 16.19 -16.82 6.66
C ILE B 242 14.76 -17.20 6.98
N ARG B 243 14.20 -18.15 6.22
CA ARG B 243 12.81 -18.55 6.41
C ARG B 243 12.61 -20.04 6.18
N CYS B 244 11.57 -20.58 6.79
CA CYS B 244 11.28 -22.02 6.75
C CYS B 244 9.79 -22.23 6.64
N ASN B 245 9.36 -23.47 6.43
CA ASN B 245 7.95 -23.76 6.26
C ASN B 245 7.30 -24.32 7.51
N SER B 246 8.06 -24.38 8.60
CA SER B 246 7.53 -24.90 9.86
C SER B 246 8.26 -24.34 11.07
N GLU B 247 7.57 -24.33 12.21
CA GLU B 247 8.14 -23.92 13.49
C GLU B 247 9.32 -24.81 13.91
N SER B 248 9.20 -26.12 13.72
CA SER B 248 10.22 -27.07 14.16
C SER B 248 11.52 -26.90 13.38
N SER B 249 11.40 -26.55 12.10
CA SER B 249 12.56 -26.38 11.24
C SER B 249 13.34 -25.11 11.58
N VAL B 250 12.69 -24.17 12.23
CA VAL B 250 13.40 -22.98 12.70
C VAL B 250 14.28 -23.37 13.87
N LEU B 251 13.68 -24.13 14.80
CA LEU B 251 14.35 -24.51 16.03
C LEU B 251 15.56 -25.40 15.78
N SER B 252 15.48 -26.27 14.77
CA SER B 252 16.59 -27.14 14.44
C SER B 252 17.53 -26.55 13.39
N ALA B 253 17.18 -25.36 12.88
CA ALA B 253 17.92 -24.74 11.78
C ALA B 253 18.08 -25.71 10.62
N HIS B 254 17.00 -26.40 10.28
CA HIS B 254 17.00 -27.44 9.27
C HIS B 254 17.51 -26.92 7.92
N GLU B 255 18.12 -27.80 7.14
CA GLU B 255 18.72 -27.39 5.87
C GLU B 255 17.68 -27.06 4.81
N SER B 256 16.43 -27.49 5.00
CA SER B 256 15.38 -27.17 4.05
C SER B 256 15.00 -25.69 4.08
N CYS B 257 15.51 -24.95 5.06
CA CYS B 257 15.29 -23.51 5.17
C CYS B 257 15.98 -22.75 4.03
N LEU B 258 15.36 -21.65 3.62
CA LEU B 258 15.94 -20.76 2.62
C LEU B 258 16.66 -19.60 3.29
N ARG B 259 17.78 -19.20 2.71
CA ARG B 259 18.42 -17.97 3.18
C ARG B 259 18.99 -17.17 2.02
N ALA B 260 18.95 -15.85 2.18
CA ALA B 260 19.52 -14.93 1.21
C ALA B 260 21.02 -15.15 1.09
N PRO B 261 21.62 -14.76 -0.04
CA PRO B 261 23.07 -14.97 -0.23
C PRO B 261 23.93 -14.24 0.81
N ASN B 262 25.06 -14.84 1.15
CA ASN B 262 26.14 -14.17 1.89
C ASN B 262 25.79 -13.63 3.27
N LEU B 263 24.91 -14.32 3.98
CA LEU B 263 24.50 -13.86 5.30
C LEU B 263 25.59 -14.03 6.36
N ILE B 264 26.55 -14.91 6.09
CA ILE B 264 27.62 -15.18 7.06
C ILE B 264 28.91 -14.50 6.64
N SER B 265 29.47 -13.71 7.55
CA SER B 265 30.69 -12.96 7.27
C SER B 265 31.94 -13.57 7.92
N TYR B 266 33.05 -13.48 7.21
CA TYR B 266 34.27 -14.14 7.66
C TYR B 266 35.44 -13.19 7.86
N LYS B 267 36.11 -13.33 9.01
CA LYS B 267 37.28 -12.53 9.31
C LYS B 267 38.49 -13.45 9.54
N PRO B 268 39.16 -13.86 8.45
CA PRO B 268 40.36 -14.69 8.57
C PRO B 268 41.46 -13.94 9.31
N MET B 269 42.11 -14.61 10.27
CA MET B 269 43.18 -14.02 11.05
C MET B 269 44.32 -15.02 11.26
N ILE B 270 44.83 -15.56 10.15
CA ILE B 270 45.86 -16.60 10.14
C ILE B 270 45.41 -17.88 10.85
N ASP B 271 45.60 -17.94 12.16
CA ASP B 271 45.23 -19.14 12.91
C ASP B 271 43.99 -18.93 13.76
N GLN B 272 43.48 -17.71 13.76
CA GLN B 272 42.20 -17.42 14.40
C GLN B 272 41.19 -17.07 13.31
N LEU B 273 39.90 -17.14 13.65
CA LEU B 273 38.85 -16.85 12.68
C LEU B 273 37.58 -16.42 13.38
N GLU B 274 36.91 -15.42 12.79
CA GLU B 274 35.59 -15.04 13.25
C GLU B 274 34.58 -15.23 12.12
N CYS B 275 33.52 -15.97 12.43
CA CYS B 275 32.34 -16.05 11.57
C CYS B 275 31.20 -15.33 12.28
N THR B 276 30.59 -14.37 11.60
CA THR B 276 29.55 -13.58 12.24
C THR B 276 28.33 -13.41 11.35
N THR B 277 27.20 -13.13 11.98
CA THR B 277 25.99 -12.75 11.27
C THR B 277 25.49 -11.41 11.80
N ASN B 278 24.88 -10.62 10.93
CA ASN B 278 24.31 -9.34 11.33
C ASN B 278 22.84 -9.30 10.91
N LEU B 279 22.08 -10.27 11.40
CA LEU B 279 20.69 -10.49 10.98
C LEU B 279 19.68 -9.63 11.75
N ILE B 280 18.55 -9.39 11.09
CA ILE B 280 17.40 -8.76 11.74
C ILE B 280 16.85 -9.65 12.84
N ASP B 281 16.72 -9.09 14.04
CA ASP B 281 16.08 -9.81 15.15
C ASP B 281 14.56 -9.68 15.03
N PRO B 282 13.90 -10.78 14.63
CA PRO B 282 12.44 -10.74 14.42
C PRO B 282 11.70 -10.53 15.73
N PHE B 283 12.33 -10.84 16.85
CA PHE B 283 11.70 -10.67 18.16
C PHE B 283 11.71 -9.21 18.63
N VAL B 284 12.69 -8.44 18.15
CA VAL B 284 12.71 -7.00 18.39
C VAL B 284 11.59 -6.35 17.57
N VAL B 285 11.46 -6.82 16.33
CA VAL B 285 10.39 -6.39 15.44
C VAL B 285 9.02 -6.69 16.05
N PHE B 286 8.90 -7.87 16.65
CA PHE B 286 7.65 -8.29 17.24
C PHE B 286 7.28 -7.41 18.43
N GLU B 287 8.25 -7.11 19.27
CA GLU B 287 7.99 -6.33 20.48
C GLU B 287 7.53 -4.91 20.15
N ARG B 288 8.00 -4.37 19.05
CA ARG B 288 7.59 -3.02 18.64
C ARG B 288 6.14 -3.00 18.15
N GLY B 289 5.83 -3.87 17.20
CA GLY B 289 4.52 -3.87 16.58
C GLY B 289 3.51 -4.73 17.31
N SER B 290 3.80 -5.03 18.57
CA SER B 290 2.94 -5.88 19.38
C SER B 290 1.50 -5.36 19.47
N LEU B 291 0.54 -6.22 19.17
CA LEU B 291 -0.86 -5.83 19.13
C LEU B 291 -1.44 -5.68 20.53
N PRO B 292 -2.45 -4.81 20.70
CA PRO B 292 -3.13 -4.03 19.65
C PRO B 292 -2.36 -2.81 19.16
N GLN B 293 -2.48 -2.52 17.87
CA GLN B 293 -1.89 -1.33 17.25
C GLN B 293 -2.94 -0.62 16.41
N THR B 294 -2.88 0.70 16.35
CA THR B 294 -3.86 1.48 15.59
C THR B 294 -3.21 2.28 14.47
N ARG B 295 -3.67 2.02 13.24
CA ARG B 295 -3.18 2.71 12.05
C ARG B 295 -4.36 3.21 11.23
N ASN B 296 -4.38 4.52 10.94
CA ASN B 296 -5.49 5.15 10.24
C ASN B 296 -6.83 4.83 10.91
N ASP B 297 -6.82 4.90 12.24
CA ASP B 297 -7.97 4.57 13.09
C ASP B 297 -8.62 3.23 12.80
N LYS B 298 -7.83 2.30 12.27
CA LYS B 298 -8.16 0.88 12.36
C LYS B 298 -7.36 0.31 13.52
N THR B 299 -8.03 -0.33 14.47
CA THR B 299 -7.31 -0.99 15.56
C THR B 299 -7.15 -2.47 15.27
N PHE B 300 -5.91 -2.90 15.02
CA PHE B 300 -5.62 -4.30 14.75
C PHE B 300 -5.36 -5.05 16.04
N ALA B 301 -6.09 -6.13 16.25
CA ALA B 301 -5.98 -6.89 17.50
C ALA B 301 -6.27 -8.37 17.29
N ALA B 302 -5.92 -9.19 18.28
CA ALA B 302 -6.20 -10.62 18.23
C ALA B 302 -7.71 -10.86 18.25
N SER B 303 -8.16 -11.81 17.44
CA SER B 303 -9.59 -12.14 17.37
C SER B 303 -10.04 -12.86 18.64
N LYS B 304 -11.36 -12.92 18.82
CA LYS B 304 -12.01 -13.44 20.04
C LYS B 304 -11.33 -14.66 20.64
N GLY B 305 -11.29 -15.76 19.89
CA GLY B 305 -10.60 -16.97 20.31
C GLY B 305 -10.08 -17.60 19.04
N ASN B 306 -10.76 -17.21 17.95
CA ASN B 306 -10.35 -17.43 16.57
C ASN B 306 -8.84 -17.60 16.36
N ARG B 307 -8.08 -16.65 16.90
CA ARG B 307 -6.73 -16.31 16.45
C ARG B 307 -6.81 -15.80 15.00
N GLY B 308 -5.70 -15.30 14.50
CA GLY B 308 -5.76 -14.50 13.30
C GLY B 308 -6.10 -13.09 13.72
N VAL B 309 -5.96 -12.12 12.83
CA VAL B 309 -6.08 -10.73 13.24
C VAL B 309 -7.28 -10.05 12.62
N GLN B 310 -7.90 -9.18 13.40
CA GLN B 310 -9.02 -8.37 12.91
C GLN B 310 -8.65 -6.91 12.96
N ALA B 311 -9.30 -6.10 12.13
CA ALA B 311 -9.14 -4.66 12.19
C ALA B 311 -10.47 -4.04 12.64
N PHE B 312 -10.48 -3.52 13.86
CA PHE B 312 -11.68 -2.89 14.44
C PHE B 312 -11.73 -1.39 14.21
N SER B 313 -12.88 -0.90 13.75
CA SER B 313 -13.17 0.52 13.75
C SER B 313 -13.88 0.87 15.05
N LYS B 314 -13.17 1.50 15.99
CA LYS B 314 -13.71 1.75 17.31
C LYS B 314 -14.40 3.12 17.40
N GLY B 315 -14.36 3.87 16.30
CA GLY B 315 -15.00 5.18 16.27
C GLY B 315 -15.99 5.27 15.13
N SER B 316 -15.71 6.15 14.17
CA SER B 316 -16.58 6.33 13.03
C SER B 316 -16.69 5.07 12.19
N VAL B 317 -17.92 4.79 11.74
CA VAL B 317 -18.18 3.69 10.82
C VAL B 317 -18.89 4.25 9.59
N GLN B 318 -18.39 3.93 8.41
CA GLN B 318 -18.98 4.43 7.18
C GLN B 318 -19.81 3.36 6.47
N ALA B 319 -21.08 3.26 6.86
CA ALA B 319 -21.98 2.30 6.22
C ALA B 319 -23.43 2.77 6.29
N ASP B 320 -24.18 2.52 5.22
CA ASP B 320 -25.61 2.83 5.20
C ASP B 320 -26.44 1.56 5.38
N LEU B 321 -27.40 1.63 6.29
CA LEU B 321 -28.31 0.51 6.53
C LEU B 321 -29.71 0.83 6.02
N THR B 322 -30.31 -0.08 5.27
CA THR B 322 -31.68 0.08 4.84
C THR B 322 -32.59 -0.75 5.74
N LEU B 323 -33.54 -0.08 6.38
CA LEU B 323 -34.48 -0.75 7.25
C LEU B 323 -35.82 -0.83 6.58
N MET B 324 -36.40 -2.03 6.53
CA MET B 324 -37.75 -2.20 6.02
C MET B 324 -38.64 -2.72 7.13
N PHE B 325 -39.78 -2.06 7.32
CA PHE B 325 -40.72 -2.45 8.36
C PHE B 325 -42.01 -2.95 7.74
N ASP B 326 -42.34 -4.20 8.01
CA ASP B 326 -43.61 -4.74 7.53
C ASP B 326 -44.75 -3.91 8.04
N ASN B 327 -45.42 -3.23 7.12
CA ASN B 327 -46.67 -2.59 7.45
C ASN B 327 -46.57 -1.49 8.50
N PHE B 328 -45.35 -0.98 8.71
CA PHE B 328 -45.09 0.11 9.64
C PHE B 328 -44.18 1.12 8.97
N GLU B 329 -44.29 2.37 9.38
CA GLU B 329 -43.40 3.41 8.88
C GLU B 329 -42.95 4.27 10.03
N VAL B 330 -42.01 5.17 9.78
CA VAL B 330 -41.47 6.02 10.83
C VAL B 330 -42.47 7.05 11.31
N ASP B 331 -42.75 7.02 12.61
CA ASP B 331 -43.54 8.06 13.25
C ASP B 331 -42.62 9.18 13.68
N PHE B 332 -41.70 8.88 14.59
CA PHE B 332 -40.66 9.84 14.96
C PHE B 332 -39.35 9.17 15.38
N VAL B 333 -38.28 9.95 15.40
CA VAL B 333 -36.98 9.46 15.86
C VAL B 333 -36.60 10.13 17.16
N GLY B 334 -35.73 9.48 17.92
CA GLY B 334 -35.30 9.99 19.21
C GLY B 334 -34.13 10.95 19.10
N ALA B 335 -34.24 12.08 19.78
CA ALA B 335 -33.23 13.13 19.72
C ALA B 335 -31.99 12.75 20.52
N ALA B 336 -30.83 13.21 20.06
CA ALA B 336 -29.59 13.03 20.80
C ALA B 336 -29.65 13.81 22.11
N VAL B 337 -28.82 13.40 23.07
CA VAL B 337 -28.73 14.11 24.35
C VAL B 337 -27.31 14.57 24.57
N SER B 338 -27.15 15.62 25.36
CA SER B 338 -25.82 16.17 25.62
C SER B 338 -25.02 15.28 26.56
N CYS B 339 -23.70 15.32 26.42
CA CYS B 339 -22.82 14.61 27.34
C CYS B 339 -21.79 15.58 27.94
N ASP B 340 -21.19 15.17 29.05
CA ASP B 340 -20.12 15.94 29.65
C ASP B 340 -18.81 15.16 29.57
N ALA B 341 -17.76 15.80 29.08
CA ALA B 341 -16.48 15.14 28.93
C ALA B 341 -15.37 15.88 29.68
N ALA B 342 -14.51 15.11 30.33
CA ALA B 342 -13.34 15.66 31.01
C ALA B 342 -12.08 14.96 30.50
N PHE B 343 -10.98 15.70 30.42
CA PHE B 343 -9.71 15.12 30.02
C PHE B 343 -9.09 14.35 31.18
N LEU B 344 -8.60 13.15 30.91
CA LEU B 344 -8.00 12.32 31.95
C LEU B 344 -6.49 12.24 31.80
N ASN B 345 -6.01 11.70 30.67
CA ASN B 345 -4.57 11.67 30.41
C ASN B 345 -4.23 11.52 28.94
N LEU B 346 -2.97 11.81 28.62
CA LEU B 346 -2.41 11.58 27.30
C LEU B 346 -1.06 10.88 27.45
N THR B 347 -0.96 9.67 26.88
CA THR B 347 0.20 8.81 27.13
C THR B 347 0.74 8.21 25.84
N GLY B 348 2.06 8.17 25.72
CA GLY B 348 2.67 7.51 24.58
C GLY B 348 3.87 8.26 24.04
N CYS B 349 4.06 8.17 22.73
CA CYS B 349 5.21 8.79 22.09
C CYS B 349 4.79 9.65 20.90
N TYR B 350 5.69 10.53 20.47
CA TYR B 350 5.41 11.34 19.29
C TYR B 350 6.30 10.88 18.14
N SER B 351 5.86 11.17 16.92
CA SER B 351 6.56 10.74 15.71
C SER B 351 6.83 9.24 15.71
N CYS B 352 5.79 8.46 15.95
CA CYS B 352 5.88 7.00 15.93
C CYS B 352 4.58 6.39 15.45
N ASN B 353 4.67 5.18 14.91
CA ASN B 353 3.52 4.51 14.34
C ASN B 353 2.47 4.14 15.39
N ALA B 354 2.93 3.75 16.58
CA ALA B 354 2.03 3.34 17.66
C ALA B 354 1.16 4.50 18.13
N GLY B 355 1.74 5.70 18.14
CA GLY B 355 0.99 6.90 18.48
C GLY B 355 0.81 7.11 19.97
N ALA B 356 -0.17 7.93 20.32
CA ALA B 356 -0.43 8.28 21.71
C ALA B 356 -1.88 8.00 22.08
N ARG B 357 -2.10 7.65 23.35
CA ARG B 357 -3.42 7.30 23.85
C ARG B 357 -4.00 8.43 24.68
N VAL B 358 -5.13 8.98 24.23
CA VAL B 358 -5.81 10.03 24.98
C VAL B 358 -7.08 9.48 25.62
N CYS B 359 -7.25 9.72 26.92
CA CYS B 359 -8.38 9.17 27.65
C CYS B 359 -9.33 10.24 28.17
N LEU B 360 -10.62 9.97 28.03
CA LEU B 360 -11.67 10.90 28.44
C LEU B 360 -12.63 10.25 29.42
N SER B 361 -13.16 11.06 30.34
CA SER B 361 -14.28 10.65 31.15
C SER B 361 -15.56 11.24 30.57
N ILE B 362 -16.47 10.38 30.14
CA ILE B 362 -17.68 10.86 29.47
C ILE B 362 -18.92 10.52 30.26
N THR B 363 -19.70 11.54 30.58
CA THR B 363 -20.93 11.40 31.35
C THR B 363 -22.14 11.82 30.53
N SER B 364 -23.16 10.95 30.47
CA SER B 364 -24.38 11.28 29.76
C SER B 364 -25.56 10.55 30.37
N THR B 365 -26.72 10.64 29.72
CA THR B 365 -27.92 10.01 30.24
C THR B 365 -28.52 9.03 29.23
N GLY B 366 -28.03 9.06 28.01
CA GLY B 366 -28.47 8.14 26.99
C GLY B 366 -27.30 7.65 26.16
N THR B 367 -27.53 6.64 25.32
CA THR B 367 -26.50 6.17 24.42
C THR B 367 -26.36 7.16 23.26
N GLY B 368 -25.13 7.33 22.78
CA GLY B 368 -24.86 8.30 21.73
C GLY B 368 -23.40 8.31 21.35
N THR B 369 -22.97 9.43 20.76
CA THR B 369 -21.62 9.54 20.23
C THR B 369 -21.01 10.91 20.48
N LEU B 370 -19.85 10.92 21.15
CA LEU B 370 -19.09 12.15 21.29
C LEU B 370 -18.24 12.38 20.04
N SER B 371 -18.33 13.57 19.48
CA SER B 371 -17.50 13.94 18.35
C SER B 371 -16.66 15.16 18.75
N ALA B 372 -15.35 15.08 18.53
CA ALA B 372 -14.48 16.18 18.90
C ALA B 372 -13.46 16.47 17.80
N HIS B 373 -12.98 17.71 17.75
CA HIS B 373 -11.98 18.10 16.77
C HIS B 373 -11.17 19.29 17.27
N ASN B 374 -9.94 19.42 16.79
CA ASN B 374 -9.15 20.59 17.08
C ASN B 374 -9.55 21.72 16.13
N LYS B 375 -8.84 22.85 16.22
CA LYS B 375 -9.21 24.04 15.45
C LYS B 375 -9.24 23.80 13.93
N ASP B 376 -8.14 23.30 13.38
CA ASP B 376 -8.03 23.15 11.94
C ASP B 376 -8.59 21.82 11.43
N GLY B 377 -9.06 20.97 12.35
CA GLY B 377 -9.70 19.72 11.99
C GLY B 377 -8.74 18.66 11.46
N SER B 378 -7.52 18.64 11.98
CA SER B 378 -6.55 17.62 11.60
C SER B 378 -6.61 16.45 12.57
N LEU B 379 -7.15 16.68 13.76
CA LEU B 379 -7.38 15.63 14.75
C LEU B 379 -8.88 15.41 14.97
N HIS B 380 -9.27 14.16 15.15
CA HIS B 380 -10.68 13.83 15.24
C HIS B 380 -10.91 12.72 16.27
N ILE B 381 -11.62 13.05 17.34
CA ILE B 381 -11.96 12.07 18.37
C ILE B 381 -13.43 11.67 18.26
N VAL B 382 -13.66 10.35 18.20
CA VAL B 382 -15.01 9.81 18.16
C VAL B 382 -15.15 8.70 19.19
N LEU B 383 -15.95 8.93 20.21
CA LEU B 383 -16.08 7.99 21.32
C LEU B 383 -17.55 7.78 21.72
N PRO B 384 -17.86 6.62 22.30
CA PRO B 384 -19.24 6.30 22.72
C PRO B 384 -19.64 6.93 24.05
N SER B 385 -20.91 7.34 24.12
CA SER B 385 -21.47 7.85 25.37
C SER B 385 -22.59 6.92 25.83
N GLU B 386 -22.81 6.85 27.14
CA GLU B 386 -23.83 5.98 27.72
C GLU B 386 -24.56 6.65 28.88
N ASN B 387 -25.59 6.00 29.39
CA ASN B 387 -26.22 6.43 30.65
C ASN B 387 -25.30 6.10 31.82
N GLY B 388 -24.69 7.13 32.38
CA GLY B 388 -23.72 6.94 33.45
C GLY B 388 -22.39 7.58 33.09
N THR B 389 -21.32 7.17 33.77
CA THR B 389 -20.00 7.73 33.56
C THR B 389 -18.96 6.64 33.26
N LYS B 390 -18.50 6.59 32.02
CA LYS B 390 -17.47 5.64 31.62
C LYS B 390 -16.26 6.34 31.04
N ASP B 391 -15.11 5.67 31.10
CA ASP B 391 -13.89 6.18 30.50
C ASP B 391 -13.73 5.61 29.10
N GLN B 392 -13.46 6.48 28.14
CA GLN B 392 -13.25 6.05 26.76
C GLN B 392 -11.91 6.55 26.26
N CYS B 393 -11.30 5.80 25.35
CA CYS B 393 -9.96 6.11 24.90
C CYS B 393 -9.77 5.85 23.40
N GLN B 394 -8.97 6.68 22.76
CA GLN B 394 -8.59 6.40 21.38
C GLN B 394 -7.16 6.84 21.09
N ILE B 395 -6.60 6.30 20.01
CA ILE B 395 -5.24 6.59 19.64
C ILE B 395 -5.19 7.86 18.79
N LEU B 396 -4.16 8.67 19.02
CA LEU B 396 -3.92 9.85 18.21
C LEU B 396 -2.43 9.93 17.88
N HIS B 397 -2.11 10.62 16.78
CA HIS B 397 -0.73 10.79 16.40
C HIS B 397 -0.31 12.26 16.46
N PHE B 398 0.80 12.52 17.17
CA PHE B 398 1.38 13.84 17.30
C PHE B 398 2.84 13.82 16.86
N THR B 399 3.39 15.00 16.55
CA THR B 399 4.79 15.09 16.13
C THR B 399 5.57 16.02 17.06
N VAL B 400 5.16 16.07 18.32
CA VAL B 400 5.71 17.03 19.24
C VAL B 400 5.68 16.47 20.66
N PRO B 401 6.74 16.72 21.45
CA PRO B 401 6.82 16.16 22.80
C PRO B 401 5.85 16.79 23.78
N GLU B 402 5.63 18.10 23.67
CA GLU B 402 4.74 18.79 24.60
C GLU B 402 3.41 19.13 23.94
N VAL B 403 2.42 18.28 24.17
CA VAL B 403 1.12 18.44 23.54
C VAL B 403 0.17 19.29 24.38
N GLU B 404 -0.36 20.34 23.76
CA GLU B 404 -1.43 21.12 24.38
C GLU B 404 -2.42 21.52 23.30
N GLU B 405 -3.46 20.72 23.16
CA GLU B 405 -4.39 20.85 22.04
C GLU B 405 -5.81 21.09 22.54
N GLU B 406 -6.44 22.18 22.08
CA GLU B 406 -7.82 22.46 22.43
C GLU B 406 -8.77 21.78 21.44
N PHE B 407 -9.73 21.01 21.98
CA PHE B 407 -10.76 20.37 21.19
C PHE B 407 -12.14 20.98 21.46
N MET B 408 -13.06 20.81 20.53
CA MET B 408 -14.46 21.17 20.75
C MET B 408 -15.32 19.91 20.59
N TYR B 409 -16.01 19.51 21.66
CA TYR B 409 -16.76 18.26 21.66
C TYR B 409 -18.24 18.47 21.88
N SER B 410 -19.04 17.49 21.46
CA SER B 410 -20.47 17.45 21.75
C SER B 410 -21.05 16.11 21.32
N CYS B 411 -22.17 15.74 21.93
CA CYS B 411 -22.93 14.56 21.52
C CYS B 411 -24.23 14.99 20.86
N ASP B 412 -24.56 16.27 21.02
CA ASP B 412 -25.85 16.79 20.58
C ASP B 412 -25.73 18.09 19.79
N GLY B 413 -24.51 18.46 19.41
CA GLY B 413 -24.30 19.59 18.53
C GLY B 413 -23.91 20.91 19.18
N ASP B 414 -24.06 21.00 20.49
CA ASP B 414 -23.62 22.19 21.21
C ASP B 414 -22.20 21.98 21.75
N GLU B 415 -21.23 22.54 21.05
CA GLU B 415 -19.82 22.29 21.35
C GLU B 415 -19.31 23.08 22.54
N ARG B 416 -18.53 22.41 23.38
CA ARG B 416 -17.87 23.03 24.51
C ARG B 416 -16.39 22.67 24.49
N PRO B 417 -15.53 23.53 25.06
CA PRO B 417 -14.10 23.31 24.94
C PRO B 417 -13.57 22.16 25.82
N LEU B 418 -12.39 21.68 25.48
CA LEU B 418 -11.73 20.64 26.27
C LEU B 418 -10.24 20.59 25.89
N LEU B 419 -9.38 20.79 26.88
CA LEU B 419 -7.94 20.91 26.63
C LEU B 419 -7.20 19.58 26.84
N VAL B 420 -6.64 19.05 25.76
CA VAL B 420 -5.80 17.86 25.83
C VAL B 420 -4.35 18.26 26.02
N LYS B 421 -3.79 17.89 27.17
CA LYS B 421 -2.44 18.31 27.54
C LYS B 421 -1.63 17.13 28.07
N GLY B 422 -0.47 16.90 27.48
CA GLY B 422 0.38 15.78 27.88
C GLY B 422 1.82 15.86 27.39
N THR B 423 2.65 14.94 27.89
CA THR B 423 4.05 14.84 27.52
C THR B 423 4.35 13.50 26.86
N LEU B 424 4.85 13.54 25.63
CA LEU B 424 5.15 12.32 24.88
C LEU B 424 6.66 12.08 24.75
N ILE B 425 7.08 10.81 24.74
CA ILE B 425 8.49 10.49 24.63
C ILE B 425 8.92 10.33 23.17
N ALA B 426 10.19 10.54 22.89
CA ALA B 426 10.69 10.34 21.54
C ALA B 426 11.09 8.88 21.34
N ILE B 427 10.98 8.41 20.10
CA ILE B 427 11.53 7.11 19.75
C ILE B 427 12.65 7.33 18.74
N ASP B 428 13.88 7.13 19.19
CA ASP B 428 15.06 7.42 18.37
C ASP B 428 15.23 6.38 17.27
N PRO B 429 15.79 6.81 16.13
CA PRO B 429 16.09 5.91 15.00
C PRO B 429 16.77 4.64 15.49
N PHE B 430 16.24 3.51 15.05
CA PHE B 430 16.66 2.22 15.56
C PHE B 430 17.16 1.32 14.44
N ASP B 431 17.86 0.26 14.83
CA ASP B 431 18.33 -0.75 13.90
C ASP B 431 17.92 -2.11 14.46
N ASP B 432 17.37 -2.97 13.62
CA ASP B 432 16.94 -4.28 14.08
C ASP B 432 18.00 -5.36 13.95
N ARG B 433 19.10 -5.03 13.27
CA ARG B 433 20.21 -5.97 13.13
C ARG B 433 20.89 -6.25 14.46
N ARG B 434 21.23 -7.51 14.70
CA ARG B 434 21.98 -7.89 15.89
C ARG B 434 23.17 -8.79 15.53
N GLU B 435 24.36 -8.42 15.99
CA GLU B 435 25.56 -9.20 15.74
C GLU B 435 25.55 -10.51 16.52
N ALA B 436 25.88 -11.59 15.84
CA ALA B 436 25.99 -12.90 16.48
C ALA B 436 27.22 -13.64 15.97
N GLY B 437 27.76 -14.53 16.78
CA GLY B 437 28.94 -15.28 16.41
C GLY B 437 30.19 -14.81 17.12
N GLY B 438 31.34 -15.40 16.78
CA GLY B 438 32.60 -15.05 17.39
C GLY B 438 33.75 -15.92 16.92
N GLU B 439 34.68 -16.21 17.83
CA GLU B 439 35.83 -17.04 17.52
C GLU B 439 35.41 -18.46 17.12
N SER B 440 36.11 -19.03 16.14
CA SER B 440 35.83 -20.41 15.75
C SER B 440 36.43 -21.39 16.76
N THR B 441 36.03 -22.65 16.64
CA THR B 441 36.69 -23.73 17.36
C THR B 441 37.87 -24.22 16.53
N VAL B 442 39.09 -23.91 16.97
CA VAL B 442 40.27 -24.33 16.23
C VAL B 442 40.49 -25.83 16.43
N VAL B 443 40.53 -26.57 15.33
CA VAL B 443 40.55 -28.01 15.39
C VAL B 443 41.97 -28.57 15.56
N ASN B 444 42.93 -28.05 14.80
CA ASN B 444 44.30 -28.51 14.97
C ASN B 444 45.32 -27.38 15.22
N PRO B 445 45.56 -27.08 16.51
CA PRO B 445 46.69 -26.28 17.00
C PRO B 445 47.82 -27.19 17.47
N CYS C 1 -35.14 -10.50 -10.18
CA CYS C 1 -35.23 -9.19 -9.54
C CYS C 1 -34.48 -9.15 -8.22
N SER C 2 -33.71 -8.08 -8.01
CA SER C 2 -32.99 -7.91 -6.77
C SER C 2 -33.62 -6.76 -5.98
N GLU C 3 -33.49 -6.82 -4.67
CA GLU C 3 -34.08 -5.81 -3.81
C GLU C 3 -33.04 -4.74 -3.50
N LEU C 4 -33.11 -3.63 -4.23
CA LEU C 4 -32.02 -2.67 -4.28
C LEU C 4 -32.38 -1.23 -3.89
N ILE C 5 -33.66 -0.89 -3.87
CA ILE C 5 -34.11 0.48 -3.66
C ILE C 5 -33.92 0.94 -2.21
N GLN C 6 -33.46 2.17 -1.99
CA GLN C 6 -33.23 2.52 -0.61
C GLN C 6 -34.15 3.73 -0.28
N ALA C 7 -34.53 4.48 -1.31
CA ALA C 7 -35.40 5.65 -1.13
C ALA C 7 -36.26 5.95 -2.35
N SER C 8 -37.38 6.62 -2.09
CA SER C 8 -38.34 6.99 -3.12
C SER C 8 -38.99 8.33 -2.78
N SER C 9 -39.02 9.25 -3.74
CA SER C 9 -39.61 10.57 -3.52
C SER C 9 -39.97 11.30 -4.81
N ARG C 10 -40.65 12.43 -4.68
CA ARG C 10 -40.89 13.32 -5.80
C ARG C 10 -40.02 14.54 -5.62
N ILE C 11 -39.34 14.94 -6.68
CA ILE C 11 -38.55 16.16 -6.64
C ILE C 11 -38.91 17.02 -7.84
N THR C 12 -38.95 18.32 -7.63
CA THR C 12 -39.17 19.27 -8.72
C THR C 12 -37.88 20.02 -9.03
N THR C 13 -37.55 20.10 -10.31
CA THR C 13 -36.37 20.85 -10.73
C THR C 13 -36.78 22.07 -11.55
N CYS C 14 -36.27 23.22 -11.16
CA CYS C 14 -36.58 24.50 -11.80
C CYS C 14 -35.33 25.20 -12.30
N SER C 15 -35.43 25.77 -13.49
CA SER C 15 -34.38 26.62 -14.01
C SER C 15 -34.46 27.97 -13.29
N THR C 16 -33.32 28.52 -12.93
CA THR C 16 -33.27 29.75 -12.15
C THR C 16 -33.08 31.01 -13.00
N GLU C 17 -32.69 30.83 -14.25
CA GLU C 17 -32.46 31.96 -15.16
C GLU C 17 -33.29 31.85 -16.45
N GLY C 18 -33.15 32.85 -17.31
CA GLY C 18 -33.86 32.95 -18.58
C GLY C 18 -35.06 33.88 -18.63
N VAL C 19 -35.68 33.97 -19.80
CA VAL C 19 -36.93 34.71 -19.99
C VAL C 19 -38.06 34.16 -19.14
N ASN C 20 -38.02 32.85 -18.90
CA ASN C 20 -39.00 32.22 -18.04
C ASN C 20 -38.45 30.99 -17.38
N THR C 21 -38.92 30.73 -16.16
CA THR C 21 -38.45 29.60 -15.39
C THR C 21 -39.32 28.42 -15.82
N LYS C 22 -38.68 27.30 -16.14
CA LYS C 22 -39.43 26.09 -16.46
C LYS C 22 -39.26 25.04 -15.36
N CYS C 23 -40.33 24.33 -15.05
CA CYS C 23 -40.32 23.35 -13.96
C CYS C 23 -40.60 21.93 -14.47
N ARG C 24 -39.90 20.96 -13.90
CA ARG C 24 -40.05 19.56 -14.26
C ARG C 24 -40.34 18.75 -13.01
N LEU C 25 -41.38 17.94 -13.05
CA LEU C 25 -41.66 17.05 -11.93
C LEU C 25 -41.08 15.68 -12.25
N SER C 26 -40.32 15.12 -11.31
CA SER C 26 -39.68 13.83 -11.52
C SER C 26 -39.84 12.93 -10.31
N GLY C 27 -40.11 11.66 -10.55
CA GLY C 27 -40.02 10.68 -9.48
C GLY C 27 -38.55 10.38 -9.29
N THR C 28 -38.14 10.13 -8.06
CA THR C 28 -36.74 9.92 -7.78
C THR C 28 -36.56 8.65 -6.98
N ALA C 29 -35.63 7.80 -7.41
CA ALA C 29 -35.31 6.59 -6.64
C ALA C 29 -33.81 6.46 -6.44
N LEU C 30 -33.44 6.15 -5.20
CA LEU C 30 -32.06 5.86 -4.86
C LEU C 30 -31.90 4.35 -4.69
N ILE C 31 -31.08 3.73 -5.53
CA ILE C 31 -30.86 2.30 -5.42
C ILE C 31 -29.37 1.98 -5.24
N ARG C 32 -29.11 0.78 -4.74
CA ARG C 32 -27.76 0.30 -4.61
C ARG C 32 -27.44 -0.54 -5.84
N ALA C 33 -26.18 -0.56 -6.24
CA ALA C 33 -25.78 -1.42 -7.34
C ALA C 33 -25.88 -2.86 -6.85
N GLY C 34 -25.59 -3.04 -5.57
CA GLY C 34 -25.72 -4.32 -4.90
C GLY C 34 -24.57 -5.24 -5.21
N SER C 35 -24.58 -5.77 -6.42
CA SER C 35 -23.58 -6.73 -6.88
C SER C 35 -23.75 -6.97 -8.37
N VAL C 36 -22.72 -7.53 -9.00
CA VAL C 36 -22.83 -7.88 -10.42
C VAL C 36 -23.94 -8.89 -10.66
N GLY C 37 -24.82 -8.59 -11.59
CA GLY C 37 -25.91 -9.48 -11.94
C GLY C 37 -27.19 -9.11 -11.21
N ALA C 38 -27.08 -8.18 -10.26
CA ALA C 38 -28.24 -7.72 -9.53
C ALA C 38 -29.06 -6.83 -10.44
N GLU C 39 -30.38 -7.02 -10.40
CA GLU C 39 -31.28 -6.33 -11.29
C GLU C 39 -32.44 -5.75 -10.53
N ALA C 40 -32.62 -4.45 -10.66
CA ALA C 40 -33.74 -3.76 -10.02
C ALA C 40 -34.94 -3.77 -10.97
N CYS C 41 -36.07 -4.24 -10.48
CA CYS C 41 -37.29 -4.26 -11.26
C CYS C 41 -38.27 -3.23 -10.71
N LEU C 42 -38.46 -2.15 -11.45
CA LEU C 42 -39.33 -1.07 -10.99
C LEU C 42 -40.54 -0.92 -11.90
N MET C 43 -41.72 -0.88 -11.29
CA MET C 43 -42.92 -0.50 -12.01
C MET C 43 -43.24 0.96 -11.73
N LEU C 44 -43.37 1.74 -12.79
CA LEU C 44 -43.61 3.17 -12.63
C LEU C 44 -45.06 3.52 -12.95
N LYS C 45 -45.57 4.54 -12.27
CA LYS C 45 -46.90 5.06 -12.56
C LYS C 45 -46.79 6.53 -12.90
N GLY C 46 -47.63 7.00 -13.82
CA GLY C 46 -47.64 8.39 -14.20
C GLY C 46 -48.01 9.29 -13.04
N VAL C 47 -47.38 10.46 -12.97
CA VAL C 47 -47.63 11.39 -11.88
C VAL C 47 -48.88 12.23 -12.16
N LYS C 48 -49.10 12.55 -13.43
CA LYS C 48 -50.27 13.34 -13.79
C LYS C 48 -51.26 12.53 -14.64
N GLU C 49 -50.78 11.91 -15.71
CA GLU C 49 -51.63 11.00 -16.47
C GLU C 49 -51.69 9.63 -15.78
N ASP C 50 -52.67 8.81 -16.14
CA ASP C 50 -52.74 7.45 -15.60
C ASP C 50 -52.11 6.49 -16.58
N GLN C 51 -50.89 6.05 -16.23
CA GLN C 51 -50.08 5.28 -17.15
C GLN C 51 -49.11 4.45 -16.34
N THR C 52 -48.69 3.32 -16.89
CA THR C 52 -47.67 2.52 -16.24
C THR C 52 -46.57 2.10 -17.22
N LYS C 53 -45.35 1.98 -16.72
CA LYS C 53 -44.25 1.47 -17.53
C LYS C 53 -43.33 0.64 -16.63
N PHE C 54 -42.80 -0.43 -17.19
CA PHE C 54 -41.97 -1.34 -16.41
C PHE C 54 -40.52 -1.16 -16.87
N LEU C 55 -39.62 -1.10 -15.92
CA LEU C 55 -38.25 -0.71 -16.22
C LEU C 55 -37.30 -1.62 -15.44
N LYS C 56 -36.20 -1.99 -16.07
CA LYS C 56 -35.25 -2.90 -15.44
C LYS C 56 -33.81 -2.41 -15.59
N ILE C 57 -33.12 -2.36 -14.46
CA ILE C 57 -31.74 -1.91 -14.42
C ILE C 57 -30.86 -2.99 -13.82
N LYS C 58 -29.87 -3.43 -14.59
CA LYS C 58 -29.01 -4.51 -14.18
C LYS C 58 -27.55 -4.06 -14.13
N THR C 59 -26.88 -4.36 -13.02
CA THR C 59 -25.45 -4.13 -12.92
C THR C 59 -24.71 -5.23 -13.67
N VAL C 60 -24.03 -4.88 -14.75
CA VAL C 60 -23.35 -5.87 -15.57
C VAL C 60 -21.89 -6.04 -15.16
N SER C 61 -21.21 -4.94 -14.88
CA SER C 61 -19.84 -5.01 -14.41
C SER C 61 -19.41 -3.77 -13.63
N SER C 62 -18.39 -3.95 -12.81
CA SER C 62 -17.74 -2.87 -12.08
C SER C 62 -16.24 -2.97 -12.29
N GLU C 63 -15.66 -2.03 -13.03
CA GLU C 63 -14.27 -2.12 -13.45
C GLU C 63 -13.42 -0.94 -12.97
N LEU C 64 -12.18 -1.23 -12.59
CA LEU C 64 -11.20 -0.19 -12.33
C LEU C 64 -10.06 -0.28 -13.35
N SER C 65 -9.96 0.71 -14.23
CA SER C 65 -8.90 0.71 -15.24
C SER C 65 -7.59 1.24 -14.67
N CYS C 66 -6.52 0.50 -14.91
CA CYS C 66 -5.19 0.93 -14.52
C CYS C 66 -4.59 1.93 -15.50
N ARG C 67 -4.35 3.14 -15.01
CA ARG C 67 -3.55 4.11 -15.77
C ARG C 67 -2.14 4.04 -15.23
N GLU C 68 -1.21 3.65 -16.09
CA GLU C 68 0.14 3.32 -15.66
C GLU C 68 0.98 4.53 -15.33
N GLY C 69 1.98 4.31 -14.49
CA GLY C 69 3.00 5.32 -14.22
C GLY C 69 4.33 4.88 -14.81
N GLN C 70 5.37 4.92 -13.99
CA GLN C 70 6.71 4.51 -14.39
C GLN C 70 6.75 3.08 -14.91
N SER C 71 7.59 2.85 -15.91
CA SER C 71 7.72 1.55 -16.55
C SER C 71 9.17 1.21 -16.95
N TYR C 72 9.48 -0.08 -17.06
CA TYR C 72 10.79 -0.51 -17.57
C TYR C 72 10.74 -1.92 -18.14
N TRP C 73 11.71 -2.24 -18.99
CA TRP C 73 11.84 -3.58 -19.54
C TRP C 73 12.96 -4.33 -18.83
N THR C 74 12.81 -5.64 -18.69
CA THR C 74 13.82 -6.49 -18.09
C THR C 74 13.78 -7.88 -18.70
N GLY C 75 14.65 -8.78 -18.26
CA GLY C 75 14.70 -10.12 -18.80
C GLY C 75 15.68 -11.04 -18.11
N SER C 76 16.11 -12.07 -18.82
CA SER C 76 17.07 -13.03 -18.26
C SER C 76 18.45 -12.83 -18.86
N PHE C 77 19.44 -12.62 -18.00
CA PHE C 77 20.79 -12.39 -18.46
C PHE C 77 21.77 -13.38 -17.86
N SER C 78 22.81 -13.68 -18.63
CA SER C 78 23.88 -14.56 -18.19
C SER C 78 25.20 -13.90 -18.55
N PRO C 79 26.24 -14.13 -17.74
CA PRO C 79 27.53 -13.51 -18.03
C PRO C 79 28.45 -14.40 -18.86
N LYS C 80 29.26 -13.77 -19.70
CA LYS C 80 30.27 -14.44 -20.50
C LYS C 80 31.60 -13.75 -20.23
N CYS C 81 32.65 -14.51 -19.93
CA CYS C 81 33.93 -13.84 -19.67
C CYS C 81 35.13 -14.45 -20.38
N LEU C 82 36.10 -13.59 -20.67
CA LEU C 82 37.40 -13.98 -21.19
C LEU C 82 38.41 -13.77 -20.08
N SER C 83 39.42 -14.63 -20.00
CA SER C 83 40.45 -14.43 -18.98
C SER C 83 41.85 -14.70 -19.54
N SER C 84 42.83 -13.99 -18.98
CA SER C 84 44.22 -14.19 -19.34
C SER C 84 45.14 -13.80 -18.18
N ARG C 85 45.93 -14.75 -17.70
CA ARG C 85 46.86 -14.47 -16.61
C ARG C 85 48.26 -14.20 -17.10
N ARG C 86 48.82 -13.07 -16.67
CA ARG C 86 50.19 -12.69 -16.97
C ARG C 86 51.05 -12.73 -15.71
N CYS C 87 52.30 -13.17 -15.86
CA CYS C 87 53.25 -13.08 -14.76
C CYS C 87 53.61 -11.61 -14.52
N HIS C 88 54.04 -11.29 -13.30
CA HIS C 88 54.42 -9.94 -12.96
C HIS C 88 55.55 -9.46 -13.88
N LEU C 89 55.46 -8.21 -14.32
CA LEU C 89 56.42 -7.57 -15.24
C LEU C 89 56.23 -8.03 -16.68
N VAL C 90 55.18 -8.81 -16.93
CA VAL C 90 54.80 -9.18 -18.29
C VAL C 90 53.50 -8.50 -18.68
N GLY C 91 53.48 -7.91 -19.87
CA GLY C 91 52.31 -7.20 -20.35
C GLY C 91 52.02 -5.95 -19.53
N GLU C 92 50.78 -5.82 -19.10
CA GLU C 92 50.37 -4.66 -18.30
C GLU C 92 50.62 -4.92 -16.83
N CYS C 93 50.97 -6.15 -16.50
CA CYS C 93 51.18 -6.53 -15.11
C CYS C 93 52.39 -5.84 -14.50
N HIS C 94 52.25 -4.53 -14.28
CA HIS C 94 53.33 -3.74 -13.68
C HIS C 94 52.85 -3.02 -12.41
N VAL C 95 53.81 -2.80 -11.51
CA VAL C 95 53.65 -2.05 -10.26
C VAL C 95 52.21 -2.02 -9.68
N ASN C 96 51.48 -0.93 -9.90
CA ASN C 96 50.17 -0.74 -9.28
C ASN C 96 49.01 -1.26 -10.11
N ARG C 97 49.29 -1.61 -11.36
CA ARG C 97 48.27 -1.66 -12.40
C ARG C 97 47.11 -2.61 -12.11
N CYS C 98 47.40 -3.78 -11.58
CA CYS C 98 46.34 -4.76 -11.35
C CYS C 98 45.32 -4.29 -10.30
N LEU C 99 45.81 -3.76 -9.19
CA LEU C 99 44.94 -3.32 -8.11
C LEU C 99 44.21 -2.03 -8.45
N SER C 100 44.64 -1.40 -9.55
CA SER C 100 44.10 -0.12 -9.96
C SER C 100 43.18 -0.23 -11.16
N TRP C 101 42.84 -1.45 -11.56
CA TRP C 101 42.06 -1.64 -12.79
C TRP C 101 40.66 -1.05 -12.66
N ARG C 102 40.27 -0.28 -13.68
CA ARG C 102 38.93 0.30 -13.73
C ARG C 102 37.99 -0.59 -14.52
N ASP C 103 36.71 -0.56 -14.17
CA ASP C 103 35.69 -1.37 -14.83
C ASP C 103 35.62 -1.08 -16.33
N ASN C 104 35.84 0.18 -16.69
CA ASN C 104 35.70 0.60 -18.08
C ASN C 104 37.01 0.58 -18.86
N GLU C 105 38.07 0.00 -18.28
CA GLU C 105 39.32 -0.18 -19.02
C GLU C 105 39.43 -1.61 -19.55
N THR C 106 39.59 -1.75 -20.86
CA THR C 106 39.75 -3.06 -21.47
C THR C 106 41.23 -3.39 -21.63
N SER C 107 41.62 -4.57 -21.17
CA SER C 107 43.03 -4.98 -21.20
C SER C 107 43.51 -5.25 -22.63
N ALA C 108 44.80 -5.03 -22.87
CA ALA C 108 45.41 -5.32 -24.16
C ALA C 108 45.30 -6.81 -24.49
N GLU C 109 45.19 -7.63 -23.45
CA GLU C 109 45.01 -9.08 -23.59
C GLU C 109 43.83 -9.45 -24.51
N PHE C 110 42.88 -8.53 -24.68
CA PHE C 110 41.68 -8.81 -25.44
C PHE C 110 41.47 -7.84 -26.60
N SER C 111 42.52 -7.59 -27.38
CA SER C 111 42.43 -6.69 -28.51
C SER C 111 41.58 -7.27 -29.64
N PHE C 112 41.54 -8.59 -29.71
CA PHE C 112 40.78 -9.30 -30.74
C PHE C 112 39.28 -9.07 -30.61
N VAL C 113 38.87 -8.53 -29.48
CA VAL C 113 37.47 -8.23 -29.22
C VAL C 113 37.08 -6.92 -29.90
N GLY C 114 36.02 -6.98 -30.70
CA GLY C 114 35.57 -5.85 -31.49
C GLY C 114 34.93 -4.74 -30.67
N GLU C 115 34.31 -3.78 -31.36
CA GLU C 115 33.68 -2.66 -30.67
C GLU C 115 32.33 -3.13 -30.12
N SER C 116 32.03 -2.74 -28.89
CA SER C 116 30.86 -3.29 -28.22
C SER C 116 29.84 -2.22 -27.83
N THR C 117 28.58 -2.61 -27.85
CA THR C 117 27.50 -1.80 -27.32
C THR C 117 26.70 -2.59 -26.30
N THR C 118 27.36 -3.60 -25.73
CA THR C 118 26.77 -4.52 -24.76
C THR C 118 27.22 -4.16 -23.34
N MET C 119 26.39 -4.45 -22.35
CA MET C 119 26.78 -4.32 -20.95
C MET C 119 28.01 -5.17 -20.67
N ARG C 120 29.06 -4.52 -20.16
CA ARG C 120 30.32 -5.19 -19.94
C ARG C 120 31.12 -4.53 -18.83
N GLU C 121 32.09 -5.26 -18.30
CA GLU C 121 33.01 -4.70 -17.32
C GLU C 121 34.32 -5.45 -17.39
N ASN C 122 35.34 -4.88 -16.76
CA ASN C 122 36.65 -5.48 -16.77
C ASN C 122 37.23 -5.54 -15.38
N LYS C 123 37.90 -6.63 -15.08
CA LYS C 123 38.49 -6.81 -13.76
C LYS C 123 39.94 -7.24 -13.89
N CYS C 124 40.69 -7.03 -12.81
CA CYS C 124 42.00 -7.64 -12.69
C CYS C 124 42.16 -8.18 -11.27
N PHE C 125 42.46 -9.47 -11.18
CA PHE C 125 42.68 -10.08 -9.89
C PHE C 125 44.14 -10.49 -9.75
N GLU C 126 44.72 -10.11 -8.63
CA GLU C 126 46.07 -10.53 -8.30
C GLU C 126 46.04 -12.01 -7.99
N GLN C 127 47.00 -12.75 -8.53
CA GLN C 127 47.13 -14.17 -8.21
C GLN C 127 48.55 -14.47 -7.76
N CYS C 128 48.77 -15.70 -7.34
CA CYS C 128 50.07 -16.15 -6.85
C CYS C 128 51.18 -16.04 -7.89
N GLY C 129 52.39 -15.75 -7.44
CA GLY C 129 53.55 -15.72 -8.32
C GLY C 129 54.48 -16.86 -7.99
N GLY C 130 55.68 -16.82 -8.55
CA GLY C 130 56.71 -17.80 -8.25
C GLY C 130 56.57 -19.07 -9.07
N HIS C 131 57.53 -19.98 -8.91
CA HIS C 131 57.58 -21.21 -9.70
C HIS C 131 56.36 -22.08 -9.47
N GLY C 132 55.81 -22.02 -8.26
CA GLY C 132 54.62 -22.76 -7.92
C GLY C 132 53.44 -22.42 -8.81
N CYS C 133 53.48 -21.24 -9.42
CA CYS C 133 52.37 -20.78 -10.24
C CYS C 133 52.78 -20.46 -11.68
N GLY C 134 53.90 -21.02 -12.11
CA GLY C 134 54.32 -20.90 -13.49
C GLY C 134 54.98 -19.59 -13.85
N CYS C 135 55.54 -18.91 -12.86
CA CYS C 135 56.17 -17.61 -13.08
C CYS C 135 57.56 -17.58 -12.48
N PHE C 136 58.49 -16.89 -13.13
CA PHE C 136 59.81 -16.73 -12.53
C PHE C 136 59.74 -15.67 -11.44
N ASN C 137 59.03 -14.59 -11.75
CA ASN C 137 58.84 -13.50 -10.81
C ASN C 137 57.98 -13.97 -9.63
N VAL C 138 58.39 -13.59 -8.42
CA VAL C 138 57.73 -14.12 -7.22
C VAL C 138 56.58 -13.24 -6.78
N ASN C 139 56.48 -12.08 -7.40
CA ASN C 139 55.42 -11.11 -7.08
C ASN C 139 54.10 -11.56 -7.70
N PRO C 140 52.97 -10.94 -7.27
CA PRO C 140 51.68 -11.39 -7.78
C PRO C 140 51.52 -11.34 -9.30
N SER C 141 50.96 -12.40 -9.87
CA SER C 141 50.60 -12.40 -11.28
C SER C 141 49.23 -11.73 -11.43
N CYS C 142 48.88 -11.38 -12.66
CA CYS C 142 47.63 -10.67 -12.91
C CYS C 142 46.70 -11.49 -13.77
N LEU C 143 45.52 -11.78 -13.24
CA LEU C 143 44.45 -12.40 -14.01
C LEU C 143 43.53 -11.33 -14.57
N PHE C 144 43.60 -11.10 -15.88
CA PHE C 144 42.79 -10.08 -16.53
C PHE C 144 41.49 -10.70 -17.00
N VAL C 145 40.38 -9.97 -16.77
CA VAL C 145 39.05 -10.47 -17.07
C VAL C 145 38.21 -9.45 -17.84
N HIS C 146 37.62 -9.90 -18.94
CA HIS C 146 36.63 -9.09 -19.66
C HIS C 146 35.29 -9.83 -19.71
N THR C 147 34.27 -9.24 -19.08
CA THR C 147 32.96 -9.87 -18.98
C THR C 147 31.91 -9.08 -19.73
N TYR C 148 30.99 -9.77 -20.40
CA TYR C 148 29.82 -9.12 -20.96
C TYR C 148 28.57 -9.96 -20.69
N LEU C 149 27.41 -9.32 -20.71
CA LEU C 149 26.16 -10.01 -20.43
C LEU C 149 25.44 -10.35 -21.73
N GLN C 150 24.63 -11.40 -21.70
CA GLN C 150 23.81 -11.72 -22.87
C GLN C 150 22.43 -12.14 -22.38
N SER C 151 21.41 -11.81 -23.17
CA SER C 151 20.05 -12.20 -22.88
C SER C 151 19.91 -13.72 -23.06
N VAL C 152 19.30 -14.39 -22.10
CA VAL C 152 19.18 -15.84 -22.16
C VAL C 152 18.04 -16.22 -23.10
N ARG C 153 16.96 -15.45 -23.09
CA ARG C 153 15.85 -15.66 -24.01
C ARG C 153 15.76 -14.51 -25.00
N LYS C 154 15.12 -14.73 -26.14
CA LYS C 154 14.89 -13.65 -27.08
C LYS C 154 13.47 -13.13 -26.95
N GLU C 155 13.11 -12.84 -25.70
CA GLU C 155 11.85 -12.18 -25.36
C GLU C 155 12.11 -11.35 -24.10
N ALA C 156 11.24 -10.39 -23.83
CA ALA C 156 11.42 -9.52 -22.69
C ALA C 156 10.14 -9.35 -21.91
N LEU C 157 10.24 -8.69 -20.76
CA LEU C 157 9.09 -8.45 -19.89
C LEU C 157 9.02 -6.96 -19.55
N ARG C 158 7.81 -6.40 -19.53
CA ARG C 158 7.66 -5.01 -19.16
C ARG C 158 6.99 -4.89 -17.80
N VAL C 159 7.67 -4.22 -16.88
CA VAL C 159 7.19 -4.05 -15.52
C VAL C 159 6.69 -2.63 -15.34
N PHE C 160 5.52 -2.47 -14.74
CA PHE C 160 4.96 -1.14 -14.52
C PHE C 160 4.13 -1.09 -13.25
N ASN C 161 3.88 0.13 -12.76
CA ASN C 161 2.96 0.31 -11.65
C ASN C 161 1.69 1.04 -12.09
N CYS C 162 0.69 1.07 -11.21
CA CYS C 162 -0.56 1.74 -11.54
C CYS C 162 -0.76 2.95 -10.64
N ILE C 163 -0.79 4.13 -11.24
CA ILE C 163 -0.95 5.36 -10.48
C ILE C 163 -2.42 5.72 -10.29
N ASP C 164 -3.22 5.47 -11.33
CA ASP C 164 -4.64 5.78 -11.28
C ASP C 164 -5.49 4.53 -11.51
N TRP C 165 -6.56 4.39 -10.73
CA TRP C 165 -7.55 3.35 -10.94
C TRP C 165 -8.91 3.99 -11.21
N VAL C 166 -9.29 4.06 -12.48
CA VAL C 166 -10.47 4.82 -12.91
C VAL C 166 -11.73 3.95 -13.02
N HIS C 167 -12.75 4.29 -12.24
CA HIS C 167 -13.93 3.44 -12.17
C HIS C 167 -14.86 3.57 -13.37
N LYS C 168 -15.31 2.43 -13.86
CA LYS C 168 -16.35 2.37 -14.88
C LYS C 168 -17.42 1.36 -14.47
N LEU C 169 -18.62 1.88 -14.21
CA LEU C 169 -19.75 1.03 -13.88
C LEU C 169 -20.63 0.85 -15.12
N THR C 170 -20.93 -0.39 -15.47
CA THR C 170 -21.71 -0.68 -16.67
C THR C 170 -23.09 -1.22 -16.29
N LEU C 171 -24.13 -0.61 -16.83
CA LEU C 171 -25.49 -1.06 -16.53
C LEU C 171 -26.23 -1.48 -17.80
N GLU C 172 -27.05 -2.51 -17.68
CA GLU C 172 -27.99 -2.87 -18.72
C GLU C 172 -29.38 -2.38 -18.33
N ILE C 173 -30.00 -1.61 -19.21
CA ILE C 173 -31.33 -1.07 -18.95
C ILE C 173 -32.33 -1.61 -19.95
N THR C 174 -33.44 -2.14 -19.44
CA THR C 174 -34.54 -2.60 -20.28
C THR C 174 -35.71 -1.61 -20.25
N ASP C 175 -36.02 -1.00 -21.39
CA ASP C 175 -37.10 -0.01 -21.45
C ASP C 175 -38.45 -0.71 -21.35
N PHE C 176 -39.53 0.06 -21.41
CA PHE C 176 -40.88 -0.48 -21.24
C PHE C 176 -41.24 -1.51 -22.31
N ASP C 177 -40.70 -1.32 -23.50
CA ASP C 177 -41.02 -2.17 -24.65
C ASP C 177 -40.12 -3.40 -24.72
N GLY C 178 -39.27 -3.58 -23.72
CA GLY C 178 -38.38 -4.72 -23.67
C GLY C 178 -37.04 -4.41 -24.34
N SER C 179 -36.91 -3.17 -24.81
CA SER C 179 -35.70 -2.74 -25.49
C SER C 179 -34.53 -2.63 -24.52
N VAL C 180 -33.41 -3.25 -24.87
CA VAL C 180 -32.23 -3.27 -24.03
C VAL C 180 -31.17 -2.27 -24.51
N SER C 181 -30.56 -1.55 -23.58
CA SER C 181 -29.48 -0.62 -23.91
C SER C 181 -28.40 -0.67 -22.83
N THR C 182 -27.20 -0.23 -23.18
CA THR C 182 -26.09 -0.24 -22.24
C THR C 182 -25.59 1.16 -21.96
N ILE C 183 -25.31 1.45 -20.68
CA ILE C 183 -24.65 2.70 -20.34
C ILE C 183 -23.46 2.45 -19.41
N ASP C 184 -22.49 3.36 -19.47
CA ASP C 184 -21.30 3.27 -18.64
C ASP C 184 -21.24 4.50 -17.74
N LEU C 185 -20.92 4.34 -16.47
CA LEU C 185 -20.86 5.49 -15.58
C LEU C 185 -19.54 5.56 -14.81
N GLY C 186 -18.96 6.77 -14.82
CA GLY C 186 -17.80 7.08 -14.01
C GLY C 186 -18.22 7.84 -12.75
N ALA C 187 -17.26 8.17 -11.90
CA ALA C 187 -17.52 8.94 -10.69
C ALA C 187 -18.26 10.25 -10.97
N SER C 188 -19.34 10.47 -10.22
CA SER C 188 -20.15 11.70 -10.32
C SER C 188 -20.64 11.97 -11.73
N SER C 189 -21.05 10.92 -12.43
CA SER C 189 -21.49 11.03 -13.82
C SER C 189 -22.98 10.75 -13.95
N SER C 190 -23.58 11.33 -14.99
CA SER C 190 -25.01 11.20 -15.24
C SER C 190 -25.20 10.89 -16.71
N ARG C 191 -26.23 10.12 -17.03
CA ARG C 191 -26.49 9.85 -18.43
C ARG C 191 -27.99 9.89 -18.66
N PHE C 192 -28.43 10.49 -19.76
CA PHE C 192 -29.86 10.62 -20.03
C PHE C 192 -30.39 9.40 -20.75
N THR C 193 -31.60 9.00 -20.38
CA THR C 193 -32.27 7.90 -21.06
C THR C 193 -33.56 8.43 -21.66
N ASN C 194 -34.32 7.56 -22.33
CA ASN C 194 -35.62 7.94 -22.88
C ASN C 194 -36.61 8.39 -21.81
N TRP C 195 -36.45 7.85 -20.61
CA TRP C 195 -37.43 8.01 -19.55
C TRP C 195 -36.94 8.90 -18.41
N GLY C 196 -35.76 9.47 -18.59
CA GLY C 196 -35.19 10.34 -17.58
C GLY C 196 -33.68 10.28 -17.55
N SER C 197 -33.12 9.90 -16.40
CA SER C 197 -31.68 9.82 -16.27
C SER C 197 -31.30 8.86 -15.17
N VAL C 198 -30.04 8.45 -15.20
CA VAL C 198 -29.43 7.67 -14.14
C VAL C 198 -28.03 8.20 -13.86
N SER C 199 -27.72 8.37 -12.59
CA SER C 199 -26.44 8.94 -12.21
C SER C 199 -25.77 8.15 -11.09
N LEU C 200 -24.44 8.07 -11.17
CA LEU C 200 -23.67 7.41 -10.13
C LEU C 200 -23.37 8.44 -9.04
N SER C 201 -24.22 8.50 -8.03
CA SER C 201 -24.23 9.62 -7.10
C SER C 201 -23.31 9.38 -5.91
N LEU C 202 -22.97 8.13 -5.65
CA LEU C 202 -22.00 7.83 -4.61
C LEU C 202 -21.21 6.58 -4.93
N ASP C 203 -19.90 6.75 -4.98
CA ASP C 203 -19.01 5.70 -5.41
C ASP C 203 -18.05 5.32 -4.28
N ALA C 204 -18.11 4.07 -3.85
CA ALA C 204 -17.23 3.59 -2.79
C ALA C 204 -16.31 2.48 -3.30
N GLU C 205 -16.14 2.39 -4.61
CA GLU C 205 -15.28 1.39 -5.21
C GLU C 205 -13.85 1.89 -5.35
N GLY C 206 -12.88 0.99 -5.21
CA GLY C 206 -11.48 1.34 -5.30
C GLY C 206 -10.60 0.22 -4.76
N ILE C 207 -9.30 0.33 -5.00
CA ILE C 207 -8.35 -0.67 -4.50
C ILE C 207 -7.95 -0.38 -3.06
N SER C 208 -8.27 -1.29 -2.16
CA SER C 208 -7.94 -1.15 -0.75
C SER C 208 -7.27 -2.42 -0.23
N GLY C 209 -6.70 -2.35 0.98
CA GLY C 209 -5.97 -3.47 1.53
C GLY C 209 -4.62 -3.06 2.08
N SER C 210 -3.81 -4.06 2.39
CA SER C 210 -2.55 -3.84 3.09
C SER C 210 -1.34 -4.23 2.25
N ASN C 211 -1.55 -4.46 0.96
CA ASN C 211 -0.47 -4.85 0.06
C ASN C 211 -0.28 -3.89 -1.10
N SER C 212 0.98 -3.62 -1.44
CA SER C 212 1.30 -2.88 -2.64
C SER C 212 1.67 -3.87 -3.71
N PHE C 213 1.37 -3.55 -4.97
CA PHE C 213 1.70 -4.45 -6.04
C PHE C 213 1.95 -3.72 -7.35
N SER C 214 2.40 -4.48 -8.34
CA SER C 214 2.74 -3.95 -9.65
C SER C 214 2.43 -5.05 -10.66
N PHE C 215 2.69 -4.79 -11.94
CA PHE C 215 2.29 -5.75 -12.96
C PHE C 215 3.40 -5.97 -13.97
N ILE C 216 3.36 -7.12 -14.65
CA ILE C 216 4.30 -7.38 -15.73
C ILE C 216 3.54 -7.65 -17.02
N GLU C 217 4.02 -7.10 -18.12
CA GLU C 217 3.53 -7.45 -19.45
C GLU C 217 4.51 -8.35 -20.20
N SER C 218 4.01 -9.51 -20.64
CA SER C 218 4.72 -10.33 -21.60
C SER C 218 4.09 -10.08 -22.97
N PRO C 219 4.82 -9.38 -23.86
CA PRO C 219 4.29 -8.97 -25.16
C PRO C 219 3.69 -10.13 -25.94
N GLY C 220 2.39 -10.04 -26.23
CA GLY C 220 1.72 -11.06 -26.99
C GLY C 220 1.33 -12.29 -26.18
N LYS C 221 1.63 -12.29 -24.88
CA LYS C 221 1.35 -13.45 -24.04
C LYS C 221 0.66 -13.08 -22.73
N GLY C 222 0.06 -11.91 -22.66
CA GLY C 222 -0.75 -11.58 -21.50
C GLY C 222 0.00 -10.90 -20.36
N TYR C 223 -0.62 -10.94 -19.19
CA TYR C 223 -0.15 -10.21 -18.01
C TYR C 223 0.02 -11.01 -16.73
N ALA C 224 0.77 -10.42 -15.80
CA ALA C 224 0.95 -11.02 -14.49
C ALA C 224 1.00 -9.96 -13.38
N ILE C 225 0.56 -10.35 -12.20
CA ILE C 225 0.67 -9.49 -11.02
C ILE C 225 1.97 -9.80 -10.25
N VAL C 226 2.52 -8.76 -9.63
CA VAL C 226 3.64 -8.91 -8.71
C VAL C 226 3.19 -8.48 -7.33
N ASP C 227 3.21 -9.40 -6.37
CA ASP C 227 2.74 -9.09 -5.03
C ASP C 227 3.81 -8.39 -4.21
N GLU C 228 4.29 -7.25 -4.72
CA GLU C 228 5.37 -6.49 -4.11
C GLU C 228 5.39 -5.06 -4.64
N PRO C 229 5.90 -4.12 -3.83
CA PRO C 229 6.06 -2.72 -4.28
C PRO C 229 6.91 -2.63 -5.53
N PHE C 230 6.51 -1.75 -6.44
CA PHE C 230 7.31 -1.43 -7.61
C PHE C 230 8.58 -0.72 -7.15
N SER C 231 9.74 -1.24 -7.52
CA SER C 231 11.00 -0.58 -7.16
C SER C 231 11.41 0.36 -8.28
N GLU C 232 11.59 1.64 -7.96
CA GLU C 232 11.74 2.65 -8.99
C GLU C 232 13.19 2.79 -9.48
N ILE C 233 14.13 2.17 -8.77
CA ILE C 233 15.53 2.17 -9.18
C ILE C 233 16.08 0.74 -9.08
N PRO C 234 17.14 0.42 -9.84
CA PRO C 234 17.65 -0.96 -9.82
C PRO C 234 18.22 -1.37 -8.46
N ARG C 235 17.82 -2.53 -7.97
CA ARG C 235 18.28 -3.03 -6.68
C ARG C 235 18.49 -4.53 -6.71
N GLN C 236 19.62 -4.97 -6.17
CA GLN C 236 19.97 -6.38 -6.12
C GLN C 236 18.96 -7.20 -5.30
N GLY C 237 18.48 -8.29 -5.88
CA GLY C 237 17.55 -9.18 -5.18
C GLY C 237 16.11 -8.79 -5.46
N PHE C 238 15.93 -7.80 -6.33
CA PHE C 238 14.61 -7.33 -6.69
C PHE C 238 14.40 -7.48 -8.18
N LEU C 239 13.14 -7.67 -8.57
CA LEU C 239 12.74 -7.60 -9.96
C LEU C 239 13.22 -6.25 -10.50
N GLY C 240 13.89 -6.26 -11.64
CA GLY C 240 14.39 -5.05 -12.23
C GLY C 240 15.80 -4.64 -11.81
N GLU C 241 16.57 -5.57 -11.25
CA GLU C 241 17.96 -5.29 -10.89
C GLU C 241 18.80 -5.00 -12.14
N ILE C 242 18.35 -5.53 -13.27
CA ILE C 242 18.79 -5.05 -14.58
C ILE C 242 17.57 -4.56 -15.32
N ARG C 243 17.59 -3.32 -15.82
CA ARG C 243 16.44 -2.77 -16.53
C ARG C 243 16.84 -1.88 -17.71
N CYS C 244 15.94 -1.81 -18.69
CA CYS C 244 16.19 -1.11 -19.94
C CYS C 244 15.00 -0.22 -20.28
N ASN C 245 15.14 0.60 -21.33
CA ASN C 245 14.05 1.48 -21.73
C ASN C 245 13.29 0.96 -22.94
N SER C 246 13.63 -0.24 -23.39
CA SER C 246 12.98 -0.84 -24.54
C SER C 246 13.14 -2.35 -24.56
N GLU C 247 12.29 -3.03 -25.33
CA GLU C 247 12.34 -4.47 -25.49
C GLU C 247 13.61 -4.90 -26.25
N SER C 248 13.96 -4.13 -27.28
CA SER C 248 15.10 -4.48 -28.11
C SER C 248 16.41 -4.31 -27.36
N SER C 249 16.43 -3.45 -26.35
CA SER C 249 17.63 -3.27 -25.55
C SER C 249 17.87 -4.44 -24.62
N VAL C 250 16.78 -5.08 -24.19
CA VAL C 250 16.85 -6.27 -23.34
C VAL C 250 17.43 -7.45 -24.11
N LEU C 251 16.95 -7.63 -25.34
CA LEU C 251 17.34 -8.76 -26.17
C LEU C 251 18.81 -8.68 -26.57
N SER C 252 19.31 -7.47 -26.79
CA SER C 252 20.72 -7.27 -27.17
C SER C 252 21.61 -7.02 -25.96
N ALA C 253 21.02 -7.02 -24.77
CA ALA C 253 21.72 -6.64 -23.54
C ALA C 253 22.52 -5.34 -23.73
N HIS C 254 21.87 -4.33 -24.28
CA HIS C 254 22.51 -3.07 -24.65
C HIS C 254 23.19 -2.35 -23.48
N GLU C 255 24.19 -1.54 -23.77
CA GLU C 255 24.96 -0.87 -22.71
C GLU C 255 24.17 0.28 -22.07
N SER C 256 23.07 0.68 -22.70
CA SER C 256 22.23 1.74 -22.15
C SER C 256 21.42 1.24 -20.94
N CYS C 257 21.30 -0.07 -20.78
CA CYS C 257 20.61 -0.65 -19.63
C CYS C 257 21.31 -0.27 -18.33
N LEU C 258 20.51 -0.11 -17.28
CA LEU C 258 21.05 0.13 -15.95
C LEU C 258 21.11 -1.19 -15.20
N ARG C 259 22.09 -1.33 -14.33
CA ARG C 259 22.11 -2.49 -13.45
C ARG C 259 22.58 -2.08 -12.07
N ALA C 260 22.04 -2.75 -11.04
CA ALA C 260 22.48 -2.54 -9.68
C ALA C 260 23.97 -2.84 -9.54
N PRO C 261 24.62 -2.31 -8.50
CA PRO C 261 26.06 -2.59 -8.36
C PRO C 261 26.39 -4.05 -7.98
N ASN C 262 27.51 -4.55 -8.47
CA ASN C 262 28.09 -5.83 -8.06
C ASN C 262 27.25 -7.07 -8.38
N LEU C 263 26.67 -7.11 -9.57
CA LEU C 263 25.80 -8.22 -9.95
C LEU C 263 26.57 -9.44 -10.45
N ILE C 264 27.80 -9.21 -10.89
CA ILE C 264 28.64 -10.32 -11.35
C ILE C 264 29.63 -10.73 -10.28
N SER C 265 29.61 -12.00 -9.92
CA SER C 265 30.58 -12.55 -8.97
C SER C 265 31.73 -13.22 -9.68
N TYR C 266 32.90 -13.18 -9.06
CA TYR C 266 34.11 -13.73 -9.66
C TYR C 266 34.79 -14.70 -8.72
N LYS C 267 35.19 -15.84 -9.27
CA LYS C 267 35.92 -16.84 -8.51
C LYS C 267 37.23 -17.13 -9.23
N PRO C 268 38.30 -16.40 -8.86
CA PRO C 268 39.62 -16.55 -9.49
C PRO C 268 40.35 -17.80 -9.00
N MET C 269 40.79 -18.63 -9.92
CA MET C 269 41.46 -19.89 -9.60
C MET C 269 42.76 -20.03 -10.38
N ILE C 270 43.68 -19.10 -10.16
CA ILE C 270 44.96 -19.03 -10.86
C ILE C 270 44.75 -18.92 -12.38
N ASP C 271 44.62 -20.03 -13.08
CA ASP C 271 44.39 -19.96 -14.54
C ASP C 271 42.95 -20.30 -14.94
N GLN C 272 42.14 -20.64 -13.95
CA GLN C 272 40.73 -20.85 -14.18
C GLN C 272 39.96 -19.70 -13.56
N LEU C 273 38.78 -19.43 -14.10
CA LEU C 273 37.94 -18.36 -13.57
C LEU C 273 36.47 -18.65 -13.80
N GLU C 274 35.66 -18.38 -12.77
CA GLU C 274 34.22 -18.46 -12.93
C GLU C 274 33.57 -17.11 -12.70
N CYS C 275 32.73 -16.70 -13.65
CA CYS C 275 31.93 -15.49 -13.50
C CYS C 275 30.46 -15.89 -13.51
N THR C 276 29.77 -15.55 -12.42
CA THR C 276 28.39 -15.95 -12.26
C THR C 276 27.49 -14.79 -11.87
N THR C 277 26.19 -14.98 -12.06
CA THR C 277 25.18 -14.09 -11.54
C THR C 277 24.14 -14.93 -10.82
N ASN C 278 23.47 -14.32 -9.85
CA ASN C 278 22.39 -14.98 -9.13
C ASN C 278 21.13 -14.10 -9.21
N LEU C 279 20.69 -13.81 -10.43
CA LEU C 279 19.61 -12.84 -10.66
C LEU C 279 18.22 -13.42 -10.47
N ILE C 280 17.31 -12.58 -10.00
CA ILE C 280 15.87 -12.85 -10.02
C ILE C 280 15.45 -13.21 -11.43
N ASP C 281 14.85 -14.38 -11.60
CA ASP C 281 14.33 -14.78 -12.90
C ASP C 281 12.93 -14.18 -13.09
N PRO C 282 12.82 -13.15 -13.94
CA PRO C 282 11.54 -12.45 -14.04
C PRO C 282 10.46 -13.32 -14.66
N PHE C 283 10.86 -14.35 -15.40
CA PHE C 283 9.89 -15.23 -16.06
C PHE C 283 9.27 -16.20 -15.06
N VAL C 284 10.02 -16.53 -14.02
CA VAL C 284 9.51 -17.32 -12.92
C VAL C 284 8.50 -16.49 -12.13
N VAL C 285 8.80 -15.21 -11.99
CA VAL C 285 7.91 -14.27 -11.32
C VAL C 285 6.61 -14.10 -12.10
N PHE C 286 6.72 -13.98 -13.42
CA PHE C 286 5.55 -13.82 -14.27
C PHE C 286 4.60 -15.00 -14.15
N GLU C 287 5.16 -16.21 -14.17
CA GLU C 287 4.36 -17.43 -14.17
C GLU C 287 3.55 -17.57 -12.87
N ARG C 288 4.15 -17.18 -11.75
CA ARG C 288 3.48 -17.29 -10.45
C ARG C 288 2.30 -16.30 -10.32
N GLY C 289 2.38 -15.16 -10.99
CA GLY C 289 1.36 -14.13 -10.86
C GLY C 289 0.53 -13.93 -12.10
N SER C 290 0.59 -14.89 -13.01
CA SER C 290 -0.10 -14.82 -14.30
C SER C 290 -1.60 -14.56 -14.12
N LEU C 291 -2.14 -13.63 -14.89
CA LEU C 291 -3.55 -13.24 -14.74
C LEU C 291 -4.49 -14.23 -15.41
N PRO C 292 -5.71 -14.39 -14.89
CA PRO C 292 -6.34 -13.61 -13.81
C PRO C 292 -5.91 -13.97 -12.39
N GLN C 293 -5.90 -12.96 -11.52
CA GLN C 293 -5.55 -13.12 -10.11
C GLN C 293 -6.53 -12.33 -9.24
N THR C 294 -6.87 -12.87 -8.08
CA THR C 294 -7.80 -12.18 -7.19
C THR C 294 -7.14 -11.76 -5.88
N ARG C 295 -7.30 -10.49 -5.54
CA ARG C 295 -6.81 -9.92 -4.29
C ARG C 295 -7.87 -9.01 -3.67
N ASN C 296 -8.26 -9.31 -2.44
CA ASN C 296 -9.29 -8.54 -1.74
C ASN C 296 -10.56 -8.37 -2.58
N ASP C 297 -11.03 -9.47 -3.16
CA ASP C 297 -12.24 -9.52 -3.98
C ASP C 297 -12.19 -8.69 -5.27
N LYS C 298 -11.02 -8.13 -5.58
CA LYS C 298 -10.79 -7.57 -6.90
C LYS C 298 -10.13 -8.63 -7.78
N THR C 299 -10.71 -8.86 -8.96
CA THR C 299 -10.11 -9.78 -9.91
C THR C 299 -9.37 -9.01 -10.98
N PHE C 300 -8.06 -9.20 -11.05
CA PHE C 300 -7.22 -8.48 -12.00
C PHE C 300 -7.09 -9.29 -13.28
N ALA C 301 -7.34 -8.65 -14.42
CA ALA C 301 -7.29 -9.34 -15.71
C ALA C 301 -6.93 -8.36 -16.81
N ALA C 302 -6.48 -8.88 -17.95
CA ALA C 302 -6.15 -8.05 -19.10
C ALA C 302 -7.43 -7.41 -19.59
N SER C 303 -7.36 -6.12 -19.92
CA SER C 303 -8.55 -5.42 -20.41
C SER C 303 -9.00 -6.01 -21.75
N LYS C 304 -10.28 -5.89 -22.02
CA LYS C 304 -10.84 -6.33 -23.29
C LYS C 304 -10.42 -5.36 -24.38
N GLY C 305 -9.99 -5.91 -25.50
CA GLY C 305 -9.46 -5.07 -26.56
C GLY C 305 -8.00 -4.76 -26.34
N ASN C 306 -7.17 -5.72 -26.70
CA ASN C 306 -5.73 -5.58 -26.70
C ASN C 306 -5.30 -5.27 -25.26
N ARG C 307 -4.86 -4.05 -24.94
CA ARG C 307 -4.17 -4.00 -23.66
C ARG C 307 -4.45 -2.97 -22.54
N GLY C 308 -3.62 -3.12 -21.50
CA GLY C 308 -3.78 -2.55 -20.18
C GLY C 308 -4.42 -3.59 -19.28
N VAL C 309 -4.29 -3.43 -17.97
CA VAL C 309 -4.93 -4.35 -17.03
C VAL C 309 -6.11 -3.68 -16.33
N GLN C 310 -7.03 -4.49 -15.82
CA GLN C 310 -8.24 -3.99 -15.19
C GLN C 310 -8.54 -4.75 -13.90
N ALA C 311 -9.20 -4.08 -12.96
CA ALA C 311 -9.67 -4.72 -11.74
C ALA C 311 -11.18 -4.87 -11.78
N PHE C 312 -11.67 -6.10 -11.81
CA PHE C 312 -13.11 -6.35 -11.88
C PHE C 312 -13.68 -6.68 -10.51
N SER C 313 -14.80 -6.07 -10.15
CA SER C 313 -15.59 -6.55 -9.04
C SER C 313 -16.62 -7.54 -9.58
N LYS C 314 -16.45 -8.82 -9.26
CA LYS C 314 -17.34 -9.84 -9.80
C LYS C 314 -18.38 -10.28 -8.77
N GLY C 315 -18.28 -9.75 -7.56
CA GLY C 315 -19.28 -9.98 -6.55
C GLY C 315 -19.96 -8.70 -6.11
N SER C 316 -19.76 -8.34 -4.84
CA SER C 316 -20.31 -7.12 -4.27
C SER C 316 -19.90 -5.86 -5.02
N VAL C 317 -20.80 -4.90 -5.11
CA VAL C 317 -20.49 -3.58 -5.66
C VAL C 317 -21.02 -2.49 -4.73
N GLN C 318 -20.15 -1.59 -4.29
CA GLN C 318 -20.55 -0.54 -3.37
C GLN C 318 -20.73 0.79 -4.07
N ALA C 319 -21.94 1.04 -4.58
CA ALA C 319 -22.22 2.25 -5.32
C ALA C 319 -23.71 2.56 -5.27
N ASP C 320 -24.04 3.85 -5.23
CA ASP C 320 -25.44 4.25 -5.20
C ASP C 320 -25.83 4.95 -6.49
N LEU C 321 -26.99 4.58 -7.01
CA LEU C 321 -27.50 5.16 -8.23
C LEU C 321 -28.76 5.96 -7.95
N THR C 322 -28.76 7.21 -8.40
CA THR C 322 -29.95 8.04 -8.31
C THR C 322 -30.70 7.96 -9.62
N LEU C 323 -31.93 7.49 -9.57
CA LEU C 323 -32.76 7.38 -10.77
C LEU C 323 -33.79 8.49 -10.79
N MET C 324 -33.94 9.12 -11.95
CA MET C 324 -34.94 10.15 -12.14
C MET C 324 -35.87 9.77 -13.28
N PHE C 325 -37.18 9.81 -13.03
CA PHE C 325 -38.17 9.49 -14.04
C PHE C 325 -39.01 10.70 -14.40
N ASP C 326 -39.02 11.08 -15.68
CA ASP C 326 -39.85 12.18 -16.15
C ASP C 326 -41.34 11.85 -16.03
N ASN C 327 -42.05 12.61 -15.19
CA ASN C 327 -43.50 12.47 -15.01
C ASN C 327 -43.97 11.08 -14.59
N PHE C 328 -43.06 10.31 -13.99
CA PHE C 328 -43.40 9.00 -13.47
C PHE C 328 -42.77 8.83 -12.09
N GLU C 329 -43.34 7.95 -11.27
CA GLU C 329 -42.78 7.65 -9.97
C GLU C 329 -42.91 6.17 -9.68
N VAL C 330 -42.27 5.69 -8.63
CA VAL C 330 -42.27 4.27 -8.32
C VAL C 330 -43.65 3.79 -7.84
N ASP C 331 -44.16 2.75 -8.50
CA ASP C 331 -45.40 2.11 -8.09
C ASP C 331 -45.05 0.95 -7.13
N PHE C 332 -44.30 -0.02 -7.65
CA PHE C 332 -43.77 -1.07 -6.80
C PHE C 332 -42.46 -1.62 -7.36
N VAL C 333 -41.71 -2.33 -6.51
CA VAL C 333 -40.49 -2.97 -6.99
C VAL C 333 -40.67 -4.49 -6.95
N GLY C 334 -39.97 -5.18 -7.84
CA GLY C 334 -40.06 -6.63 -7.90
C GLY C 334 -39.37 -7.32 -6.72
N ALA C 335 -39.99 -8.38 -6.21
CA ALA C 335 -39.43 -9.12 -5.10
C ALA C 335 -38.34 -10.08 -5.59
N ALA C 336 -37.42 -10.44 -4.70
CA ALA C 336 -36.43 -11.44 -5.04
C ALA C 336 -37.05 -12.83 -4.91
N VAL C 337 -36.54 -13.78 -5.71
CA VAL C 337 -37.01 -15.16 -5.64
C VAL C 337 -35.89 -16.02 -5.07
N SER C 338 -36.23 -17.25 -4.67
CA SER C 338 -35.28 -18.07 -3.93
C SER C 338 -34.28 -18.76 -4.85
N CYS C 339 -33.13 -19.13 -4.29
CA CYS C 339 -32.12 -19.92 -4.99
C CYS C 339 -32.03 -21.32 -4.42
N ASP C 340 -31.67 -22.25 -5.29
CA ASP C 340 -31.19 -23.55 -4.83
C ASP C 340 -29.69 -23.59 -5.13
N ALA C 341 -28.88 -24.01 -4.18
CA ALA C 341 -27.44 -24.04 -4.39
C ALA C 341 -26.81 -25.35 -3.97
N ALA C 342 -25.98 -25.93 -4.84
CA ALA C 342 -25.27 -27.16 -4.52
C ALA C 342 -23.76 -26.94 -4.67
N PHE C 343 -22.99 -27.46 -3.73
CA PHE C 343 -21.54 -27.34 -3.80
C PHE C 343 -20.96 -28.31 -4.82
N LEU C 344 -20.17 -27.78 -5.75
CA LEU C 344 -19.55 -28.61 -6.78
C LEU C 344 -18.14 -29.04 -6.37
N ASN C 345 -17.19 -28.12 -6.44
CA ASN C 345 -15.81 -28.44 -6.05
C ASN C 345 -15.06 -27.24 -5.45
N LEU C 346 -13.94 -27.55 -4.80
CA LEU C 346 -13.04 -26.55 -4.23
C LEU C 346 -11.60 -26.93 -4.57
N THR C 347 -10.92 -26.05 -5.31
CA THR C 347 -9.61 -26.37 -5.88
C THR C 347 -8.62 -25.23 -5.68
N GLY C 348 -7.39 -25.59 -5.32
CA GLY C 348 -6.33 -24.61 -5.21
C GLY C 348 -5.39 -24.88 -4.06
N CYS C 349 -4.74 -23.81 -3.62
CA CYS C 349 -3.77 -23.90 -2.53
C CYS C 349 -4.22 -23.14 -1.29
N TYR C 350 -3.61 -23.45 -0.16
CA TYR C 350 -3.83 -22.68 1.07
C TYR C 350 -2.58 -21.90 1.43
N SER C 351 -2.78 -20.84 2.21
CA SER C 351 -1.71 -19.92 2.58
C SER C 351 -0.92 -19.46 1.37
N CYS C 352 -1.64 -19.02 0.34
CA CYS C 352 -1.06 -18.56 -0.91
C CYS C 352 -1.79 -17.29 -1.34
N ASN C 353 -1.14 -16.45 -2.12
CA ASN C 353 -1.75 -15.20 -2.56
C ASN C 353 -2.89 -15.47 -3.55
N ALA C 354 -2.76 -16.52 -4.34
CA ALA C 354 -3.73 -16.83 -5.38
C ALA C 354 -5.04 -17.41 -4.83
N GLY C 355 -4.97 -18.09 -3.68
CA GLY C 355 -6.15 -18.63 -3.03
C GLY C 355 -6.75 -19.92 -3.58
N ALA C 356 -8.04 -20.11 -3.31
CA ALA C 356 -8.76 -21.32 -3.73
C ALA C 356 -10.07 -20.97 -4.43
N ARG C 357 -10.49 -21.85 -5.34
CA ARG C 357 -11.69 -21.61 -6.13
C ARG C 357 -12.87 -22.48 -5.71
N VAL C 358 -13.95 -21.86 -5.24
CA VAL C 358 -15.18 -22.60 -4.92
C VAL C 358 -16.15 -22.53 -6.08
N CYS C 359 -16.68 -23.68 -6.47
CA CYS C 359 -17.65 -23.73 -7.54
C CYS C 359 -18.99 -24.24 -7.02
N LEU C 360 -20.05 -23.58 -7.46
CA LEU C 360 -21.38 -23.83 -6.96
C LEU C 360 -22.34 -24.00 -8.14
N SER C 361 -23.37 -24.82 -7.96
CA SER C 361 -24.44 -24.92 -8.94
C SER C 361 -25.64 -24.15 -8.44
N ILE C 362 -26.06 -23.15 -9.19
CA ILE C 362 -27.15 -22.29 -8.74
C ILE C 362 -28.37 -22.39 -9.64
N THR C 363 -29.50 -22.74 -9.04
CA THR C 363 -30.77 -22.83 -9.74
C THR C 363 -31.74 -21.81 -9.17
N SER C 364 -32.28 -20.98 -10.06
CA SER C 364 -33.32 -20.03 -9.68
C SER C 364 -34.33 -19.85 -10.80
N THR C 365 -35.23 -18.89 -10.62
CA THR C 365 -36.28 -18.63 -11.60
C THR C 365 -36.26 -17.18 -12.05
N GLY C 366 -35.22 -16.45 -11.65
CA GLY C 366 -35.08 -15.05 -12.00
C GLY C 366 -33.68 -14.55 -11.71
N THR C 367 -33.30 -13.44 -12.31
CA THR C 367 -31.97 -12.89 -12.08
C THR C 367 -31.89 -12.28 -10.69
N GLY C 368 -30.77 -12.52 -10.03
CA GLY C 368 -30.61 -12.09 -8.65
C GLY C 368 -29.20 -12.31 -8.14
N THR C 369 -29.07 -12.47 -6.83
CA THR C 369 -27.77 -12.51 -6.19
C THR C 369 -27.72 -13.48 -5.01
N LEU C 370 -26.89 -14.50 -5.14
CA LEU C 370 -26.69 -15.44 -4.04
C LEU C 370 -25.71 -14.84 -3.04
N SER C 371 -26.07 -14.92 -1.77
CA SER C 371 -25.24 -14.39 -0.71
C SER C 371 -24.99 -15.49 0.31
N ALA C 372 -23.72 -15.74 0.62
CA ALA C 372 -23.36 -16.79 1.55
C ALA C 372 -22.29 -16.34 2.52
N HIS C 373 -22.35 -16.87 3.73
CA HIS C 373 -21.36 -16.56 4.75
C HIS C 373 -21.15 -17.77 5.66
N ASN C 374 -19.94 -17.90 6.20
CA ASN C 374 -19.67 -18.95 7.16
C ASN C 374 -20.09 -18.49 8.55
N LYS C 375 -19.90 -19.34 9.55
CA LYS C 375 -20.43 -19.10 10.90
C LYS C 375 -20.08 -17.74 11.49
N ASP C 376 -18.82 -17.31 11.34
CA ASP C 376 -18.38 -16.07 11.98
C ASP C 376 -18.21 -14.92 10.98
N GLY C 377 -18.59 -15.17 9.73
CA GLY C 377 -18.61 -14.12 8.73
C GLY C 377 -17.23 -13.66 8.26
N SER C 378 -16.24 -14.52 8.42
CA SER C 378 -14.89 -14.20 7.96
C SER C 378 -14.77 -14.58 6.49
N LEU C 379 -15.70 -15.40 6.02
CA LEU C 379 -15.74 -15.77 4.62
C LEU C 379 -17.07 -15.33 4.02
N HIS C 380 -17.02 -14.80 2.80
CA HIS C 380 -18.23 -14.28 2.17
C HIS C 380 -18.26 -14.65 0.70
N ILE C 381 -19.40 -15.18 0.25
CA ILE C 381 -19.57 -15.54 -1.16
C ILE C 381 -20.73 -14.76 -1.79
N VAL C 382 -20.47 -14.11 -2.92
CA VAL C 382 -21.50 -13.44 -3.69
C VAL C 382 -21.43 -13.85 -5.15
N LEU C 383 -22.46 -14.55 -5.62
CA LEU C 383 -22.51 -14.99 -7.01
C LEU C 383 -23.86 -14.65 -7.63
N PRO C 384 -23.90 -14.50 -8.96
CA PRO C 384 -25.16 -14.18 -9.63
C PRO C 384 -26.04 -15.40 -9.87
N SER C 385 -27.34 -15.24 -9.67
CA SER C 385 -28.31 -16.27 -9.98
C SER C 385 -29.12 -15.90 -11.22
N GLU C 386 -29.58 -16.91 -11.95
CA GLU C 386 -30.35 -16.70 -13.16
C GLU C 386 -31.57 -17.60 -13.23
N ASN C 387 -32.38 -17.40 -14.27
CA ASN C 387 -33.45 -18.33 -14.58
C ASN C 387 -32.84 -19.60 -15.16
N GLY C 388 -32.80 -20.65 -14.35
CA GLY C 388 -32.25 -21.92 -14.78
C GLY C 388 -31.08 -22.35 -13.92
N THR C 389 -30.21 -23.19 -14.47
CA THR C 389 -29.08 -23.74 -13.74
C THR C 389 -27.74 -23.35 -14.36
N LYS C 390 -26.92 -22.68 -13.57
CA LYS C 390 -25.60 -22.22 -13.99
C LYS C 390 -24.54 -22.55 -12.95
N ASP C 391 -23.30 -22.70 -13.42
CA ASP C 391 -22.16 -22.84 -12.53
C ASP C 391 -21.54 -21.47 -12.28
N GLN C 392 -21.40 -21.10 -11.02
CA GLN C 392 -20.73 -19.86 -10.63
C GLN C 392 -19.58 -20.14 -9.67
N CYS C 393 -18.49 -19.39 -9.84
CA CYS C 393 -17.29 -19.60 -9.04
C CYS C 393 -16.74 -18.30 -8.46
N GLN C 394 -16.03 -18.41 -7.34
CA GLN C 394 -15.24 -17.28 -6.87
C GLN C 394 -14.07 -17.74 -6.03
N ILE C 395 -13.13 -16.83 -5.79
CA ILE C 395 -11.94 -17.16 -5.05
C ILE C 395 -12.10 -16.89 -3.55
N LEU C 396 -11.67 -17.84 -2.74
CA LEU C 396 -11.60 -17.66 -1.30
C LEU C 396 -10.17 -17.94 -0.82
N HIS C 397 -9.84 -17.50 0.39
CA HIS C 397 -8.50 -17.73 0.93
C HIS C 397 -8.57 -18.49 2.24
N PHE C 398 -7.96 -19.66 2.26
CA PHE C 398 -7.91 -20.49 3.47
C PHE C 398 -6.48 -20.63 3.96
N THR C 399 -6.31 -21.14 5.18
CA THR C 399 -4.98 -21.37 5.74
C THR C 399 -4.76 -22.80 6.23
N VAL C 400 -5.57 -23.74 5.74
CA VAL C 400 -5.46 -25.14 6.14
C VAL C 400 -5.67 -26.05 4.94
N PRO C 401 -4.99 -27.19 4.93
CA PRO C 401 -5.08 -28.07 3.75
C PRO C 401 -6.43 -28.77 3.64
N GLU C 402 -7.08 -29.04 4.77
CA GLU C 402 -8.34 -29.75 4.74
C GLU C 402 -9.52 -28.84 5.10
N VAL C 403 -10.18 -28.30 4.09
CA VAL C 403 -11.25 -27.33 4.32
C VAL C 403 -12.60 -28.04 4.45
N GLU C 404 -13.33 -27.72 5.52
CA GLU C 404 -14.70 -28.15 5.65
C GLU C 404 -15.47 -27.08 6.41
N GLU C 405 -16.09 -26.19 5.64
CA GLU C 405 -16.70 -24.98 6.17
C GLU C 405 -18.20 -24.96 5.88
N GLU C 406 -19.04 -24.80 6.90
CA GLU C 406 -20.47 -24.66 6.66
C GLU C 406 -20.86 -23.22 6.36
N PHE C 407 -21.54 -23.03 5.24
CA PHE C 407 -22.04 -21.71 4.87
C PHE C 407 -23.57 -21.66 4.99
N MET C 408 -24.10 -20.46 5.20
CA MET C 408 -25.54 -20.23 5.07
C MET C 408 -25.75 -19.31 3.89
N TYR C 409 -26.60 -19.73 2.95
CA TYR C 409 -26.81 -18.98 1.73
C TYR C 409 -28.28 -18.64 1.49
N SER C 410 -28.52 -17.63 0.68
CA SER C 410 -29.88 -17.28 0.25
C SER C 410 -29.83 -16.26 -0.87
N CYS C 411 -30.94 -16.15 -1.60
CA CYS C 411 -31.11 -15.11 -2.59
C CYS C 411 -32.23 -14.18 -2.17
N ASP C 412 -33.06 -14.67 -1.26
CA ASP C 412 -34.28 -13.97 -0.86
C ASP C 412 -34.35 -13.80 0.65
N GLY C 413 -33.27 -14.19 1.34
CA GLY C 413 -33.18 -14.04 2.77
C GLY C 413 -33.45 -15.31 3.56
N ASP C 414 -34.04 -16.32 2.91
CA ASP C 414 -34.28 -17.59 3.59
C ASP C 414 -33.01 -18.45 3.54
N GLU C 415 -32.20 -18.37 4.59
CA GLU C 415 -30.88 -18.98 4.60
C GLU C 415 -30.93 -20.49 4.80
N ARG C 416 -30.13 -21.21 4.03
CA ARG C 416 -30.03 -22.67 4.14
C ARG C 416 -28.56 -23.10 4.18
N PRO C 417 -28.28 -24.29 4.73
CA PRO C 417 -26.88 -24.69 4.87
C PRO C 417 -26.25 -25.20 3.58
N LEU C 418 -24.94 -24.99 3.45
CA LEU C 418 -24.16 -25.48 2.33
C LEU C 418 -22.72 -25.72 2.78
N LEU C 419 -22.23 -26.94 2.59
CA LEU C 419 -20.91 -27.30 3.10
C LEU C 419 -19.86 -27.30 2.00
N VAL C 420 -18.87 -26.42 2.14
CA VAL C 420 -17.76 -26.42 1.18
C VAL C 420 -16.64 -27.30 1.76
N LYS C 421 -16.18 -28.23 0.94
CA LYS C 421 -15.24 -29.23 1.42
C LYS C 421 -14.22 -29.52 0.34
N GLY C 422 -12.97 -29.72 0.74
CA GLY C 422 -11.92 -30.01 -0.21
C GLY C 422 -10.51 -30.05 0.33
N THR C 423 -9.58 -30.38 -0.54
CA THR C 423 -8.18 -30.46 -0.18
C THR C 423 -7.36 -29.44 -0.95
N LEU C 424 -6.60 -28.64 -0.22
CA LEU C 424 -5.76 -27.62 -0.83
C LEU C 424 -4.29 -28.00 -0.68
N ILE C 425 -3.48 -27.60 -1.65
CA ILE C 425 -2.07 -27.96 -1.64
C ILE C 425 -1.22 -26.88 -0.98
N ALA C 426 -0.07 -27.26 -0.46
CA ALA C 426 0.86 -26.30 0.14
C ALA C 426 1.80 -25.72 -0.90
N ILE C 427 2.15 -24.45 -0.71
CA ILE C 427 3.17 -23.82 -1.54
C ILE C 427 4.37 -23.50 -0.66
N ASP C 428 5.42 -24.31 -0.79
CA ASP C 428 6.60 -24.18 0.04
C ASP C 428 7.33 -22.87 -0.28
N PRO C 429 8.00 -22.28 0.72
CA PRO C 429 8.77 -21.05 0.54
C PRO C 429 9.69 -21.11 -0.67
N PHE C 430 9.72 -20.05 -1.47
CA PHE C 430 10.48 -20.06 -2.72
C PHE C 430 11.50 -18.93 -2.82
N ASP C 431 12.37 -19.04 -3.80
CA ASP C 431 13.40 -18.04 -4.10
C ASP C 431 13.52 -17.93 -5.62
N ASP C 432 13.41 -16.72 -6.15
CA ASP C 432 13.39 -16.53 -7.59
C ASP C 432 14.78 -16.33 -8.18
N ARG C 433 15.79 -16.30 -7.32
CA ARG C 433 17.17 -16.25 -7.80
C ARG C 433 17.56 -17.53 -8.54
N ARG C 434 18.20 -17.36 -9.69
CA ARG C 434 18.75 -18.48 -10.44
C ARG C 434 20.21 -18.21 -10.76
N GLU C 435 21.07 -19.20 -10.52
CA GLU C 435 22.49 -19.06 -10.82
C GLU C 435 22.73 -19.17 -12.33
N ALA C 436 23.62 -18.36 -12.87
CA ALA C 436 23.96 -18.43 -14.29
C ALA C 436 25.46 -18.19 -14.52
N GLY C 437 25.95 -18.56 -15.69
CA GLY C 437 27.36 -18.37 -16.02
C GLY C 437 28.20 -19.59 -15.71
N GLY C 438 29.51 -19.45 -15.86
CA GLY C 438 30.40 -20.55 -15.60
C GLY C 438 31.86 -20.18 -15.79
N GLU C 439 32.61 -21.08 -16.42
CA GLU C 439 34.03 -20.85 -16.61
C GLU C 439 34.29 -19.88 -17.76
N SER C 440 35.39 -19.14 -17.65
CA SER C 440 35.79 -18.23 -18.70
C SER C 440 36.38 -19.01 -19.86
N THR C 441 36.43 -18.40 -21.03
CA THR C 441 37.24 -18.95 -22.10
C THR C 441 38.62 -18.33 -21.98
N VAL C 442 39.65 -19.18 -21.94
CA VAL C 442 41.01 -18.70 -21.66
C VAL C 442 41.78 -18.31 -22.91
N VAL C 443 42.20 -17.05 -22.96
CA VAL C 443 43.00 -16.51 -24.05
C VAL C 443 44.50 -16.48 -23.74
N ASN C 444 45.33 -16.72 -24.75
CA ASN C 444 46.78 -16.53 -24.59
C ASN C 444 47.48 -16.17 -25.89
C1 NAG D . -23.16 35.73 -13.56
C2 NAG D . -24.23 36.08 -12.52
C3 NAG D . -25.02 37.30 -12.98
C4 NAG D . -24.09 38.45 -13.31
C5 NAG D . -22.99 38.01 -14.28
C6 NAG D . -21.94 39.07 -14.50
C7 NAG D . -25.20 34.33 -11.10
C8 NAG D . -26.15 33.18 -11.03
N2 NAG D . -25.11 34.94 -12.28
O3 NAG D . -25.93 37.69 -11.96
O4 NAG D . -24.83 39.52 -13.91
O5 NAG D . -22.31 36.86 -13.76
O6 NAG D . -20.70 38.48 -14.87
O7 NAG D . -24.55 34.70 -10.12
C1 FUL D . -20.21 39.07 -16.09
C2 FUL D . -20.84 38.35 -17.32
O2 FUL D . -22.25 38.57 -17.44
C3 FUL D . -20.13 38.75 -18.63
O3 FUL D . -20.60 37.94 -19.70
C4 FUL D . -18.63 38.53 -18.49
O4 FUL D . -18.36 37.14 -18.28
C5 FUL D . -18.10 39.36 -17.32
C6 FUL D . -16.62 39.15 -17.05
O5 FUL D . -18.79 39.03 -16.08
C1 NAG E . 35.66 -0.77 20.14
C2 NAG E . 36.21 0.10 21.28
C3 NAG E . 36.39 -0.75 22.54
C4 NAG E . 35.07 -1.41 22.91
C5 NAG E . 34.55 -2.23 21.73
C6 NAG E . 33.18 -2.82 21.99
C7 NAG E . 37.75 2.00 21.13
C8 NAG E . 39.10 2.48 20.67
N2 NAG E . 37.47 0.71 20.89
O3 NAG E . 36.84 0.08 23.60
O4 NAG E . 35.24 -2.26 24.04
O5 NAG E . 34.42 -1.39 20.57
O6 NAG E . 32.88 -3.85 21.05
O7 NAG E . 36.95 2.75 21.69
C1 NAG F . -1.41 25.83 -20.51
C2 NAG F . -0.14 26.69 -20.31
C3 NAG F . -0.12 27.30 -18.91
C4 NAG F . -1.43 28.01 -18.58
C5 NAG F . -2.59 27.05 -18.81
C6 NAG F . -3.94 27.68 -18.57
C7 NAG F . 1.72 25.87 -21.69
C8 NAG F . 2.94 25.00 -21.73
N2 NAG F . 1.06 25.90 -20.53
O3 NAG F . 0.96 28.24 -18.81
O4 NAG F . -1.42 28.43 -17.23
O5 NAG F . -2.56 26.61 -20.18
O6 NAG F . -4.00 29.02 -19.05
O7 NAG F . 1.34 26.50 -22.67
C1 NAG G . 27.80 -29.86 -4.72
C2 NAG G . 26.79 -30.86 -5.26
C3 NAG G . 27.16 -31.28 -6.67
C4 NAG G . 27.29 -30.05 -7.56
C5 NAG G . 28.26 -29.04 -6.95
C6 NAG G . 28.31 -27.74 -7.72
C7 NAG G . 27.58 -32.76 -3.89
C8 NAG G . 27.15 -33.90 -3.01
N2 NAG G . 26.60 -32.01 -4.39
O3 NAG G . 26.17 -32.16 -7.19
O4 NAG G . 27.72 -30.41 -8.86
O5 NAG G . 27.89 -28.72 -5.60
O6 NAG G . 28.26 -26.61 -6.84
O7 NAG G . 28.77 -32.55 -4.12
C1 NAG H . -5.31 7.15 31.75
C2 NAG H . -4.53 6.21 32.69
C3 NAG H . -5.15 4.80 32.68
C4 NAG H . -6.64 4.87 32.97
C5 NAG H . -7.32 5.83 32.00
C6 NAG H . -8.79 6.02 32.29
C7 NAG H . -2.17 6.80 32.99
C8 NAG H . -0.77 6.62 32.46
N2 NAG H . -3.13 6.14 32.33
O3 NAG H . -4.51 3.99 33.66
O4 NAG H . -7.22 3.58 32.85
O5 NAG H . -6.71 7.13 32.11
O6 NAG H . -9.02 6.32 33.66
O7 NAG H . -2.42 7.52 33.95
C1 NAG I . -30.30 5.98 33.28
C2 NAG I . -31.59 5.20 33.50
C3 NAG I . -32.28 5.69 34.77
C4 NAG I . -31.33 5.61 35.96
C5 NAG I . -30.02 6.33 35.64
C6 NAG I . -28.97 6.14 36.72
C7 NAG I . -32.67 4.34 31.47
C8 NAG I . -33.61 4.63 30.34
N2 NAG I . -32.48 5.32 32.35
O3 NAG I . -33.44 4.89 35.02
O4 NAG I . -31.92 6.19 37.10
O5 NAG I . -29.45 5.82 34.42
O6 NAG I . -28.80 7.32 37.50
O7 NAG I . -32.10 3.25 31.57
O1 MES J . 49.43 -23.52 13.28
C2 MES J . 48.99 -24.82 12.89
C3 MES J . 50.17 -25.72 12.55
N4 MES J . 50.81 -25.10 11.40
C5 MES J . 50.70 -23.66 11.19
C6 MES J . 50.58 -23.03 12.57
C7 MES J . 51.28 -25.94 10.32
C8 MES J . 50.15 -26.91 10.02
S MES J . 50.73 -28.12 9.05
O1S MES J . 49.92 -29.35 9.23
O2S MES J . 50.64 -27.68 7.64
O3S MES J . 52.15 -28.39 9.40
C1 NAG K . 35.96 5.21 -16.54
C2 NAG K . 36.12 6.07 -17.80
C3 NAG K . 36.39 7.52 -17.42
C4 NAG K . 35.31 8.03 -16.47
C5 NAG K . 35.17 7.10 -15.27
C6 NAG K . 34.03 7.49 -14.35
C7 NAG K . 37.12 5.49 -19.97
C8 NAG K . 38.31 4.91 -20.67
N2 NAG K . 37.19 5.55 -18.64
O3 NAG K . 36.41 8.33 -18.60
O4 NAG K . 35.64 9.35 -16.02
O5 NAG K . 34.91 5.76 -15.73
O6 NAG K . 33.73 6.45 -13.42
O7 NAG K . 36.15 5.91 -20.59
C1 NAG L . -15.18 -27.69 -10.70
C2 NAG L . -14.40 -28.40 -11.82
C3 NAG L . -14.34 -27.54 -13.09
C4 NAG L . -15.70 -26.97 -13.45
C5 NAG L . -16.32 -26.30 -12.25
C6 NAG L . -17.72 -25.76 -12.52
C7 NAG L . -12.74 -29.84 -10.71
C8 NAG L . -11.30 -29.99 -10.33
N2 NAG L . -13.05 -28.72 -11.37
O3 NAG L . -13.87 -28.35 -14.16
O4 NAG L . -15.54 -26.00 -14.49
O5 NAG L . -16.44 -27.25 -11.20
O6 NAG L . -18.67 -26.80 -12.57
O7 NAG L . -13.59 -30.68 -10.41
C1 NAG M . -37.60 -19.03 -16.79
C2 NAG M . -38.77 -18.10 -17.13
C3 NAG M . -39.86 -18.85 -17.90
C4 NAG M . -39.25 -19.58 -19.10
C5 NAG M . -38.10 -20.46 -18.65
C6 NAG M . -37.41 -21.16 -19.79
C7 NAG M . -39.19 -16.25 -15.54
C8 NAG M . -39.85 -15.86 -14.25
N2 NAG M . -39.34 -17.53 -15.90
O3 NAG M . -40.85 -17.94 -18.34
O4 NAG M . -40.25 -20.39 -19.71
O5 NAG M . -37.12 -19.64 -17.99
O6 NAG M . -36.43 -22.08 -19.31
O7 NAG M . -38.57 -15.45 -16.23
O1 MES N . 51.38 -20.63 -17.00
C2 MES N . 52.71 -20.17 -17.29
C3 MES N . 52.75 -18.65 -17.30
N4 MES N . 51.70 -18.19 -18.20
C5 MES N . 50.34 -18.65 -17.98
C6 MES N . 50.42 -20.17 -17.96
C7 MES N . 51.86 -16.93 -18.91
C8 MES N . 53.19 -16.31 -18.47
S MES N . 53.38 -14.81 -19.17
O1S MES N . 52.41 -14.67 -20.29
O2S MES N . 53.16 -13.77 -18.16
O3S MES N . 54.76 -14.67 -19.70
#